data_6N7E
#
_entry.id   6N7E
#
_cell.length_a   290.582
_cell.length_b   111.139
_cell.length_c   103.519
_cell.angle_alpha   90.00
_cell.angle_beta   101.01
_cell.angle_gamma   90.00
#
_symmetry.space_group_name_H-M   'C 1 2 1'
#
loop_
_entity.id
_entity.type
_entity.pdbx_description
1 polymer 'Metal transporter CNNM2,Metal transporter CNNM2'
2 non-polymer 'PHOSPHOAMINOPHOSPHONIC ACID-ADENYLATE ESTER'
3 non-polymer 'MAGNESIUM ION'
4 water water
#
_entity_poly.entity_id   1
_entity_poly.type   'polypeptide(L)'
_entity_poly.pdbx_seq_one_letter_code
;MKEELNIIQGALELRTKTVEDVMTPLRDCFMITGEAILDFNTMSEIMESGYTRIPVFEGERSNIVDLLFVKDLAFVDPDD
CTPLKTITKFYNHPLHFVFNDTKLDAMLEEFKKGKSHLAIVQRVNNEGEGDPFYEVLGIVTLEDVIEEIIKSEILDETDL
YTDNRTKKKVAHRERKQDFSAFKQTDSEMKVKISPQLLLAMHRFLATEVEAFSPSQMSEKILLRLLKHPNVIQELKYDEK
NKKAPEYYLYQRNKPVDYFVLILQGKVEVEAGKEGMKFEASAFSYYGVMALTASPVIDAVTPTLGSSNNQLNSSLLQVYI
PDYSVRALSDLQFVKISRQQYQNALMLEHHHHHH
;
_entity_poly.pdbx_strand_id   A,B,C,D
#
loop_
_chem_comp.id
_chem_comp.type
_chem_comp.name
_chem_comp.formula
ANP non-polymer 'PHOSPHOAMINOPHOSPHONIC ACID-ADENYLATE ESTER' 'C10 H17 N6 O12 P3'
MG non-polymer 'MAGNESIUM ION' 'Mg 2'
#
# COMPACT_ATOMS: atom_id res chain seq x y z
N GLU A 4 -35.19 0.22 -41.55
CA GLU A 4 -33.98 1.03 -41.72
C GLU A 4 -34.25 2.22 -42.64
N LEU A 5 -35.45 2.26 -43.21
CA LEU A 5 -35.85 3.40 -44.03
C LEU A 5 -36.40 4.55 -43.21
N ASN A 6 -36.86 4.28 -41.99
CA ASN A 6 -37.39 5.34 -41.13
C ASN A 6 -36.32 6.36 -40.79
N ILE A 7 -35.09 5.88 -40.53
CA ILE A 7 -34.00 6.80 -40.20
C ILE A 7 -33.69 7.70 -41.38
N ILE A 8 -33.63 7.14 -42.59
CA ILE A 8 -33.36 7.94 -43.78
C ILE A 8 -34.48 8.96 -43.99
N GLN A 9 -35.73 8.52 -43.81
CA GLN A 9 -36.86 9.43 -43.95
C GLN A 9 -36.72 10.60 -42.98
N GLY A 10 -36.55 10.30 -41.69
CA GLY A 10 -36.39 11.37 -40.71
C GLY A 10 -35.22 12.28 -41.04
N ALA A 11 -34.14 11.71 -41.57
CA ALA A 11 -32.99 12.52 -41.95
C ALA A 11 -33.36 13.51 -43.05
N LEU A 12 -34.05 13.04 -44.08
CA LEU A 12 -34.46 13.92 -45.17
C LEU A 12 -35.52 14.93 -44.73
N GLU A 13 -36.15 14.72 -43.58
CA GLU A 13 -37.22 15.58 -43.11
C GLU A 13 -36.81 16.52 -41.98
N LEU A 14 -35.53 16.48 -41.55
CA LEU A 14 -35.12 17.29 -40.42
C LEU A 14 -34.98 18.76 -40.80
N ARG A 15 -34.65 19.06 -42.07
CA ARG A 15 -34.52 20.44 -42.50
C ARG A 15 -35.85 21.18 -42.51
N THR A 16 -36.97 20.46 -42.57
CA THR A 16 -38.29 21.08 -42.56
C THR A 16 -38.86 21.20 -41.15
N LYS A 17 -38.61 20.21 -40.30
CA LYS A 17 -39.20 20.19 -38.97
C LYS A 17 -38.53 21.20 -38.06
N THR A 18 -39.31 21.84 -37.21
CA THR A 18 -38.84 22.82 -36.25
C THR A 18 -38.90 22.25 -34.84
N VAL A 19 -38.42 23.02 -33.87
CA VAL A 19 -38.41 22.56 -32.48
C VAL A 19 -39.83 22.36 -31.98
N GLU A 20 -40.76 23.22 -32.42
CA GLU A 20 -42.13 23.10 -31.96
C GLU A 20 -42.77 21.78 -32.35
N ASP A 21 -42.26 21.12 -33.39
CA ASP A 21 -42.82 19.84 -33.80
C ASP A 21 -42.53 18.75 -32.78
N VAL A 22 -41.42 18.86 -32.04
CA VAL A 22 -41.05 17.92 -31.00
C VAL A 22 -41.01 18.57 -29.63
N MET A 23 -41.57 19.76 -29.49
CA MET A 23 -41.53 20.50 -28.24
C MET A 23 -42.39 19.82 -27.18
N THR A 24 -41.97 19.97 -25.92
CA THR A 24 -42.75 19.49 -24.78
C THR A 24 -43.43 20.69 -24.14
N PRO A 25 -44.77 20.80 -24.19
CA PRO A 25 -45.42 22.01 -23.69
C PRO A 25 -45.04 22.31 -22.25
N LEU A 26 -44.98 23.62 -21.94
CA LEU A 26 -44.61 24.04 -20.59
C LEU A 26 -45.53 23.41 -19.55
N ARG A 27 -46.79 23.11 -19.91
CA ARG A 27 -47.71 22.48 -18.99
C ARG A 27 -47.28 21.06 -18.61
N ASP A 28 -46.48 20.41 -19.45
CA ASP A 28 -46.02 19.05 -19.21
C ASP A 28 -44.58 18.99 -18.71
N CYS A 29 -43.99 20.14 -18.39
CA CYS A 29 -42.62 20.16 -17.90
C CYS A 29 -42.58 19.88 -16.40
N PHE A 30 -41.48 19.27 -15.96
CA PHE A 30 -41.24 18.99 -14.55
C PHE A 30 -40.31 20.07 -14.01
N MET A 31 -40.85 20.96 -13.18
CA MET A 31 -40.13 22.12 -12.69
C MET A 31 -39.87 21.99 -11.19
N ILE A 32 -39.03 22.88 -10.68
CA ILE A 32 -38.80 23.01 -9.24
C ILE A 32 -38.55 24.47 -8.93
N THR A 33 -39.27 25.00 -7.94
CA THR A 33 -39.12 26.41 -7.59
C THR A 33 -37.74 26.67 -7.00
N GLY A 34 -37.16 27.82 -7.34
CA GLY A 34 -35.88 28.18 -6.79
C GLY A 34 -35.92 28.38 -5.29
N GLU A 35 -37.07 28.80 -4.76
CA GLU A 35 -37.26 28.91 -3.32
C GLU A 35 -37.69 27.57 -2.74
N ALA A 36 -36.84 26.57 -2.96
CA ALA A 36 -37.09 25.21 -2.53
C ALA A 36 -35.92 24.68 -1.73
N ILE A 37 -36.23 23.84 -0.76
CA ILE A 37 -35.22 23.18 0.07
C ILE A 37 -35.13 21.72 -0.34
N LEU A 38 -33.93 21.17 -0.24
CA LEU A 38 -33.67 19.78 -0.62
C LEU A 38 -33.79 18.86 0.60
N ASP A 39 -34.97 18.91 1.24
CA ASP A 39 -35.31 17.92 2.23
C ASP A 39 -35.67 16.61 1.54
N PHE A 40 -35.82 15.54 2.34
CA PHE A 40 -36.02 14.23 1.76
C PHE A 40 -37.22 14.19 0.82
N ASN A 41 -38.28 14.93 1.15
CA ASN A 41 -39.49 14.87 0.32
C ASN A 41 -39.25 15.46 -1.05
N THR A 42 -38.60 16.63 -1.13
CA THR A 42 -38.33 17.24 -2.42
C THR A 42 -37.38 16.37 -3.25
N MET A 43 -36.36 15.80 -2.63
CA MET A 43 -35.45 14.93 -3.37
C MET A 43 -36.15 13.68 -3.86
N SER A 44 -37.04 13.11 -3.04
CA SER A 44 -37.81 11.96 -3.49
C SER A 44 -38.68 12.32 -4.68
N GLU A 45 -39.33 13.49 -4.64
CA GLU A 45 -40.15 13.92 -5.77
C GLU A 45 -39.28 14.13 -7.00
N ILE A 46 -38.07 14.67 -6.82
CA ILE A 46 -37.15 14.87 -7.94
C ILE A 46 -36.80 13.53 -8.57
N MET A 47 -36.47 12.54 -7.75
CA MET A 47 -35.97 11.27 -8.26
C MET A 47 -37.09 10.43 -8.88
N GLU A 48 -38.30 10.49 -8.30
CA GLU A 48 -39.40 9.68 -8.81
C GLU A 48 -39.75 10.04 -10.25
N SER A 49 -39.41 11.25 -10.69
CA SER A 49 -39.67 11.64 -12.08
C SER A 49 -38.61 11.09 -13.04
N GLY A 50 -37.43 10.75 -12.54
CA GLY A 50 -36.40 10.18 -13.40
C GLY A 50 -35.91 11.12 -14.47
N TYR A 51 -35.93 12.42 -14.21
CA TYR A 51 -35.45 13.42 -15.16
C TYR A 51 -34.08 13.90 -14.73
N THR A 52 -33.10 13.80 -15.64
CA THR A 52 -31.74 14.19 -15.31
C THR A 52 -31.62 15.70 -15.15
N ARG A 53 -32.31 16.47 -15.99
CA ARG A 53 -32.20 17.92 -16.03
C ARG A 53 -33.56 18.52 -15.73
N ILE A 54 -33.60 19.37 -14.70
CA ILE A 54 -34.84 20.00 -14.23
C ILE A 54 -34.61 21.50 -14.22
N PRO A 55 -35.47 22.30 -14.82
CA PRO A 55 -35.30 23.76 -14.74
C PRO A 55 -35.80 24.32 -13.41
N VAL A 56 -35.03 25.28 -12.89
CA VAL A 56 -35.35 25.96 -11.63
C VAL A 56 -35.93 27.32 -11.97
N PHE A 57 -37.17 27.56 -11.53
CA PHE A 57 -37.92 28.77 -11.84
C PHE A 57 -38.13 29.59 -10.57
N GLU A 58 -38.00 30.90 -10.69
CA GLU A 58 -38.26 31.84 -9.61
C GLU A 58 -39.58 32.55 -9.88
N GLY A 59 -40.49 32.52 -8.92
CA GLY A 59 -41.78 33.16 -9.08
C GLY A 59 -42.72 32.38 -9.97
N GLU A 60 -42.93 32.87 -11.18
CA GLU A 60 -43.79 32.20 -12.14
C GLU A 60 -43.03 31.09 -12.86
N ARG A 61 -43.77 30.09 -13.32
CA ARG A 61 -43.14 28.96 -13.99
C ARG A 61 -42.46 29.40 -15.28
N SER A 62 -43.03 30.37 -15.99
CA SER A 62 -42.42 30.85 -17.22
C SER A 62 -41.04 31.46 -16.98
N ASN A 63 -40.77 31.94 -15.76
CA ASN A 63 -39.49 32.55 -15.42
C ASN A 63 -38.54 31.44 -14.97
N ILE A 64 -37.80 30.88 -15.92
CA ILE A 64 -36.82 29.84 -15.64
C ILE A 64 -35.48 30.50 -15.41
N VAL A 65 -34.92 30.32 -14.21
CA VAL A 65 -33.76 31.07 -13.79
C VAL A 65 -32.48 30.23 -13.71
N ASP A 66 -32.59 28.92 -13.55
CA ASP A 66 -31.38 28.10 -13.42
C ASP A 66 -31.69 26.67 -13.85
N LEU A 67 -30.70 25.80 -13.69
CA LEU A 67 -30.85 24.37 -14.00
C LEU A 67 -30.40 23.54 -12.81
N LEU A 68 -30.89 22.30 -12.76
CA LEU A 68 -30.57 21.37 -11.69
C LEU A 68 -30.38 19.99 -12.30
N PHE A 69 -29.20 19.41 -12.11
CA PHE A 69 -28.91 18.08 -12.61
C PHE A 69 -28.97 17.08 -11.46
N VAL A 70 -29.57 15.92 -11.72
CA VAL A 70 -29.60 14.87 -10.70
C VAL A 70 -28.18 14.54 -10.26
N LYS A 71 -27.21 14.63 -11.17
CA LYS A 71 -25.81 14.43 -10.80
C LYS A 71 -25.35 15.43 -9.76
N ASP A 72 -26.05 16.57 -9.61
CA ASP A 72 -25.71 17.53 -8.57
C ASP A 72 -26.04 17.01 -7.18
N LEU A 73 -26.94 16.04 -7.07
CA LEU A 73 -27.41 15.53 -5.79
C LEU A 73 -26.51 14.42 -5.23
N ALA A 74 -25.24 14.39 -5.62
CA ALA A 74 -24.36 13.33 -5.16
C ALA A 74 -24.00 13.53 -3.68
N PHE A 75 -23.43 14.69 -3.35
CA PHE A 75 -22.98 14.98 -1.99
C PHE A 75 -24.08 15.58 -1.13
N VAL A 76 -25.34 15.44 -1.52
CA VAL A 76 -26.45 15.97 -0.74
C VAL A 76 -26.89 14.93 0.28
N ASP A 77 -27.06 15.37 1.52
CA ASP A 77 -27.60 14.53 2.58
C ASP A 77 -29.01 15.00 2.90
N PRO A 78 -30.06 14.23 2.59
CA PRO A 78 -31.43 14.69 2.88
C PRO A 78 -31.63 15.09 4.33
N ASP A 79 -30.78 14.57 5.23
CA ASP A 79 -30.85 14.97 6.63
C ASP A 79 -30.50 16.45 6.80
N ASP A 80 -29.52 16.94 6.04
CA ASP A 80 -29.10 18.33 6.17
C ASP A 80 -30.22 19.29 5.77
N CYS A 81 -31.13 18.85 4.91
CA CYS A 81 -32.19 19.72 4.38
C CYS A 81 -31.60 21.00 3.81
N THR A 82 -30.56 20.83 3.00
CA THR A 82 -29.87 21.97 2.42
C THR A 82 -30.80 22.73 1.47
N PRO A 83 -30.62 24.04 1.32
CA PRO A 83 -31.47 24.79 0.39
C PRO A 83 -30.95 24.71 -1.03
N LEU A 84 -31.89 24.65 -1.98
CA LEU A 84 -31.52 24.49 -3.38
C LEU A 84 -30.61 25.61 -3.86
N LYS A 85 -30.77 26.81 -3.31
CA LYS A 85 -29.98 27.96 -3.76
C LYS A 85 -28.49 27.68 -3.60
N THR A 86 -28.08 27.09 -2.48
CA THR A 86 -26.67 26.80 -2.27
C THR A 86 -26.14 25.84 -3.33
N ILE A 87 -26.92 24.81 -3.67
CA ILE A 87 -26.48 23.84 -4.67
C ILE A 87 -26.36 24.52 -6.03
N THR A 88 -27.38 25.29 -6.42
CA THR A 88 -27.33 25.98 -7.71
C THR A 88 -26.14 26.94 -7.77
N LYS A 89 -25.83 27.60 -6.65
CA LYS A 89 -24.69 28.52 -6.63
C LYS A 89 -23.39 27.76 -6.79
N PHE A 90 -23.24 26.63 -6.08
CA PHE A 90 -22.01 25.85 -6.22
C PHE A 90 -21.83 25.35 -7.65
N TYR A 91 -22.91 24.87 -8.27
CA TYR A 91 -22.81 24.35 -9.62
C TYR A 91 -23.03 25.42 -10.68
N ASN A 92 -24.12 26.18 -10.57
CA ASN A 92 -24.41 27.29 -11.49
C ASN A 92 -24.37 26.81 -12.94
N HIS A 93 -25.30 25.91 -13.26
CA HIS A 93 -25.34 25.33 -14.59
C HIS A 93 -25.61 26.42 -15.63
N PRO A 94 -25.12 26.23 -16.85
CA PRO A 94 -25.37 27.24 -17.90
C PRO A 94 -26.70 27.03 -18.59
N LEU A 95 -27.42 28.12 -18.78
CA LEU A 95 -28.71 28.08 -19.47
C LEU A 95 -28.47 27.99 -20.98
N HIS A 96 -29.25 27.12 -21.63
CA HIS A 96 -29.19 26.93 -23.08
C HIS A 96 -30.53 27.39 -23.65
N PHE A 97 -30.53 28.56 -24.29
CA PHE A 97 -31.75 29.16 -24.80
C PHE A 97 -31.86 28.96 -26.31
N VAL A 98 -33.11 28.84 -26.77
CA VAL A 98 -33.40 28.65 -28.19
C VAL A 98 -34.78 29.22 -28.46
N PHE A 99 -35.07 29.47 -29.74
CA PHE A 99 -36.32 30.07 -30.17
C PHE A 99 -37.20 29.01 -30.85
N ASN A 100 -38.50 29.30 -30.90
CA ASN A 100 -39.44 28.36 -31.50
C ASN A 100 -39.26 28.25 -33.00
N ASP A 101 -38.80 29.32 -33.65
CA ASP A 101 -38.57 29.31 -35.10
C ASP A 101 -37.13 28.90 -35.38
N THR A 102 -36.85 27.63 -35.11
CA THR A 102 -35.52 27.07 -35.31
C THR A 102 -35.65 25.70 -35.95
N LYS A 103 -34.69 25.38 -36.81
CA LYS A 103 -34.65 24.08 -37.47
C LYS A 103 -33.85 23.08 -36.62
N LEU A 104 -34.29 21.82 -36.65
CA LEU A 104 -33.65 20.80 -35.85
C LEU A 104 -32.16 20.66 -36.18
N ASP A 105 -31.77 21.01 -37.40
CA ASP A 105 -30.36 20.99 -37.76
C ASP A 105 -29.55 21.93 -36.87
N ALA A 106 -30.00 23.18 -36.75
CA ALA A 106 -29.33 24.13 -35.88
C ALA A 106 -29.40 23.69 -34.42
N MET A 107 -30.52 23.10 -34.03
CA MET A 107 -30.67 22.61 -32.66
C MET A 107 -29.59 21.58 -32.34
N LEU A 108 -29.42 20.59 -33.22
CA LEU A 108 -28.39 19.59 -33.01
C LEU A 108 -27.00 20.19 -33.07
N GLU A 109 -26.77 21.13 -34.00
CA GLU A 109 -25.49 21.80 -34.08
C GLU A 109 -25.15 22.48 -32.77
N GLU A 110 -26.16 23.04 -32.10
CA GLU A 110 -25.92 23.69 -30.81
C GLU A 110 -25.68 22.66 -29.70
N PHE A 111 -26.52 21.62 -29.65
CA PHE A 111 -26.38 20.62 -28.60
C PHE A 111 -25.02 19.93 -28.67
N LYS A 112 -24.50 19.71 -29.87
CA LYS A 112 -23.24 18.98 -30.03
C LYS A 112 -22.16 19.55 -29.13
N LYS A 113 -21.92 20.86 -29.22
CA LYS A 113 -20.98 21.54 -28.34
C LYS A 113 -21.68 22.40 -27.29
N GLY A 114 -22.99 22.21 -27.10
CA GLY A 114 -23.74 23.02 -26.17
C GLY A 114 -23.46 22.64 -24.72
N LYS A 115 -23.55 23.63 -23.85
CA LYS A 115 -23.34 23.43 -22.42
C LYS A 115 -24.49 22.73 -21.74
N SER A 116 -25.57 22.43 -22.46
CA SER A 116 -26.72 21.75 -21.87
C SER A 116 -27.54 21.12 -22.98
N HIS A 117 -27.86 19.84 -22.82
CA HIS A 117 -28.70 19.13 -23.78
C HIS A 117 -30.18 19.45 -23.62
N LEU A 118 -30.54 20.36 -22.72
CA LEU A 118 -31.91 20.78 -22.49
C LEU A 118 -32.00 22.27 -22.79
N ALA A 119 -32.95 22.66 -23.64
CA ALA A 119 -33.06 24.04 -24.09
C ALA A 119 -34.50 24.51 -24.04
N ILE A 120 -34.68 25.77 -23.68
CA ILE A 120 -36.02 26.36 -23.52
C ILE A 120 -36.44 26.96 -24.86
N VAL A 121 -37.68 26.66 -25.27
CA VAL A 121 -38.21 27.11 -26.55
C VAL A 121 -39.05 28.36 -26.32
N GLN A 122 -38.66 29.45 -26.97
CA GLN A 122 -39.37 30.72 -26.84
C GLN A 122 -39.46 31.42 -28.19
N TYR A 134 -41.06 37.12 -25.92
CA TYR A 134 -40.36 35.94 -25.42
C TYR A 134 -41.32 35.02 -24.66
N GLU A 135 -42.38 34.58 -25.34
CA GLU A 135 -43.37 33.71 -24.74
C GLU A 135 -42.81 32.28 -24.70
N VAL A 136 -42.43 31.83 -23.51
CA VAL A 136 -41.89 30.48 -23.35
C VAL A 136 -43.02 29.47 -23.52
N LEU A 137 -42.83 28.53 -24.45
CA LEU A 137 -43.82 27.50 -24.72
C LEU A 137 -43.47 26.15 -24.12
N GLY A 138 -42.18 25.81 -24.04
CA GLY A 138 -41.78 24.53 -23.51
C GLY A 138 -40.28 24.28 -23.58
N ILE A 139 -39.88 23.01 -23.70
CA ILE A 139 -38.47 22.64 -23.66
C ILE A 139 -38.24 21.52 -24.66
N VAL A 140 -37.02 21.48 -25.21
CA VAL A 140 -36.59 20.45 -26.14
C VAL A 140 -35.22 19.96 -25.73
N THR A 141 -35.00 18.65 -25.83
CA THR A 141 -33.73 18.03 -25.48
C THR A 141 -33.16 17.28 -26.68
N LEU A 142 -31.84 17.09 -26.64
CA LEU A 142 -31.16 16.35 -27.70
C LEU A 142 -31.87 15.05 -28.04
N GLU A 143 -32.32 14.34 -27.02
CA GLU A 143 -32.98 13.05 -27.25
C GLU A 143 -34.25 13.21 -28.06
N ASP A 144 -34.98 14.32 -27.91
CA ASP A 144 -36.15 14.56 -28.74
C ASP A 144 -35.74 14.69 -30.20
N VAL A 145 -34.73 15.50 -30.49
CA VAL A 145 -34.25 15.67 -31.86
C VAL A 145 -33.88 14.32 -32.45
N ILE A 146 -33.13 13.51 -31.69
CA ILE A 146 -32.61 12.27 -32.26
C ILE A 146 -33.70 11.21 -32.38
N GLU A 147 -34.69 11.22 -31.49
CA GLU A 147 -35.82 10.31 -31.63
C GLU A 147 -36.69 10.69 -32.82
N GLU A 148 -36.76 11.99 -33.14
CA GLU A 148 -37.48 12.42 -34.33
C GLU A 148 -36.72 12.02 -35.59
N ILE A 149 -35.39 12.17 -35.58
CA ILE A 149 -34.59 11.79 -36.74
C ILE A 149 -34.68 10.29 -36.98
N ILE A 150 -34.40 9.49 -35.94
CA ILE A 150 -34.37 8.05 -36.08
C ILE A 150 -35.73 7.48 -36.43
N LYS A 151 -36.80 8.24 -36.22
CA LYS A 151 -38.18 7.81 -36.47
C LYS A 151 -38.64 6.73 -35.49
N SER A 152 -37.86 6.46 -34.44
CA SER A 152 -38.24 5.51 -33.41
C SER A 152 -37.86 6.09 -32.06
N GLU A 153 -38.78 5.98 -31.09
CA GLU A 153 -38.58 6.62 -29.81
C GLU A 153 -37.56 5.85 -28.96
N ILE A 154 -37.00 6.55 -27.98
CA ILE A 154 -35.92 6.04 -27.14
C ILE A 154 -36.37 6.09 -25.69
N LEU A 155 -35.64 5.37 -24.84
CA LEU A 155 -35.82 5.48 -23.40
C LEU A 155 -34.77 4.71 -22.62
N ASP A 156 -34.19 5.35 -21.61
CA ASP A 156 -33.57 4.63 -20.50
C ASP A 156 -34.65 4.46 -19.43
N GLU A 157 -34.94 3.21 -19.07
CA GLU A 157 -36.17 2.93 -18.33
C GLU A 157 -36.32 3.77 -17.07
N THR A 158 -35.23 4.37 -16.56
CA THR A 158 -35.36 5.32 -15.46
C THR A 158 -36.33 6.44 -15.85
N ASP A 159 -36.23 6.92 -17.09
CA ASP A 159 -37.20 7.88 -17.60
C ASP A 159 -38.58 7.24 -17.61
N LEU A 160 -39.60 8.03 -17.25
CA LEU A 160 -40.88 7.45 -16.87
C LEU A 160 -41.68 6.96 -18.08
N TYR A 161 -41.86 7.81 -19.09
CA TYR A 161 -42.64 7.42 -20.27
C TYR A 161 -42.12 8.17 -21.49
N THR A 162 -42.58 7.70 -22.66
CA THR A 162 -42.01 8.10 -23.94
C THR A 162 -42.90 9.11 -24.68
N ASP A 163 -43.15 10.23 -24.01
CA ASP A 163 -43.73 11.42 -24.64
C ASP A 163 -45.00 11.08 -25.42
N ASN A 164 -45.87 10.25 -24.81
CA ASN A 164 -47.17 9.96 -25.41
C ASN A 164 -48.24 9.79 -24.33
N ARG A 165 -48.00 10.26 -23.12
CA ARG A 165 -48.95 10.13 -22.01
C ARG A 165 -49.33 8.66 -21.79
N THR A 166 -48.32 7.79 -21.86
CA THR A 166 -48.55 6.35 -21.66
C THR A 166 -47.28 5.74 -21.11
N LYS A 167 -47.44 4.85 -20.13
CA LYS A 167 -46.31 4.18 -19.51
C LYS A 167 -46.61 2.70 -19.25
N PHE A 179 -38.77 -0.35 -10.08
CA PHE A 179 -38.82 0.97 -9.49
C PHE A 179 -39.50 0.93 -8.12
N SER A 180 -39.01 1.75 -7.20
CA SER A 180 -39.53 1.81 -5.83
C SER A 180 -39.93 3.23 -5.51
N ALA A 181 -41.20 3.43 -5.19
CA ALA A 181 -41.65 4.75 -4.78
C ALA A 181 -41.01 5.11 -3.45
N PHE A 182 -40.53 6.35 -3.34
CA PHE A 182 -39.93 6.83 -2.11
C PHE A 182 -41.09 7.25 -1.19
N LYS A 183 -41.63 6.27 -0.49
CA LYS A 183 -42.69 6.51 0.48
C LYS A 183 -42.19 6.02 1.85
N GLN A 184 -41.09 6.62 2.30
CA GLN A 184 -40.46 6.27 3.56
C GLN A 184 -40.38 7.54 4.40
N THR A 185 -41.53 8.09 4.75
CA THR A 185 -41.65 9.36 5.43
C THR A 185 -42.34 9.16 6.76
N ASP A 186 -41.87 9.85 7.80
CA ASP A 186 -42.49 9.74 9.11
C ASP A 186 -43.47 10.89 9.31
N SER A 187 -44.71 10.55 9.66
CA SER A 187 -45.80 11.51 9.81
C SER A 187 -46.37 11.41 11.22
N GLU A 188 -45.57 11.82 12.20
CA GLU A 188 -46.04 11.85 13.58
C GLU A 188 -46.49 10.47 14.07
N MET A 189 -45.53 9.60 14.34
CA MET A 189 -45.76 8.23 14.84
C MET A 189 -45.12 8.14 16.21
N LYS A 190 -45.20 6.95 16.82
CA LYS A 190 -44.67 6.77 18.17
C LYS A 190 -43.26 7.31 18.31
N VAL A 191 -42.36 6.94 17.39
CA VAL A 191 -40.97 7.34 17.46
C VAL A 191 -40.62 8.07 16.17
N LYS A 192 -39.69 9.01 16.26
CA LYS A 192 -39.28 9.84 15.13
C LYS A 192 -37.89 9.42 14.65
N ILE A 193 -37.77 9.16 13.35
CA ILE A 193 -36.49 8.91 12.71
C ILE A 193 -36.49 9.56 11.33
N SER A 194 -35.32 10.04 10.91
CA SER A 194 -35.21 10.73 9.64
C SER A 194 -35.45 9.75 8.49
N PRO A 195 -36.16 10.17 7.44
CA PRO A 195 -36.38 9.26 6.31
C PRO A 195 -35.09 8.65 5.78
N GLN A 196 -34.00 9.42 5.74
CA GLN A 196 -32.74 8.90 5.24
C GLN A 196 -32.24 7.74 6.10
N LEU A 197 -32.47 7.83 7.42
CA LEU A 197 -32.12 6.73 8.31
C LEU A 197 -32.91 5.47 7.98
N LEU A 198 -34.23 5.61 7.82
CA LEU A 198 -35.05 4.46 7.48
C LEU A 198 -34.63 3.86 6.13
N LEU A 199 -34.32 4.73 5.16
CA LEU A 199 -33.88 4.25 3.86
C LEU A 199 -32.59 3.44 4.00
N ALA A 200 -31.64 3.95 4.78
CA ALA A 200 -30.40 3.21 5.00
C ALA A 200 -30.68 1.88 5.68
N MET A 201 -31.61 1.86 6.63
CA MET A 201 -32.02 0.60 7.27
C MET A 201 -32.51 -0.39 6.24
N HIS A 202 -33.49 0.02 5.45
CA HIS A 202 -34.08 -0.86 4.46
C HIS A 202 -33.02 -1.38 3.52
N ARG A 203 -32.13 -0.51 3.04
CA ARG A 203 -31.09 -0.93 2.13
C ARG A 203 -30.18 -1.98 2.79
N PHE A 204 -29.70 -1.68 4.00
CA PHE A 204 -28.78 -2.59 4.67
C PHE A 204 -29.41 -3.94 4.95
N LEU A 205 -30.68 -3.96 5.39
CA LEU A 205 -31.32 -5.23 5.69
C LEU A 205 -31.57 -6.03 4.41
N ALA A 206 -32.12 -5.38 3.39
CA ALA A 206 -32.38 -6.08 2.14
C ALA A 206 -31.10 -6.59 1.49
N THR A 207 -29.95 -5.98 1.80
CA THR A 207 -28.69 -6.37 1.16
C THR A 207 -27.91 -7.39 2.00
N GLU A 208 -27.51 -7.00 3.21
CA GLU A 208 -26.49 -7.72 3.97
C GLU A 208 -27.07 -8.69 4.99
N VAL A 209 -28.39 -8.91 4.99
CA VAL A 209 -29.01 -9.93 5.84
C VAL A 209 -29.96 -10.75 4.98
N GLU A 210 -29.72 -12.07 4.93
CA GLU A 210 -30.50 -12.93 4.05
C GLU A 210 -31.93 -13.08 4.56
N ALA A 211 -32.12 -13.05 5.88
CA ALA A 211 -33.46 -13.19 6.44
C ALA A 211 -34.42 -12.18 5.84
N PHE A 212 -33.95 -10.96 5.60
CA PHE A 212 -34.76 -9.89 5.03
C PHE A 212 -34.43 -9.66 3.55
N SER A 213 -33.80 -10.62 2.90
CA SER A 213 -33.42 -10.46 1.51
C SER A 213 -34.65 -10.36 0.62
N PRO A 214 -34.55 -9.70 -0.54
CA PRO A 214 -35.69 -9.67 -1.46
C PRO A 214 -36.18 -11.04 -1.88
N SER A 215 -35.27 -12.00 -2.08
CA SER A 215 -35.66 -13.34 -2.50
C SER A 215 -36.60 -13.99 -1.50
N GLN A 216 -36.40 -13.73 -0.20
CA GLN A 216 -37.29 -14.25 0.83
C GLN A 216 -38.43 -13.31 1.17
N MET A 217 -38.28 -12.01 0.92
CA MET A 217 -39.30 -11.05 1.32
C MET A 217 -39.16 -9.80 0.47
N SER A 218 -40.22 -9.44 -0.25
CA SER A 218 -40.20 -8.28 -1.13
C SER A 218 -39.96 -7.00 -0.34
N GLU A 219 -39.28 -6.04 -1.00
CA GLU A 219 -38.87 -4.82 -0.32
C GLU A 219 -40.05 -4.06 0.27
N LYS A 220 -41.19 -4.02 -0.44
CA LYS A 220 -42.36 -3.33 0.08
C LYS A 220 -42.77 -3.93 1.42
N ILE A 221 -42.77 -5.26 1.52
CA ILE A 221 -43.16 -5.93 2.75
C ILE A 221 -42.16 -5.61 3.85
N LEU A 222 -40.86 -5.60 3.51
CA LEU A 222 -39.84 -5.27 4.49
C LEU A 222 -40.05 -3.86 5.04
N LEU A 223 -40.37 -2.91 4.16
CA LEU A 223 -40.63 -1.55 4.60
C LEU A 223 -41.85 -1.51 5.52
N ARG A 224 -42.93 -2.18 5.12
CA ARG A 224 -44.11 -2.23 5.97
C ARG A 224 -43.75 -2.78 7.35
N LEU A 225 -42.90 -3.79 7.39
CA LEU A 225 -42.50 -4.38 8.66
C LEU A 225 -41.68 -3.42 9.50
N LEU A 226 -40.75 -2.67 8.89
CA LEU A 226 -39.91 -1.77 9.68
C LEU A 226 -40.73 -0.65 10.33
N LYS A 227 -41.67 -0.06 9.60
CA LYS A 227 -42.49 1.01 10.16
C LYS A 227 -43.74 0.49 10.85
N HIS A 228 -43.85 -0.82 11.06
CA HIS A 228 -44.96 -1.37 11.84
C HIS A 228 -44.93 -0.78 13.24
N PRO A 229 -46.09 -0.53 13.85
CA PRO A 229 -46.09 0.13 15.16
C PRO A 229 -45.31 -0.64 16.21
N ASN A 230 -44.55 0.11 17.01
CA ASN A 230 -43.75 -0.41 18.13
C ASN A 230 -42.61 -1.31 17.67
N VAL A 231 -42.35 -1.41 16.37
CA VAL A 231 -41.15 -2.12 15.91
C VAL A 231 -39.91 -1.25 16.13
N ILE A 232 -39.91 -0.05 15.56
CA ILE A 232 -38.85 0.91 15.81
C ILE A 232 -39.12 1.58 17.14
N GLN A 233 -38.16 1.49 18.06
CA GLN A 233 -38.35 2.05 19.40
C GLN A 233 -37.02 2.61 19.91
N GLU A 234 -37.12 3.52 20.87
CA GLU A 234 -35.97 4.14 21.51
C GLU A 234 -35.88 3.73 22.99
N LEU A 235 -34.82 4.19 23.63
CA LEU A 235 -34.53 3.83 25.01
C LEU A 235 -33.56 4.84 25.60
N LYS A 236 -33.91 5.41 26.75
CA LYS A 236 -33.11 6.45 27.39
C LYS A 236 -32.17 5.85 28.43
N TYR A 237 -30.99 6.47 28.55
CA TYR A 237 -29.91 5.97 29.40
C TYR A 237 -29.86 6.74 30.72
N ASP A 238 -29.75 6.00 31.82
CA ASP A 238 -29.74 6.56 33.18
C ASP A 238 -28.65 5.89 34.00
N GLU A 239 -27.63 6.65 34.39
CA GLU A 239 -26.52 6.08 35.15
C GLU A 239 -26.98 5.36 36.40
N LYS A 240 -28.14 5.74 36.95
CA LYS A 240 -28.64 5.09 38.16
C LYS A 240 -28.83 3.58 37.92
N ASN A 241 -29.60 3.22 36.92
CA ASN A 241 -29.86 1.83 36.56
C ASN A 241 -29.04 1.43 35.33
N LYS A 242 -27.73 1.67 35.39
CA LYS A 242 -26.88 1.43 34.23
C LYS A 242 -26.82 -0.04 33.86
N LYS A 243 -26.94 -0.95 34.83
CA LYS A 243 -26.89 -2.38 34.57
C LYS A 243 -28.21 -3.06 34.93
N ALA A 244 -29.32 -2.32 34.84
CA ALA A 244 -30.60 -2.87 35.20
C ALA A 244 -31.13 -3.78 34.09
N PRO A 245 -32.01 -4.74 34.43
CA PRO A 245 -32.55 -5.64 33.40
C PRO A 245 -33.40 -4.94 32.36
N GLU A 246 -33.71 -3.65 32.55
CA GLU A 246 -34.51 -2.92 31.56
C GLU A 246 -33.67 -2.41 30.40
N TYR A 247 -32.36 -2.24 30.59
CA TYR A 247 -31.48 -1.73 29.54
C TYR A 247 -30.74 -2.86 28.82
N TYR A 248 -31.13 -4.11 29.04
CA TYR A 248 -30.45 -5.26 28.43
C TYR A 248 -31.32 -5.76 27.28
N LEU A 249 -30.93 -5.43 26.05
CA LEU A 249 -31.61 -5.96 24.88
C LEU A 249 -31.51 -7.47 24.80
N TYR A 250 -30.47 -8.06 25.40
CA TYR A 250 -30.28 -9.50 25.42
C TYR A 250 -29.54 -9.89 26.69
N GLN A 251 -29.85 -11.09 27.19
CA GLN A 251 -29.15 -11.67 28.33
C GLN A 251 -28.66 -13.07 27.97
N ARG A 252 -27.42 -13.36 28.36
CA ARG A 252 -26.79 -14.61 27.98
C ARG A 252 -27.56 -15.80 28.55
N ASN A 253 -27.72 -16.84 27.72
CA ASN A 253 -28.40 -18.07 28.13
C ASN A 253 -29.82 -17.80 28.62
N LYS A 254 -30.46 -16.78 28.05
CA LYS A 254 -31.88 -16.51 28.33
C LYS A 254 -32.59 -16.48 26.99
N PRO A 255 -33.48 -17.44 26.70
CA PRO A 255 -34.08 -17.50 25.36
C PRO A 255 -34.85 -16.23 25.03
N VAL A 256 -34.85 -15.89 23.75
CA VAL A 256 -35.60 -14.77 23.21
C VAL A 256 -36.15 -15.18 21.84
N ASP A 257 -36.94 -14.28 21.24
CA ASP A 257 -37.55 -14.57 19.95
C ASP A 257 -37.51 -13.39 18.99
N TYR A 258 -36.75 -12.34 19.28
CA TYR A 258 -36.81 -11.11 18.51
C TYR A 258 -35.44 -10.75 17.96
N PHE A 259 -35.46 -10.10 16.79
CA PHE A 259 -34.27 -9.64 16.09
C PHE A 259 -34.08 -8.15 16.32
N VAL A 260 -32.85 -7.74 16.55
CA VAL A 260 -32.55 -6.34 16.83
C VAL A 260 -31.60 -5.80 15.77
N LEU A 261 -31.77 -4.52 15.44
CA LEU A 261 -30.86 -3.80 14.55
C LEU A 261 -30.74 -2.37 15.09
N ILE A 262 -29.55 -2.01 15.54
CA ILE A 262 -29.34 -0.68 16.12
C ILE A 262 -29.36 0.37 15.02
N LEU A 263 -30.15 1.41 15.20
CA LEU A 263 -30.16 2.54 14.27
C LEU A 263 -29.29 3.69 14.76
N GLN A 264 -29.33 3.96 16.07
CA GLN A 264 -28.51 4.99 16.69
C GLN A 264 -28.17 4.54 18.10
N GLY A 265 -26.95 4.82 18.53
CA GLY A 265 -26.53 4.54 19.89
C GLY A 265 -25.33 3.61 19.93
N LYS A 266 -24.90 3.33 21.16
CA LYS A 266 -23.77 2.47 21.45
C LYS A 266 -24.20 1.40 22.43
N VAL A 267 -23.80 0.16 22.15
CA VAL A 267 -24.15 -0.98 22.97
C VAL A 267 -22.88 -1.74 23.32
N GLU A 268 -22.92 -2.39 24.48
CA GLU A 268 -21.82 -3.24 24.96
C GLU A 268 -22.26 -4.69 24.84
N VAL A 269 -21.53 -5.44 24.03
CA VAL A 269 -21.78 -6.86 23.83
C VAL A 269 -20.79 -7.62 24.69
N GLU A 270 -21.32 -8.41 25.62
CA GLU A 270 -20.53 -9.31 26.44
C GLU A 270 -20.82 -10.71 25.89
N ALA A 271 -19.87 -11.24 25.13
CA ALA A 271 -20.05 -12.48 24.38
C ALA A 271 -19.12 -13.55 24.92
N GLY A 272 -19.25 -14.75 24.35
CA GLY A 272 -18.44 -15.88 24.75
C GLY A 272 -18.76 -16.36 26.14
N LYS A 273 -18.26 -17.55 26.49
CA LYS A 273 -18.46 -18.06 27.84
C LYS A 273 -17.56 -17.35 28.85
N GLU A 274 -16.40 -16.85 28.40
CA GLU A 274 -15.54 -16.07 29.28
C GLU A 274 -16.01 -14.65 29.45
N GLY A 275 -16.92 -14.18 28.59
CA GLY A 275 -17.49 -12.86 28.75
C GLY A 275 -16.66 -11.74 28.18
N MET A 276 -16.06 -11.94 27.02
CA MET A 276 -15.30 -10.86 26.38
C MET A 276 -16.24 -9.72 26.02
N LYS A 277 -15.86 -8.51 26.40
CA LYS A 277 -16.68 -7.33 26.20
C LYS A 277 -16.14 -6.52 25.04
N PHE A 278 -17.02 -6.11 24.13
CA PHE A 278 -16.68 -5.18 23.08
C PHE A 278 -17.85 -4.23 22.88
N GLU A 279 -17.66 -3.25 22.01
CA GLU A 279 -18.65 -2.21 21.78
C GLU A 279 -19.13 -2.27 20.33
N ALA A 280 -20.39 -1.90 20.12
CA ALA A 280 -20.98 -1.91 18.80
C ALA A 280 -21.91 -0.71 18.66
N SER A 281 -21.91 -0.09 17.48
CA SER A 281 -22.74 1.08 17.24
C SER A 281 -23.86 0.70 16.28
N ALA A 282 -24.24 1.61 15.39
CA ALA A 282 -25.39 1.36 14.53
C ALA A 282 -25.08 0.29 13.48
N PHE A 283 -26.16 -0.23 12.92
CA PHE A 283 -26.13 -1.24 11.86
C PHE A 283 -25.40 -2.50 12.28
N SER A 284 -25.46 -2.82 13.57
CA SER A 284 -24.99 -4.09 14.11
C SER A 284 -26.22 -4.85 14.60
N TYR A 285 -26.55 -5.94 13.91
CA TYR A 285 -27.75 -6.70 14.21
C TYR A 285 -27.43 -7.93 15.06
N TYR A 286 -28.47 -8.44 15.72
CA TYR A 286 -28.32 -9.53 16.67
C TYR A 286 -29.47 -10.52 16.53
N GLY A 287 -29.13 -11.80 16.62
CA GLY A 287 -30.14 -12.84 16.71
C GLY A 287 -31.03 -12.96 15.50
N VAL A 288 -30.44 -13.23 14.33
CA VAL A 288 -31.24 -13.46 13.14
C VAL A 288 -31.96 -14.81 13.26
N MET A 289 -31.29 -15.79 13.88
CA MET A 289 -31.86 -17.12 14.00
C MET A 289 -33.16 -17.14 14.79
N ALA A 290 -33.38 -16.14 15.66
CA ALA A 290 -34.63 -16.09 16.41
C ALA A 290 -35.82 -16.05 15.47
N LEU A 291 -35.66 -15.45 14.29
CA LEU A 291 -36.78 -15.32 13.36
C LEU A 291 -37.00 -16.63 12.59
N THR A 292 -35.97 -17.10 11.90
CA THR A 292 -36.05 -18.33 11.14
C THR A 292 -35.96 -19.54 12.08
N ALA A 293 -35.99 -20.74 11.49
CA ALA A 293 -35.81 -21.96 12.26
C ALA A 293 -34.33 -22.18 12.54
N SER A 294 -34.00 -22.39 13.81
CA SER A 294 -32.61 -22.61 14.21
C SER A 294 -32.25 -24.09 14.05
N GLN A 317 -35.54 -24.78 16.54
CA GLN A 317 -36.72 -24.04 16.92
C GLN A 317 -36.35 -22.86 17.83
N VAL A 318 -35.95 -23.17 19.06
CA VAL A 318 -35.64 -22.13 20.04
C VAL A 318 -34.31 -21.48 19.69
N TYR A 319 -34.18 -20.21 20.07
CA TYR A 319 -32.94 -19.46 19.92
C TYR A 319 -32.50 -18.94 21.28
N ILE A 320 -31.30 -19.32 21.70
CA ILE A 320 -30.74 -18.89 22.98
C ILE A 320 -29.44 -18.15 22.69
N PRO A 321 -29.37 -16.85 22.93
CA PRO A 321 -28.13 -16.11 22.62
C PRO A 321 -27.11 -16.26 23.74
N ASP A 322 -25.89 -16.61 23.37
CA ASP A 322 -24.78 -16.68 24.31
C ASP A 322 -24.06 -15.35 24.47
N TYR A 323 -24.82 -14.25 24.56
CA TYR A 323 -24.24 -12.93 24.70
C TYR A 323 -25.25 -12.02 25.38
N SER A 324 -24.77 -10.88 25.84
CA SER A 324 -25.60 -9.87 26.49
C SER A 324 -25.34 -8.52 25.83
N VAL A 325 -26.41 -7.78 25.57
CA VAL A 325 -26.32 -6.48 24.90
C VAL A 325 -26.86 -5.43 25.87
N ARG A 326 -25.97 -4.60 26.40
CA ARG A 326 -26.34 -3.54 27.32
C ARG A 326 -26.24 -2.18 26.64
N ALA A 327 -27.09 -1.24 27.07
CA ALA A 327 -27.12 0.10 26.51
C ALA A 327 -26.16 1.01 27.28
N LEU A 328 -25.33 1.74 26.55
CA LEU A 328 -24.45 2.75 27.13
C LEU A 328 -24.90 4.17 26.86
N SER A 329 -25.88 4.36 25.98
CA SER A 329 -26.35 5.69 25.63
C SER A 329 -27.80 5.57 25.18
N ASP A 330 -28.37 6.69 24.74
CA ASP A 330 -29.70 6.65 24.14
C ASP A 330 -29.67 5.74 22.93
N LEU A 331 -30.48 4.68 22.97
CA LEU A 331 -30.56 3.74 21.87
C LEU A 331 -31.82 4.00 21.05
N GLN A 332 -31.74 3.73 19.75
CA GLN A 332 -32.88 3.84 18.85
C GLN A 332 -32.72 2.73 17.83
N PHE A 333 -33.58 1.71 17.90
CA PHE A 333 -33.32 0.46 17.19
C PHE A 333 -34.61 -0.12 16.62
N VAL A 334 -34.44 -1.21 15.90
CA VAL A 334 -35.54 -2.01 15.33
C VAL A 334 -35.64 -3.29 16.14
N LYS A 335 -36.87 -3.71 16.41
CA LYS A 335 -37.13 -4.94 17.15
C LYS A 335 -38.22 -5.71 16.41
N ILE A 336 -37.85 -6.86 15.83
CA ILE A 336 -38.76 -7.68 15.04
C ILE A 336 -38.95 -9.02 15.75
N SER A 337 -40.19 -9.40 16.01
CA SER A 337 -40.51 -10.65 16.66
C SER A 337 -40.67 -11.77 15.63
N ARG A 338 -40.39 -12.99 16.05
CA ARG A 338 -40.55 -14.15 15.18
C ARG A 338 -41.93 -14.16 14.55
N GLN A 339 -42.97 -13.88 15.34
CA GLN A 339 -44.32 -13.78 14.80
C GLN A 339 -44.38 -12.76 13.67
N GLN A 340 -43.73 -11.60 13.85
CA GLN A 340 -43.80 -10.55 12.83
C GLN A 340 -43.09 -10.99 11.54
N TYR A 341 -41.93 -11.62 11.67
CA TYR A 341 -41.22 -12.11 10.49
C TYR A 341 -42.03 -13.15 9.74
N GLN A 342 -42.66 -14.07 10.48
CA GLN A 342 -43.49 -15.08 9.85
C GLN A 342 -44.69 -14.44 9.16
N ASN A 343 -45.30 -13.43 9.78
CA ASN A 343 -46.42 -12.74 9.16
C ASN A 343 -45.99 -12.04 7.89
N ALA A 344 -44.79 -11.47 7.87
CA ALA A 344 -44.29 -10.82 6.66
C ALA A 344 -44.08 -11.85 5.55
N LEU A 345 -43.54 -13.02 5.89
CA LEU A 345 -43.42 -14.08 4.90
C LEU A 345 -44.78 -14.51 4.38
N MET A 346 -45.77 -14.60 5.28
CA MET A 346 -47.14 -14.90 4.86
C MET A 346 -47.62 -13.87 3.85
N LEU A 347 -47.37 -12.59 4.12
CA LEU A 347 -47.75 -11.54 3.18
C LEU A 347 -47.12 -11.76 1.82
N GLU A 348 -45.81 -12.02 1.81
CA GLU A 348 -45.10 -12.14 0.55
C GLU A 348 -45.59 -13.34 -0.26
N HIS A 349 -45.94 -14.43 0.43
CA HIS A 349 -46.45 -15.61 -0.26
C HIS A 349 -47.94 -15.50 -0.58
N HIS A 350 -48.65 -14.53 0.01
CA HIS A 350 -50.07 -14.37 -0.25
C HIS A 350 -50.33 -13.63 -1.56
N HIS A 351 -49.47 -12.69 -1.93
CA HIS A 351 -49.63 -11.98 -3.19
C HIS A 351 -49.31 -12.91 -4.36
N HIS A 352 -50.28 -13.11 -5.24
CA HIS A 352 -50.12 -14.01 -6.37
C HIS A 352 -50.76 -13.41 -7.62
N GLU B 3 21.01 -20.76 -44.56
CA GLU B 3 20.91 -20.16 -43.24
C GLU B 3 21.62 -18.81 -43.20
N GLU B 4 22.67 -18.68 -44.03
CA GLU B 4 23.43 -17.43 -44.08
C GLU B 4 22.69 -16.33 -44.82
N LEU B 5 21.70 -16.68 -45.64
CA LEU B 5 20.92 -15.66 -46.35
C LEU B 5 20.21 -14.74 -45.36
N ASN B 6 19.65 -15.32 -44.28
CA ASN B 6 19.01 -14.49 -43.27
C ASN B 6 20.01 -13.55 -42.62
N ILE B 7 21.20 -14.05 -42.31
CA ILE B 7 22.23 -13.22 -41.69
C ILE B 7 22.58 -12.05 -42.60
N ILE B 8 22.77 -12.32 -43.89
CA ILE B 8 23.17 -11.27 -44.82
C ILE B 8 22.04 -10.27 -45.01
N GLN B 9 20.79 -10.76 -45.09
CA GLN B 9 19.65 -9.85 -45.22
C GLN B 9 19.57 -8.94 -44.00
N GLY B 10 19.73 -9.49 -42.80
CA GLY B 10 19.71 -8.66 -41.62
C GLY B 10 20.84 -7.64 -41.60
N ALA B 11 22.05 -8.07 -41.97
CA ALA B 11 23.18 -7.14 -42.03
C ALA B 11 22.93 -6.04 -43.03
N LEU B 12 22.21 -6.33 -44.11
CA LEU B 12 21.81 -5.28 -45.05
C LEU B 12 20.68 -4.42 -44.51
N GLU B 13 19.90 -4.93 -43.56
CA GLU B 13 18.82 -4.19 -42.93
C GLU B 13 19.27 -3.41 -41.70
N LEU B 14 20.54 -2.98 -41.66
CA LEU B 14 21.08 -2.27 -40.51
C LEU B 14 20.89 -0.76 -40.63
N ARG B 15 21.50 -0.15 -41.64
CA ARG B 15 21.54 1.31 -41.73
C ARG B 15 20.17 1.95 -41.67
N THR B 16 19.10 1.20 -41.92
CA THR B 16 17.75 1.76 -41.94
C THR B 16 17.03 1.62 -40.61
N LYS B 17 17.21 0.49 -39.91
CA LYS B 17 16.49 0.25 -38.67
C LYS B 17 17.17 0.97 -37.51
N THR B 18 16.41 1.16 -36.42
CA THR B 18 16.88 1.87 -35.25
C THR B 18 16.60 1.04 -34.01
N VAL B 19 17.17 1.47 -32.88
CA VAL B 19 17.08 0.71 -31.64
C VAL B 19 15.62 0.47 -31.27
N GLU B 20 14.77 1.49 -31.41
CA GLU B 20 13.39 1.38 -30.96
C GLU B 20 12.63 0.25 -31.63
N ASP B 21 13.12 -0.26 -32.77
CA ASP B 21 12.42 -1.32 -33.46
C ASP B 21 12.44 -2.62 -32.65
N VAL B 22 13.62 -3.01 -32.16
CA VAL B 22 13.77 -4.24 -31.39
C VAL B 22 13.90 -4.00 -29.90
N MET B 23 13.97 -2.74 -29.46
CA MET B 23 14.18 -2.44 -28.04
C MET B 23 13.12 -3.11 -27.18
N THR B 24 13.37 -3.16 -25.87
CA THR B 24 12.36 -3.62 -24.92
C THR B 24 11.67 -2.41 -24.31
N PRO B 25 10.34 -2.35 -24.29
CA PRO B 25 9.67 -1.14 -23.80
C PRO B 25 9.80 -1.00 -22.29
N LEU B 26 9.88 0.26 -21.85
CA LEU B 26 10.00 0.55 -20.42
C LEU B 26 8.92 -0.17 -19.62
N ARG B 27 7.76 -0.42 -20.22
CA ARG B 27 6.65 -1.05 -19.50
C ARG B 27 7.06 -2.40 -18.93
N ASP B 28 7.86 -3.17 -19.68
CA ASP B 28 8.20 -4.53 -19.30
C ASP B 28 9.67 -4.66 -18.87
N CYS B 29 10.21 -3.63 -18.23
CA CYS B 29 11.58 -3.64 -17.75
C CYS B 29 11.60 -4.09 -16.29
N PHE B 30 12.24 -5.23 -16.03
CA PHE B 30 12.44 -5.72 -14.67
C PHE B 30 13.44 -4.81 -13.97
N MET B 31 12.94 -3.88 -13.17
CA MET B 31 13.77 -2.90 -12.47
C MET B 31 13.70 -3.14 -10.97
N ILE B 32 14.57 -2.43 -10.25
CA ILE B 32 14.63 -2.51 -8.79
C ILE B 32 14.70 -1.09 -8.24
N THR B 33 13.94 -0.83 -7.18
CA THR B 33 13.91 0.50 -6.60
C THR B 33 15.24 0.81 -5.91
N GLY B 34 15.60 2.10 -5.95
CA GLY B 34 16.87 2.51 -5.37
C GLY B 34 16.97 2.22 -3.88
N GLU B 35 15.99 2.69 -3.12
CA GLU B 35 15.96 2.49 -1.67
C GLU B 35 15.51 1.06 -1.37
N ALA B 36 16.38 0.11 -1.73
CA ALA B 36 16.11 -1.31 -1.57
C ALA B 36 17.20 -1.95 -0.72
N ILE B 37 16.88 -3.11 -0.15
CA ILE B 37 17.77 -3.83 0.75
C ILE B 37 18.02 -5.22 0.17
N LEU B 38 19.29 -5.64 0.19
CA LEU B 38 19.68 -6.93 -0.38
C LEU B 38 19.57 -8.04 0.68
N ASP B 39 18.35 -8.23 1.17
CA ASP B 39 18.07 -9.35 2.06
C ASP B 39 17.72 -10.58 1.23
N PHE B 40 17.47 -11.70 1.91
CA PHE B 40 17.21 -12.95 1.21
C PHE B 40 16.09 -12.82 0.20
N ASN B 41 14.99 -12.18 0.60
CA ASN B 41 13.82 -12.09 -0.27
C ASN B 41 14.11 -11.26 -1.51
N THR B 42 14.69 -10.08 -1.34
CA THR B 42 14.97 -9.21 -2.49
C THR B 42 16.04 -9.83 -3.40
N MET B 43 17.06 -10.44 -2.80
CA MET B 43 18.09 -11.10 -3.60
C MET B 43 17.48 -12.22 -4.42
N SER B 44 16.60 -13.01 -3.82
CA SER B 44 15.93 -14.07 -4.57
C SER B 44 15.04 -13.50 -5.67
N GLU B 45 14.36 -12.38 -5.38
CA GLU B 45 13.59 -11.70 -6.42
C GLU B 45 14.46 -11.38 -7.62
N ILE B 46 15.61 -10.75 -7.37
CA ILE B 46 16.52 -10.41 -8.47
C ILE B 46 16.94 -11.68 -9.22
N MET B 47 17.37 -12.70 -8.48
CA MET B 47 17.97 -13.87 -9.12
C MET B 47 16.94 -14.66 -9.93
N GLU B 48 15.71 -14.75 -9.44
CA GLU B 48 14.69 -15.53 -10.16
C GLU B 48 14.50 -15.03 -11.58
N SER B 49 14.50 -13.71 -11.77
CA SER B 49 14.38 -13.15 -13.11
C SER B 49 15.56 -13.54 -13.99
N GLY B 50 16.70 -13.89 -13.41
CA GLY B 50 17.87 -14.29 -14.16
C GLY B 50 18.58 -13.18 -14.89
N TYR B 51 17.97 -12.00 -15.03
CA TYR B 51 18.60 -10.90 -15.74
C TYR B 51 19.82 -10.43 -14.97
N THR B 52 20.98 -10.43 -15.63
CA THR B 52 22.22 -10.03 -14.97
C THR B 52 22.31 -8.54 -14.76
N ARG B 53 21.63 -7.75 -15.60
CA ARG B 53 21.71 -6.29 -15.57
C ARG B 53 20.33 -5.74 -15.26
N ILE B 54 20.19 -5.11 -14.11
CA ILE B 54 18.91 -4.59 -13.64
C ILE B 54 19.05 -3.09 -13.44
N PRO B 55 18.27 -2.25 -14.13
CA PRO B 55 18.32 -0.82 -13.84
C PRO B 55 17.90 -0.54 -12.41
N VAL B 56 18.26 0.66 -11.93
CA VAL B 56 17.96 1.08 -10.56
C VAL B 56 17.44 2.50 -10.62
N PHE B 57 16.20 2.69 -10.19
CA PHE B 57 15.50 3.96 -10.30
C PHE B 57 15.14 4.47 -8.92
N GLU B 58 15.15 5.79 -8.77
CA GLU B 58 14.77 6.46 -7.53
C GLU B 58 13.43 7.15 -7.76
N GLY B 59 12.38 6.59 -7.20
CA GLY B 59 11.03 7.13 -7.34
C GLY B 59 10.28 6.52 -8.52
N GLU B 60 10.08 7.31 -9.57
CA GLU B 60 9.41 6.84 -10.76
C GLU B 60 10.38 6.07 -11.65
N ARG B 61 9.86 5.05 -12.34
CA ARG B 61 10.69 4.26 -13.23
C ARG B 61 11.30 5.10 -14.35
N SER B 62 10.74 6.28 -14.63
CA SER B 62 11.31 7.16 -15.62
C SER B 62 12.64 7.77 -15.18
N ASN B 63 12.91 7.78 -13.87
CA ASN B 63 14.14 8.34 -13.33
C ASN B 63 15.13 7.21 -13.12
N ILE B 64 15.91 6.92 -14.16
CA ILE B 64 16.94 5.90 -14.09
C ILE B 64 18.22 6.56 -13.55
N VAL B 65 18.74 6.02 -12.45
CA VAL B 65 19.88 6.62 -11.76
C VAL B 65 21.09 5.71 -11.77
N ASP B 66 20.91 4.39 -11.66
CA ASP B 66 22.04 3.49 -11.58
C ASP B 66 21.71 2.18 -12.28
N LEU B 67 22.67 1.25 -12.25
CA LEU B 67 22.53 -0.04 -12.92
C LEU B 67 23.27 -1.09 -12.10
N LEU B 68 22.61 -2.20 -11.82
CA LEU B 68 23.14 -3.26 -10.97
C LEU B 68 23.50 -4.48 -11.81
N PHE B 69 24.67 -5.05 -11.54
CA PHE B 69 25.10 -6.31 -12.13
C PHE B 69 25.04 -7.40 -11.08
N VAL B 70 24.48 -8.55 -11.44
CA VAL B 70 24.46 -9.70 -10.53
C VAL B 70 25.88 -10.10 -10.15
N LYS B 71 26.85 -9.84 -11.03
CA LYS B 71 28.23 -10.15 -10.71
C LYS B 71 28.71 -9.41 -9.47
N ASP B 72 28.16 -8.21 -9.23
CA ASP B 72 28.53 -7.46 -8.03
C ASP B 72 28.05 -8.16 -6.77
N LEU B 73 26.99 -8.97 -6.87
CA LEU B 73 26.42 -9.65 -5.71
C LEU B 73 27.28 -10.80 -5.21
N ALA B 74 28.48 -11.02 -5.76
CA ALA B 74 29.36 -12.09 -5.30
C ALA B 74 29.59 -11.99 -3.80
N PHE B 75 30.27 -10.92 -3.39
CA PHE B 75 30.64 -10.71 -1.99
C PHE B 75 29.57 -9.95 -1.22
N VAL B 76 28.30 -10.21 -1.52
CA VAL B 76 27.17 -9.66 -0.78
C VAL B 76 26.51 -10.80 -0.03
N ASP B 77 26.45 -10.68 1.29
CA ASP B 77 25.80 -11.68 2.13
C ASP B 77 24.32 -11.34 2.26
N PRO B 78 23.39 -12.21 1.84
CA PRO B 78 21.96 -11.91 2.05
C PRO B 78 21.59 -11.83 3.51
N ASP B 79 22.45 -12.29 4.42
CA ASP B 79 22.16 -12.20 5.85
C ASP B 79 22.45 -10.81 6.40
N ASP B 80 23.49 -10.15 5.87
CA ASP B 80 23.84 -8.81 6.34
C ASP B 80 22.76 -7.77 6.05
N CYS B 81 21.80 -8.09 5.18
CA CYS B 81 20.76 -7.14 4.80
C CYS B 81 21.37 -5.81 4.35
N THR B 82 22.31 -5.91 3.41
CA THR B 82 23.03 -4.74 2.92
C THR B 82 22.11 -3.92 2.02
N PRO B 83 22.15 -2.59 2.12
CA PRO B 83 21.36 -1.76 1.20
C PRO B 83 21.98 -1.72 -0.20
N LEU B 84 21.12 -1.70 -1.21
CA LEU B 84 21.59 -1.67 -2.59
C LEU B 84 22.34 -0.37 -2.90
N LYS B 85 21.98 0.72 -2.22
CA LYS B 85 22.64 2.00 -2.48
C LYS B 85 24.15 1.88 -2.25
N THR B 86 24.55 1.14 -1.22
CA THR B 86 25.97 0.96 -0.95
C THR B 86 26.68 0.34 -2.14
N ILE B 87 26.13 -0.76 -2.67
CA ILE B 87 26.76 -1.44 -3.80
C ILE B 87 26.77 -0.53 -5.02
N THR B 88 25.64 0.08 -5.33
CA THR B 88 25.53 0.88 -6.55
C THR B 88 26.45 2.10 -6.51
N LYS B 89 26.68 2.67 -5.32
CA LYS B 89 27.59 3.80 -5.20
C LYS B 89 29.04 3.37 -5.07
N PHE B 90 29.29 2.13 -4.63
CA PHE B 90 30.67 1.64 -4.54
C PHE B 90 31.21 1.27 -5.90
N TYR B 91 30.45 0.49 -6.68
CA TYR B 91 30.91 0.10 -8.00
C TYR B 91 30.64 1.18 -9.04
N ASN B 92 29.57 1.94 -8.88
CA ASN B 92 29.25 3.08 -9.73
C ASN B 92 29.40 2.73 -11.21
N HIS B 93 28.53 1.84 -11.65
CA HIS B 93 28.54 1.42 -13.05
C HIS B 93 27.95 2.51 -13.93
N PRO B 94 28.64 2.91 -14.99
CA PRO B 94 28.09 3.96 -15.88
C PRO B 94 26.84 3.47 -16.59
N LEU B 95 26.14 4.43 -17.19
CA LEU B 95 24.92 4.18 -17.95
C LEU B 95 25.13 4.56 -19.40
N HIS B 96 24.82 3.64 -20.31
CA HIS B 96 24.90 3.90 -21.74
C HIS B 96 23.57 4.50 -22.17
N PHE B 97 23.56 5.80 -22.42
CA PHE B 97 22.35 6.52 -22.80
C PHE B 97 22.30 6.64 -24.31
N VAL B 98 21.22 6.15 -24.91
CA VAL B 98 21.02 6.19 -26.35
C VAL B 98 19.61 6.71 -26.64
N PHE B 99 19.46 7.34 -27.79
CA PHE B 99 18.17 7.89 -28.21
C PHE B 99 17.45 6.90 -29.11
N ASN B 100 16.14 7.12 -29.27
CA ASN B 100 15.34 6.26 -30.13
C ASN B 100 15.84 6.29 -31.57
N ASP B 101 16.36 7.43 -32.02
CA ASP B 101 16.88 7.57 -33.38
C ASP B 101 18.35 7.15 -33.43
N THR B 102 18.59 5.90 -33.05
CA THR B 102 19.93 5.33 -33.02
C THR B 102 19.98 4.14 -33.96
N LYS B 103 20.81 4.23 -34.99
CA LYS B 103 21.00 3.12 -35.91
C LYS B 103 21.69 1.96 -35.19
N LEU B 104 21.29 0.73 -35.55
CA LEU B 104 21.82 -0.44 -34.86
C LEU B 104 23.33 -0.57 -35.04
N ASP B 105 23.88 -0.07 -36.14
CA ASP B 105 25.33 -0.17 -36.35
C ASP B 105 26.09 0.66 -35.33
N ALA B 106 25.68 1.91 -35.13
CA ALA B 106 26.37 2.76 -34.16
C ALA B 106 26.30 2.19 -32.76
N MET B 107 25.13 1.69 -32.35
CA MET B 107 25.00 1.16 -31.00
C MET B 107 25.72 -0.17 -30.87
N LEU B 108 25.79 -0.97 -31.94
CA LEU B 108 26.58 -2.19 -31.89
C LEU B 108 28.06 -1.86 -31.70
N GLU B 109 28.54 -0.83 -32.40
CA GLU B 109 29.92 -0.37 -32.18
C GLU B 109 30.11 0.06 -30.73
N GLU B 110 29.19 0.88 -30.21
CA GLU B 110 29.27 1.33 -28.83
C GLU B 110 29.36 0.14 -27.88
N PHE B 111 28.49 -0.85 -28.07
CA PHE B 111 28.53 -2.05 -27.24
C PHE B 111 29.89 -2.72 -27.32
N LYS B 112 30.38 -2.97 -28.54
CA LYS B 112 31.65 -3.64 -28.71
C LYS B 112 32.78 -2.90 -28.02
N LYS B 113 32.70 -1.56 -27.95
CA LYS B 113 33.76 -0.78 -27.32
C LYS B 113 34.03 -1.26 -25.90
N GLY B 114 32.97 -1.51 -25.12
CA GLY B 114 33.15 -1.99 -23.77
C GLY B 114 32.11 -1.47 -22.79
N LYS B 115 31.41 -0.40 -23.17
CA LYS B 115 30.35 0.14 -22.32
C LYS B 115 29.32 -0.94 -22.01
N SER B 116 28.61 -0.76 -20.90
CA SER B 116 27.62 -1.74 -20.46
C SER B 116 26.72 -2.14 -21.63
N HIS B 117 26.57 -3.45 -21.81
CA HIS B 117 25.79 -3.96 -22.93
C HIS B 117 24.36 -3.46 -22.88
N LEU B 118 23.76 -3.42 -21.69
CA LEU B 118 22.42 -2.87 -21.54
C LEU B 118 22.48 -1.36 -21.55
N ALA B 119 21.63 -0.74 -22.37
CA ALA B 119 21.61 0.71 -22.54
C ALA B 119 20.18 1.21 -22.49
N ILE B 120 20.00 2.39 -21.90
CA ILE B 120 18.67 2.99 -21.78
C ILE B 120 18.33 3.72 -23.08
N VAL B 121 17.14 3.46 -23.60
CA VAL B 121 16.65 4.07 -24.83
C VAL B 121 15.67 5.17 -24.46
N GLN B 122 16.00 6.40 -24.84
CA GLN B 122 15.16 7.55 -24.52
C GLN B 122 15.14 8.53 -25.70
N PHE B 133 14.16 17.72 -22.22
CA PHE B 133 13.12 16.96 -21.55
C PHE B 133 13.14 15.50 -21.99
N TYR B 134 14.23 14.79 -21.66
CA TYR B 134 14.35 13.40 -22.03
C TYR B 134 13.22 12.58 -21.42
N GLU B 135 12.77 11.57 -22.16
CA GLU B 135 11.72 10.67 -21.72
C GLU B 135 12.20 9.24 -21.91
N VAL B 136 12.45 8.53 -20.79
CA VAL B 136 12.91 7.16 -20.87
C VAL B 136 11.87 6.32 -21.59
N LEU B 137 12.33 5.54 -22.58
CA LEU B 137 11.44 4.71 -23.39
C LEU B 137 11.64 3.23 -23.19
N GLY B 138 12.84 2.78 -22.84
CA GLY B 138 13.05 1.37 -22.55
C GLY B 138 14.52 1.06 -22.37
N ILE B 139 14.88 -0.21 -22.60
CA ILE B 139 16.26 -0.65 -22.53
C ILE B 139 16.52 -1.62 -23.69
N VAL B 140 17.80 -1.76 -24.03
CA VAL B 140 18.22 -2.63 -25.12
C VAL B 140 19.53 -3.31 -24.75
N THR B 141 19.69 -4.57 -25.17
CA THR B 141 20.85 -5.37 -24.86
C THR B 141 21.58 -5.74 -26.16
N LEU B 142 22.85 -6.09 -26.02
CA LEU B 142 23.63 -6.57 -27.16
C LEU B 142 22.94 -7.71 -27.87
N GLU B 143 22.35 -8.63 -27.10
CA GLU B 143 21.70 -9.79 -27.70
C GLU B 143 20.49 -9.39 -28.53
N ASP B 144 19.79 -8.32 -28.15
CA ASP B 144 18.69 -7.82 -28.99
C ASP B 144 19.21 -7.37 -30.35
N VAL B 145 20.27 -6.55 -30.34
CA VAL B 145 20.85 -6.07 -31.60
C VAL B 145 21.27 -7.24 -32.48
N ILE B 146 21.97 -8.22 -31.89
CA ILE B 146 22.47 -9.31 -32.71
C ILE B 146 21.33 -10.24 -33.14
N GLU B 147 20.26 -10.34 -32.34
CA GLU B 147 19.11 -11.13 -32.74
C GLU B 147 18.41 -10.49 -33.93
N GLU B 148 18.32 -9.16 -33.95
CA GLU B 148 17.79 -8.48 -35.13
C GLU B 148 18.73 -8.66 -36.33
N ILE B 149 20.04 -8.64 -36.09
CA ILE B 149 21.00 -8.83 -37.17
C ILE B 149 20.82 -10.20 -37.81
N ILE B 150 20.77 -11.25 -36.99
CA ILE B 150 20.73 -12.62 -37.53
C ILE B 150 19.31 -13.14 -37.67
N LYS B 151 18.32 -12.43 -37.16
CA LYS B 151 16.92 -12.83 -37.29
C LYS B 151 16.67 -14.18 -36.61
N SER B 152 17.09 -14.27 -35.35
CA SER B 152 16.90 -15.48 -34.54
C SER B 152 16.72 -15.07 -33.09
N GLU B 153 16.55 -16.08 -32.22
CA GLU B 153 16.10 -15.84 -30.86
C GLU B 153 17.27 -15.68 -29.90
N ILE B 154 16.93 -15.26 -28.67
CA ILE B 154 17.88 -15.10 -27.58
C ILE B 154 17.70 -16.27 -26.62
N LEU B 155 18.82 -16.76 -26.08
CA LEU B 155 18.86 -18.13 -25.54
C LEU B 155 18.61 -18.24 -24.04
N ASP B 156 19.64 -17.97 -23.24
CA ASP B 156 19.74 -18.58 -21.91
C ASP B 156 18.61 -18.12 -20.98
N GLU B 157 18.53 -16.82 -20.70
CA GLU B 157 17.62 -16.34 -19.67
C GLU B 157 16.20 -16.80 -19.93
N THR B 158 15.37 -16.72 -18.89
CA THR B 158 14.01 -17.25 -18.93
C THR B 158 13.12 -16.38 -19.81
N ASP B 159 11.93 -16.90 -20.09
CA ASP B 159 10.91 -16.19 -20.86
C ASP B 159 11.48 -15.65 -22.18
N LEU B 160 11.96 -16.59 -23.00
CA LEU B 160 12.48 -16.23 -24.32
C LEU B 160 11.37 -15.59 -25.14
N TYR B 161 11.56 -14.33 -25.50
CA TYR B 161 10.52 -13.56 -26.19
C TYR B 161 10.92 -13.23 -27.62
N PHE B 179 13.52 -21.87 -5.21
CA PHE B 179 14.14 -22.94 -4.44
C PHE B 179 14.12 -22.63 -2.94
N SER B 180 14.71 -21.49 -2.58
CA SER B 180 14.72 -21.01 -1.19
C SER B 180 15.49 -21.97 -0.29
N ALA B 181 16.68 -22.39 -0.76
CA ALA B 181 17.50 -23.31 0.02
C ALA B 181 18.33 -22.58 1.05
N PHE B 182 18.81 -21.37 0.72
CA PHE B 182 19.67 -20.60 1.61
C PHE B 182 18.82 -19.63 2.42
N LYS B 183 18.66 -19.92 3.71
CA LYS B 183 17.98 -19.01 4.63
C LYS B 183 18.73 -19.03 5.95
N GLN B 184 18.54 -17.97 6.74
CA GLN B 184 19.20 -17.85 8.04
C GLN B 184 18.59 -18.87 8.99
N THR B 185 19.11 -20.10 8.92
CA THR B 185 18.54 -21.21 9.68
C THR B 185 18.59 -20.92 11.17
N ASP B 186 19.73 -20.48 11.68
CA ASP B 186 19.86 -20.18 13.10
C ASP B 186 18.81 -19.17 13.52
N SER B 187 18.03 -19.53 14.53
CA SER B 187 16.94 -18.69 15.03
C SER B 187 17.23 -18.32 16.49
N GLU B 188 17.73 -17.11 16.69
CA GLU B 188 17.95 -16.55 18.02
C GLU B 188 17.41 -15.12 18.04
N MET B 189 16.10 -15.00 17.81
CA MET B 189 15.50 -13.68 17.65
C MET B 189 15.70 -12.82 18.89
N LYS B 190 15.33 -13.34 20.05
CA LYS B 190 15.42 -12.60 21.31
C LYS B 190 14.83 -11.20 21.15
N VAL B 191 13.53 -11.16 20.85
CA VAL B 191 12.84 -9.90 20.66
C VAL B 191 13.06 -9.02 21.89
N LYS B 192 13.47 -7.78 21.65
CA LYS B 192 13.76 -6.85 22.73
C LYS B 192 12.63 -5.84 22.84
N ILE B 193 12.21 -5.59 24.09
CA ILE B 193 11.18 -4.61 24.41
C ILE B 193 11.79 -3.57 25.32
N SER B 194 11.56 -2.30 25.01
CA SER B 194 12.09 -1.21 25.83
C SER B 194 11.74 -1.46 27.29
N PRO B 195 12.67 -1.22 28.22
CA PRO B 195 12.38 -1.53 29.63
C PRO B 195 11.14 -0.84 30.16
N GLN B 196 10.72 0.28 29.57
CA GLN B 196 9.48 0.93 29.99
C GLN B 196 8.27 0.07 29.64
N LEU B 197 8.28 -0.53 28.44
CA LEU B 197 7.21 -1.45 28.08
C LEU B 197 7.19 -2.64 29.02
N LEU B 198 8.36 -3.15 29.39
CA LEU B 198 8.41 -4.26 30.34
C LEU B 198 7.84 -3.86 31.68
N LEU B 199 8.13 -2.63 32.14
CA LEU B 199 7.56 -2.16 33.39
C LEU B 199 6.05 -2.08 33.31
N ALA B 200 5.53 -1.51 32.23
CA ALA B 200 4.08 -1.38 32.06
C ALA B 200 3.44 -2.76 32.09
N MET B 201 3.99 -3.70 31.33
CA MET B 201 3.43 -5.05 31.26
C MET B 201 3.48 -5.73 32.62
N HIS B 202 4.63 -5.66 33.28
CA HIS B 202 4.78 -6.26 34.60
C HIS B 202 3.74 -5.72 35.57
N ARG B 203 3.57 -4.40 35.61
CA ARG B 203 2.60 -3.80 36.52
C ARG B 203 1.18 -4.23 36.16
N PHE B 204 0.84 -4.17 34.87
CA PHE B 204 -0.50 -4.54 34.44
C PHE B 204 -0.84 -5.96 34.85
N LEU B 205 0.10 -6.89 34.66
CA LEU B 205 -0.18 -8.27 35.05
C LEU B 205 -0.24 -8.43 36.56
N ALA B 206 0.67 -7.76 37.29
CA ALA B 206 0.68 -7.87 38.73
C ALA B 206 -0.58 -7.30 39.37
N THR B 207 -1.25 -6.37 38.70
CA THR B 207 -2.43 -5.73 39.29
C THR B 207 -3.72 -6.41 38.84
N GLU B 208 -4.06 -6.31 37.55
CA GLU B 208 -5.35 -6.80 37.08
C GLU B 208 -5.43 -8.32 37.09
N VAL B 209 -4.63 -8.99 36.26
CA VAL B 209 -4.74 -10.44 36.14
C VAL B 209 -4.38 -11.07 37.47
N GLU B 210 -5.31 -11.84 38.04
CA GLU B 210 -5.11 -12.39 39.38
C GLU B 210 -3.98 -13.41 39.39
N ALA B 211 -3.89 -14.23 38.34
CA ALA B 211 -2.88 -15.29 38.32
C ALA B 211 -1.48 -14.74 38.47
N PHE B 212 -1.26 -13.48 38.07
CA PHE B 212 0.05 -12.85 38.17
C PHE B 212 0.15 -11.87 39.32
N SER B 213 -0.88 -11.81 40.18
CA SER B 213 -0.84 -10.91 41.33
C SER B 213 0.25 -11.36 42.31
N PRO B 214 0.74 -10.44 43.14
CA PRO B 214 1.71 -10.86 44.17
C PRO B 214 1.18 -11.97 45.06
N SER B 215 -0.14 -12.06 45.21
CA SER B 215 -0.75 -13.11 46.02
C SER B 215 -0.44 -14.51 45.50
N GLN B 216 0.08 -14.63 44.28
CA GLN B 216 0.40 -15.93 43.68
C GLN B 216 1.84 -16.06 43.22
N MET B 217 2.56 -14.96 43.00
CA MET B 217 3.86 -15.03 42.37
C MET B 217 4.66 -13.77 42.70
N SER B 218 5.93 -13.97 43.06
CA SER B 218 6.79 -12.84 43.43
C SER B 218 7.04 -11.93 42.24
N GLU B 219 7.31 -10.67 42.53
CA GLU B 219 7.69 -9.72 41.49
C GLU B 219 8.84 -10.26 40.65
N LYS B 220 9.87 -10.78 41.31
CA LYS B 220 11.05 -11.27 40.60
C LYS B 220 10.72 -12.51 39.79
N ILE B 221 9.84 -13.38 40.31
CA ILE B 221 9.47 -14.58 39.56
C ILE B 221 8.66 -14.21 38.33
N LEU B 222 7.75 -13.24 38.44
CA LEU B 222 7.03 -12.76 37.28
C LEU B 222 7.97 -12.14 36.26
N LEU B 223 8.96 -11.37 36.74
CA LEU B 223 9.93 -10.78 35.83
C LEU B 223 10.74 -11.86 35.12
N ARG B 224 11.08 -12.94 35.83
CA ARG B 224 11.78 -14.06 35.21
C ARG B 224 10.91 -14.71 34.14
N LEU B 225 9.65 -15.01 34.49
CA LEU B 225 8.74 -15.62 33.54
C LEU B 225 8.59 -14.76 32.28
N LEU B 226 8.55 -13.44 32.45
CA LEU B 226 8.38 -12.56 31.31
C LEU B 226 9.65 -12.48 30.47
N LYS B 227 10.81 -12.32 31.13
CA LYS B 227 12.08 -12.26 30.41
C LYS B 227 12.49 -13.59 29.83
N HIS B 228 11.85 -14.69 30.22
CA HIS B 228 12.20 -16.02 29.74
C HIS B 228 12.22 -16.04 28.22
N PRO B 229 13.10 -16.82 27.58
CA PRO B 229 13.16 -16.82 26.12
C PRO B 229 11.89 -17.32 25.47
N ASN B 230 11.52 -16.69 24.36
CA ASN B 230 10.36 -17.03 23.53
C ASN B 230 9.03 -16.67 24.19
N VAL B 231 9.05 -16.10 25.40
CA VAL B 231 7.80 -15.70 26.04
C VAL B 231 7.23 -14.46 25.36
N ILE B 232 8.08 -13.46 25.09
CA ILE B 232 7.70 -12.32 24.26
C ILE B 232 8.00 -12.69 22.81
N GLN B 233 6.98 -12.61 21.96
CA GLN B 233 7.10 -13.07 20.58
C GLN B 233 6.58 -12.00 19.63
N GLU B 234 7.03 -12.09 18.38
CA GLU B 234 6.58 -11.26 17.30
C GLU B 234 5.93 -12.12 16.22
N LEU B 235 5.08 -11.48 15.42
CA LEU B 235 4.34 -12.18 14.37
C LEU B 235 4.12 -11.21 13.22
N LYS B 236 4.79 -11.44 12.10
CA LYS B 236 4.68 -10.55 10.95
C LYS B 236 3.45 -10.90 10.13
N TYR B 237 2.77 -9.88 9.63
CA TYR B 237 1.47 -10.02 8.98
C TYR B 237 1.64 -9.90 7.47
N ASP B 238 1.28 -10.97 6.75
CA ASP B 238 1.35 -11.02 5.30
C ASP B 238 -0.07 -10.91 4.75
N GLU B 239 -0.37 -9.81 4.05
CA GLU B 239 -1.70 -9.61 3.51
C GLU B 239 -2.10 -10.76 2.58
N LYS B 240 -1.13 -11.39 1.92
CA LYS B 240 -1.44 -12.47 0.99
C LYS B 240 -1.92 -13.71 1.72
N ASN B 241 -1.54 -13.89 2.99
CA ASN B 241 -1.93 -15.05 3.78
C ASN B 241 -2.80 -14.67 4.97
N LYS B 242 -3.56 -13.58 4.84
CA LYS B 242 -4.55 -13.25 5.86
C LYS B 242 -5.53 -14.40 6.02
N LYS B 243 -5.96 -14.64 7.26
CA LYS B 243 -6.85 -15.76 7.58
C LYS B 243 -6.17 -17.11 7.37
N ALA B 244 -4.83 -17.16 7.58
CA ALA B 244 -4.09 -18.41 7.51
C ALA B 244 -4.06 -19.08 8.88
N PRO B 245 -4.04 -20.42 8.95
CA PRO B 245 -4.00 -21.08 10.26
C PRO B 245 -2.84 -20.65 11.14
N GLU B 246 -1.79 -20.05 10.56
CA GLU B 246 -0.63 -19.65 11.34
C GLU B 246 -0.85 -18.33 12.07
N TYR B 247 -1.80 -17.50 11.63
CA TYR B 247 -2.04 -16.20 12.24
C TYR B 247 -3.11 -16.24 13.32
N TYR B 248 -3.57 -17.43 13.72
CA TYR B 248 -4.63 -17.57 14.71
C TYR B 248 -4.00 -17.91 16.06
N LEU B 249 -3.81 -16.88 16.89
CA LEU B 249 -3.37 -17.12 18.26
C LEU B 249 -4.37 -18.02 19.00
N TYR B 250 -5.63 -17.99 18.60
CA TYR B 250 -6.65 -18.86 19.16
C TYR B 250 -7.62 -19.24 18.05
N GLN B 251 -8.21 -20.43 18.18
CA GLN B 251 -9.23 -20.90 17.26
C GLN B 251 -10.37 -21.49 18.09
N ARG B 252 -11.61 -21.12 17.76
CA ARG B 252 -12.75 -21.58 18.52
C ARG B 252 -12.79 -23.10 18.58
N ASN B 253 -12.98 -23.64 19.78
CA ASN B 253 -13.07 -25.07 20.02
C ASN B 253 -11.76 -25.79 19.73
N LYS B 254 -10.65 -25.05 19.61
CA LYS B 254 -9.34 -25.66 19.52
C LYS B 254 -8.69 -25.59 20.89
N PRO B 255 -8.47 -26.72 21.58
CA PRO B 255 -7.83 -26.65 22.90
C PRO B 255 -6.50 -25.93 22.84
N VAL B 256 -6.21 -25.18 23.92
CA VAL B 256 -4.98 -24.40 24.02
C VAL B 256 -4.44 -24.56 25.44
N ASP B 257 -3.16 -24.18 25.61
CA ASP B 257 -2.53 -24.27 26.92
C ASP B 257 -1.66 -23.06 27.23
N TYR B 258 -1.92 -21.92 26.61
CA TYR B 258 -1.06 -20.75 26.81
C TYR B 258 -1.88 -19.49 27.01
N PHE B 259 -1.24 -18.53 27.67
CA PHE B 259 -1.82 -17.22 27.97
C PHE B 259 -1.23 -16.20 27.02
N VAL B 260 -2.08 -15.31 26.49
CA VAL B 260 -1.66 -14.30 25.52
C VAL B 260 -2.05 -12.93 26.04
N LEU B 261 -1.10 -12.00 26.02
CA LEU B 261 -1.34 -10.60 26.33
C LEU B 261 -0.70 -9.76 25.22
N ILE B 262 -1.54 -9.11 24.42
CA ILE B 262 -1.04 -8.35 23.28
C ILE B 262 -0.40 -7.06 23.80
N LEU B 263 0.90 -6.90 23.53
CA LEU B 263 1.57 -5.64 23.87
C LEU B 263 1.44 -4.61 22.76
N GLN B 264 1.50 -5.05 21.51
CA GLN B 264 1.37 -4.15 20.37
C GLN B 264 0.75 -4.91 19.21
N GLY B 265 -0.16 -4.25 18.49
CA GLY B 265 -0.78 -4.83 17.32
C GLY B 265 -2.29 -4.80 17.41
N LYS B 266 -2.92 -5.29 16.35
CA LYS B 266 -4.37 -5.38 16.23
C LYS B 266 -4.76 -6.81 15.93
N VAL B 267 -5.70 -7.34 16.71
CA VAL B 267 -6.22 -8.68 16.50
C VAL B 267 -7.73 -8.60 16.27
N GLU B 268 -8.25 -9.57 15.53
CA GLU B 268 -9.68 -9.72 15.30
C GLU B 268 -10.18 -10.89 16.13
N VAL B 269 -11.12 -10.61 17.04
CA VAL B 269 -11.69 -11.60 17.92
C VAL B 269 -13.04 -12.02 17.34
N GLU B 270 -13.16 -13.30 17.03
CA GLU B 270 -14.40 -13.93 16.56
C GLU B 270 -14.89 -14.77 17.73
N ALA B 271 -15.83 -14.23 18.49
CA ALA B 271 -16.24 -14.81 19.77
C ALA B 271 -17.68 -15.28 19.72
N GLY B 272 -18.03 -16.12 20.68
CA GLY B 272 -19.37 -16.67 20.77
C GLY B 272 -19.62 -17.76 19.75
N LYS B 273 -20.67 -18.53 19.98
CA LYS B 273 -21.03 -19.60 19.05
C LYS B 273 -21.50 -19.05 17.71
N GLU B 274 -22.00 -17.81 17.68
CA GLU B 274 -22.45 -17.21 16.43
C GLU B 274 -21.31 -16.59 15.64
N GLY B 275 -20.18 -16.32 16.28
CA GLY B 275 -19.04 -15.76 15.59
C GLY B 275 -19.06 -14.25 15.45
N MET B 276 -19.45 -13.54 16.50
CA MET B 276 -19.45 -12.08 16.46
C MET B 276 -18.02 -11.56 16.43
N LYS B 277 -17.76 -10.60 15.54
CA LYS B 277 -16.42 -10.09 15.32
C LYS B 277 -16.24 -8.73 15.98
N PHE B 278 -15.07 -8.53 16.59
CA PHE B 278 -14.66 -7.22 17.07
C PHE B 278 -13.14 -7.15 17.00
N GLU B 279 -12.59 -5.99 17.36
CA GLU B 279 -11.17 -5.72 17.18
C GLU B 279 -10.55 -5.31 18.51
N ALA B 280 -9.38 -5.88 18.81
CA ALA B 280 -8.67 -5.60 20.05
C ALA B 280 -7.24 -5.16 19.74
N SER B 281 -6.67 -4.37 20.65
CA SER B 281 -5.34 -3.81 20.43
C SER B 281 -4.38 -4.21 21.56
N ALA B 282 -3.91 -3.23 22.33
CA ALA B 282 -2.87 -3.47 23.31
C ALA B 282 -3.44 -3.87 24.66
N PHE B 283 -2.70 -4.71 25.37
CA PHE B 283 -3.05 -5.16 26.71
C PHE B 283 -4.42 -5.81 26.76
N SER B 284 -4.83 -6.41 25.65
CA SER B 284 -5.98 -7.32 25.60
C SER B 284 -5.44 -8.74 25.72
N TYR B 285 -5.75 -9.40 26.84
CA TYR B 285 -5.19 -10.71 27.13
C TYR B 285 -6.26 -11.79 27.00
N TYR B 286 -5.81 -13.00 26.67
CA TYR B 286 -6.72 -14.07 26.29
C TYR B 286 -6.31 -15.37 26.97
N GLY B 287 -7.30 -16.08 27.51
CA GLY B 287 -7.09 -17.40 28.08
C GLY B 287 -6.20 -17.44 29.30
N VAL B 288 -6.59 -16.72 30.36
CA VAL B 288 -5.90 -16.88 31.63
C VAL B 288 -6.20 -18.23 32.26
N MET B 289 -7.30 -18.86 31.85
CA MET B 289 -7.73 -20.11 32.47
C MET B 289 -6.79 -21.26 32.10
N ALA B 290 -6.20 -21.23 30.91
CA ALA B 290 -5.23 -22.25 30.55
C ALA B 290 -4.14 -22.39 31.61
N LEU B 291 -3.80 -21.29 32.28
CA LEU B 291 -2.72 -21.33 33.27
C LEU B 291 -3.17 -22.04 34.54
N THR B 292 -4.29 -21.61 35.12
CA THR B 292 -4.81 -22.18 36.36
C THR B 292 -5.56 -23.47 36.05
N ALA B 293 -4.80 -24.48 35.64
CA ALA B 293 -5.35 -25.79 35.32
C ALA B 293 -6.42 -25.70 34.25
N VAL B 318 -8.71 -28.74 31.37
CA VAL B 318 -8.29 -28.26 30.06
C VAL B 318 -8.96 -26.92 29.77
N TYR B 319 -8.39 -26.18 28.81
CA TYR B 319 -8.96 -24.91 28.36
C TYR B 319 -9.31 -25.03 26.88
N ILE B 320 -10.55 -24.70 26.54
CA ILE B 320 -11.03 -24.79 25.17
C ILE B 320 -11.80 -23.51 24.85
N PRO B 321 -11.16 -22.52 24.22
CA PRO B 321 -11.83 -21.23 24.03
C PRO B 321 -12.92 -21.30 22.98
N ASP B 322 -14.01 -20.59 23.23
CA ASP B 322 -15.09 -20.46 22.25
C ASP B 322 -14.90 -19.24 21.36
N TYR B 323 -13.65 -18.94 21.00
CA TYR B 323 -13.35 -17.77 20.19
C TYR B 323 -12.09 -18.02 19.38
N SER B 324 -11.82 -17.10 18.45
CA SER B 324 -10.65 -17.16 17.59
C SER B 324 -10.02 -15.78 17.50
N VAL B 325 -8.73 -15.69 17.79
CA VAL B 325 -8.01 -14.43 17.74
C VAL B 325 -7.08 -14.48 16.53
N ARG B 326 -7.49 -13.83 15.45
CA ARG B 326 -6.67 -13.72 14.25
C ARG B 326 -5.85 -12.44 14.28
N ALA B 327 -4.76 -12.43 13.53
CA ALA B 327 -3.83 -11.30 13.51
C ALA B 327 -4.13 -10.41 12.31
N LEU B 328 -4.32 -9.11 12.57
CA LEU B 328 -4.52 -8.12 11.52
C LEU B 328 -3.29 -7.25 11.27
N SER B 329 -2.28 -7.36 12.12
CA SER B 329 -1.11 -6.49 12.04
C SER B 329 0.09 -7.26 12.58
N ASP B 330 1.27 -6.64 12.48
CA ASP B 330 2.46 -7.20 13.09
C ASP B 330 2.29 -7.18 14.59
N LEU B 331 2.12 -8.37 15.18
CA LEU B 331 1.86 -8.47 16.61
C LEU B 331 3.16 -8.59 17.39
N GLN B 332 3.19 -7.98 18.57
CA GLN B 332 4.23 -8.20 19.56
C GLN B 332 3.50 -8.51 20.86
N PHE B 333 3.54 -9.76 21.28
CA PHE B 333 2.71 -10.23 22.39
C PHE B 333 3.53 -11.06 23.35
N VAL B 334 2.87 -11.53 24.40
CA VAL B 334 3.47 -12.41 25.40
C VAL B 334 2.66 -13.69 25.42
N LYS B 335 3.33 -14.82 25.22
CA LYS B 335 2.68 -16.14 25.32
C LYS B 335 3.29 -16.89 26.49
N ILE B 336 2.43 -17.39 27.37
CA ILE B 336 2.85 -18.10 28.58
C ILE B 336 2.09 -19.42 28.62
N SER B 337 2.82 -20.52 28.56
CA SER B 337 2.20 -21.85 28.57
C SER B 337 1.87 -22.27 29.99
N ARG B 338 0.99 -23.26 30.10
CA ARG B 338 0.64 -23.80 31.41
C ARG B 338 1.88 -24.24 32.16
N GLN B 339 2.73 -25.05 31.52
CA GLN B 339 3.92 -25.55 32.18
C GLN B 339 4.82 -24.40 32.63
N GLN B 340 4.88 -23.33 31.84
CA GLN B 340 5.73 -22.21 32.21
C GLN B 340 5.21 -21.51 33.47
N TYR B 341 3.91 -21.27 33.53
CA TYR B 341 3.34 -20.63 34.71
C TYR B 341 3.48 -21.52 35.94
N GLN B 342 3.30 -22.83 35.77
CA GLN B 342 3.47 -23.74 36.89
C GLN B 342 4.92 -23.78 37.37
N ASN B 343 5.87 -23.77 36.43
CA ASN B 343 7.28 -23.73 36.80
C ASN B 343 7.61 -22.44 37.53
N ALA B 344 7.02 -21.33 37.10
CA ALA B 344 7.22 -20.07 37.81
C ALA B 344 6.66 -20.14 39.23
N LEU B 345 5.46 -20.71 39.38
CA LEU B 345 4.91 -20.93 40.72
C LEU B 345 5.85 -21.79 41.56
N MET B 346 6.46 -22.80 40.94
CA MET B 346 7.37 -23.67 41.67
C MET B 346 8.61 -22.90 42.14
N LEU B 347 9.21 -22.11 41.24
CA LEU B 347 10.37 -21.32 41.62
C LEU B 347 10.01 -20.35 42.74
N GLU B 348 8.79 -19.81 42.71
CA GLU B 348 8.34 -18.94 43.79
C GLU B 348 8.25 -19.71 45.10
N HIS B 349 7.53 -20.84 45.10
CA HIS B 349 7.30 -21.61 46.30
C HIS B 349 8.56 -22.27 46.84
N HIS B 350 9.63 -22.35 46.05
CA HIS B 350 10.84 -23.08 46.44
C HIS B 350 11.73 -22.31 47.40
N HIS B 351 11.26 -21.21 48.00
CA HIS B 351 12.01 -20.55 49.06
C HIS B 351 11.49 -20.89 50.44
N HIS B 352 10.30 -21.50 50.54
CA HIS B 352 9.77 -21.96 51.82
C HIS B 352 10.45 -23.22 52.31
N HIS B 353 11.08 -23.98 51.40
CA HIS B 353 11.77 -25.21 51.78
C HIS B 353 12.93 -25.48 50.84
N GLU C 4 29.04 -2.53 -42.40
CA GLU C 4 28.04 -3.56 -42.57
C GLU C 4 28.50 -4.66 -43.52
N LEU C 5 29.53 -4.36 -44.31
CA LEU C 5 30.05 -5.34 -45.26
C LEU C 5 30.83 -6.44 -44.56
N ASN C 6 31.54 -6.11 -43.49
CA ASN C 6 32.27 -7.14 -42.73
C ASN C 6 31.31 -8.19 -42.18
N ILE C 7 30.11 -7.77 -41.77
CA ILE C 7 29.12 -8.73 -41.29
C ILE C 7 28.76 -9.70 -42.41
N ILE C 8 28.57 -9.18 -43.62
CA ILE C 8 28.20 -10.03 -44.76
C ILE C 8 29.33 -11.01 -45.07
N GLN C 9 30.57 -10.52 -45.08
CA GLN C 9 31.70 -11.39 -45.36
C GLN C 9 31.83 -12.48 -44.31
N GLY C 10 31.66 -12.13 -43.03
CA GLY C 10 31.68 -13.14 -41.99
C GLY C 10 30.58 -14.16 -42.14
N ALA C 11 29.38 -13.70 -42.54
CA ALA C 11 28.28 -14.62 -42.80
C ALA C 11 28.62 -15.60 -43.91
N LEU C 12 29.21 -15.09 -45.00
CA LEU C 12 29.59 -15.94 -46.12
C LEU C 12 30.76 -16.87 -45.79
N GLU C 13 31.44 -16.65 -44.67
CA GLU C 13 32.60 -17.45 -44.29
C GLU C 13 32.30 -18.39 -43.13
N LEU C 14 31.06 -18.44 -42.65
CA LEU C 14 30.73 -19.26 -41.49
C LEU C 14 30.58 -20.75 -41.82
N ARG C 15 30.35 -21.08 -43.10
CA ARG C 15 30.15 -22.48 -43.47
C ARG C 15 31.43 -23.28 -43.50
N THR C 16 32.58 -22.63 -43.64
CA THR C 16 33.87 -23.33 -43.72
C THR C 16 34.60 -23.38 -42.39
N LYS C 17 34.41 -22.39 -41.52
CA LYS C 17 35.14 -22.34 -40.27
C LYS C 17 34.62 -23.38 -39.28
N THR C 18 35.54 -24.03 -38.58
CA THR C 18 35.22 -24.97 -37.52
C THR C 18 35.52 -24.34 -36.17
N VAL C 19 35.05 -25.00 -35.11
CA VAL C 19 35.27 -24.48 -33.76
C VAL C 19 36.76 -24.44 -33.44
N GLU C 20 37.51 -25.42 -33.93
CA GLU C 20 38.94 -25.48 -33.65
C GLU C 20 39.65 -24.23 -34.14
N ASP C 21 39.20 -23.66 -35.26
CA ASP C 21 39.84 -22.47 -35.81
C ASP C 21 39.69 -21.25 -34.90
N VAL C 22 38.76 -21.28 -33.95
CA VAL C 22 38.47 -20.11 -33.13
C VAL C 22 38.26 -20.50 -31.68
N MET C 23 38.25 -21.80 -31.39
CA MET C 23 38.12 -22.24 -30.01
C MET C 23 39.33 -21.81 -29.19
N THR C 24 39.15 -21.76 -27.87
CA THR C 24 40.23 -21.40 -26.97
C THR C 24 40.89 -22.66 -26.44
N PRO C 25 42.23 -22.76 -26.48
CA PRO C 25 42.88 -24.01 -26.09
C PRO C 25 42.78 -24.27 -24.59
N LEU C 26 42.90 -25.55 -24.24
CA LEU C 26 42.83 -25.95 -22.84
C LEU C 26 43.92 -25.28 -22.02
N ARG C 27 45.08 -25.01 -22.62
CA ARG C 27 46.18 -24.41 -21.89
C ARG C 27 45.87 -22.99 -21.45
N ASP C 28 44.96 -22.30 -22.12
CA ASP C 28 44.60 -20.92 -21.78
C ASP C 28 43.22 -20.81 -21.14
N CYS C 29 42.64 -21.92 -20.70
CA CYS C 29 41.34 -21.90 -20.05
C CYS C 29 41.51 -21.68 -18.55
N PHE C 30 40.62 -20.87 -17.98
CA PHE C 30 40.57 -20.66 -16.55
C PHE C 30 39.70 -21.76 -15.95
N MET C 31 40.31 -22.61 -15.11
CA MET C 31 39.65 -23.79 -14.58
C MET C 31 39.81 -23.83 -13.06
N ILE C 32 38.78 -24.30 -12.38
CA ILE C 32 38.79 -24.44 -10.93
C ILE C 32 38.65 -25.93 -10.59
N THR C 33 39.47 -26.39 -9.66
CA THR C 33 39.44 -27.79 -9.26
C THR C 33 38.07 -28.13 -8.65
N GLY C 34 37.63 -29.37 -8.91
CA GLY C 34 36.39 -29.83 -8.31
C GLY C 34 36.44 -29.86 -6.80
N GLU C 35 37.55 -30.34 -6.25
CA GLU C 35 37.75 -30.38 -4.80
C GLU C 35 38.36 -29.04 -4.36
N ALA C 36 37.50 -28.02 -4.31
CA ALA C 36 37.92 -26.68 -3.92
C ALA C 36 36.89 -26.09 -2.97
N ILE C 37 37.37 -25.58 -1.84
CA ILE C 37 36.51 -24.85 -0.91
C ILE C 37 36.27 -23.45 -1.48
N LEU C 38 35.09 -22.91 -1.21
CA LEU C 38 34.75 -21.55 -1.64
C LEU C 38 35.11 -20.56 -0.54
N ASP C 39 36.41 -20.43 -0.30
CA ASP C 39 36.89 -19.43 0.63
C ASP C 39 37.08 -18.10 -0.07
N PHE C 40 37.42 -17.07 0.70
CA PHE C 40 37.53 -15.72 0.15
C PHE C 40 38.57 -15.66 -0.96
N ASN C 41 39.68 -16.38 -0.80
CA ASN C 41 40.75 -16.33 -1.79
C ASN C 41 40.29 -16.88 -3.14
N THR C 42 39.68 -18.06 -3.13
CA THR C 42 39.26 -18.67 -4.39
C THR C 42 38.18 -17.84 -5.07
N MET C 43 37.26 -17.26 -4.30
CA MET C 43 36.22 -16.43 -4.88
C MET C 43 36.81 -15.15 -5.46
N SER C 44 37.78 -14.55 -4.76
CA SER C 44 38.45 -13.38 -5.29
C SER C 44 39.15 -13.70 -6.61
N GLU C 45 39.76 -14.89 -6.70
CA GLU C 45 40.38 -15.31 -7.95
C GLU C 45 39.33 -15.46 -9.05
N ILE C 46 38.22 -16.14 -8.73
CA ILE C 46 37.14 -16.31 -9.69
C ILE C 46 36.69 -14.97 -10.24
N MET C 47 36.53 -13.98 -9.36
CA MET C 47 36.00 -12.69 -9.80
C MET C 47 37.06 -11.83 -10.47
N GLU C 48 38.34 -12.05 -10.16
CA GLU C 48 39.40 -11.38 -10.91
C GLU C 48 39.53 -11.95 -12.32
N SER C 49 39.19 -13.23 -12.50
CA SER C 49 39.21 -13.81 -13.84
C SER C 49 38.12 -13.21 -14.72
N GLY C 50 37.05 -12.71 -14.12
CA GLY C 50 35.99 -12.06 -14.88
C GLY C 50 35.40 -12.91 -15.98
N TYR C 51 35.22 -14.20 -15.72
CA TYR C 51 34.62 -15.13 -16.69
C TYR C 51 33.34 -15.69 -16.08
N THR C 52 32.20 -15.34 -16.68
CA THR C 52 30.91 -15.79 -16.16
C THR C 52 30.89 -17.31 -15.96
N ARG C 53 31.43 -18.05 -16.91
CA ARG C 53 31.34 -19.50 -16.93
C ARG C 53 32.73 -20.10 -16.77
N ILE C 54 32.92 -20.87 -15.71
CA ILE C 54 34.20 -21.49 -15.39
C ILE C 54 34.00 -23.01 -15.39
N PRO C 55 34.77 -23.78 -16.17
CA PRO C 55 34.65 -25.24 -16.09
C PRO C 55 35.33 -25.80 -14.85
N VAL C 56 34.63 -26.71 -14.18
CA VAL C 56 35.11 -27.36 -12.97
C VAL C 56 35.58 -28.76 -13.35
N PHE C 57 36.85 -29.05 -13.09
CA PHE C 57 37.45 -30.34 -13.39
C PHE C 57 37.77 -31.05 -12.08
N GLU C 58 37.31 -32.30 -11.96
CA GLU C 58 37.52 -33.10 -10.76
C GLU C 58 38.65 -34.09 -11.01
N GLY C 59 39.67 -34.05 -10.15
CA GLY C 59 40.79 -34.96 -10.28
C GLY C 59 41.79 -34.53 -11.34
N GLU C 60 41.80 -35.25 -12.46
CA GLU C 60 42.75 -34.95 -13.53
C GLU C 60 42.41 -33.63 -14.20
N ARG C 61 43.45 -32.94 -14.68
CA ARG C 61 43.26 -31.66 -15.36
C ARG C 61 42.37 -31.82 -16.59
N SER C 62 42.44 -32.97 -17.26
CA SER C 62 41.64 -33.20 -18.46
C SER C 62 40.20 -33.60 -18.13
N ASN C 63 39.93 -34.06 -16.90
CA ASN C 63 38.60 -34.53 -16.52
C ASN C 63 37.72 -33.33 -16.21
N ILE C 64 37.13 -32.77 -17.27
CA ILE C 64 36.17 -31.68 -17.15
C ILE C 64 34.84 -32.30 -16.75
N VAL C 65 34.38 -32.02 -15.52
CA VAL C 65 33.27 -32.72 -14.93
C VAL C 65 32.01 -31.87 -14.88
N ASP C 66 32.13 -30.57 -14.61
CA ASP C 66 30.94 -29.75 -14.44
C ASP C 66 31.26 -28.31 -14.83
N LEU C 67 30.32 -27.40 -14.57
CA LEU C 67 30.43 -26.01 -14.94
C LEU C 67 29.92 -25.15 -13.79
N LEU C 68 30.43 -23.91 -13.71
CA LEU C 68 30.05 -22.99 -12.64
C LEU C 68 29.77 -21.62 -13.23
N PHE C 69 28.66 -21.02 -12.83
CA PHE C 69 28.31 -19.67 -13.20
C PHE C 69 28.47 -18.74 -11.99
N VAL C 70 29.04 -17.56 -12.22
CA VAL C 70 29.20 -16.60 -11.14
C VAL C 70 27.86 -16.25 -10.53
N LYS C 71 26.79 -16.32 -11.31
CA LYS C 71 25.45 -16.07 -10.78
C LYS C 71 25.12 -16.99 -9.62
N ASP C 72 25.76 -18.15 -9.53
CA ASP C 72 25.52 -19.08 -8.44
C ASP C 72 26.19 -18.66 -7.14
N LEU C 73 27.19 -17.78 -7.21
CA LEU C 73 27.92 -17.33 -6.03
C LEU C 73 27.24 -16.17 -5.31
N ALA C 74 26.01 -15.83 -5.69
CA ALA C 74 25.32 -14.71 -5.05
C ALA C 74 25.07 -15.01 -3.57
N PHE C 75 24.41 -16.13 -3.28
CA PHE C 75 24.07 -16.50 -1.92
C PHE C 75 25.23 -17.13 -1.16
N VAL C 76 26.43 -17.15 -1.72
CA VAL C 76 27.60 -17.70 -1.06
C VAL C 76 28.24 -16.61 -0.20
N ASP C 77 28.49 -16.92 1.06
CA ASP C 77 29.19 -16.01 1.97
C ASP C 77 30.59 -16.55 2.22
N PRO C 78 31.65 -15.86 1.77
CA PRO C 78 33.01 -16.37 2.02
C PRO C 78 33.27 -16.71 3.47
N ASP C 79 32.49 -16.11 4.38
CA ASP C 79 32.63 -16.44 5.80
C ASP C 79 32.22 -17.89 6.06
N ASP C 80 31.21 -18.39 5.36
CA ASP C 80 30.73 -19.74 5.58
C ASP C 80 31.69 -20.80 5.09
N CYS C 81 32.61 -20.45 4.18
CA CYS C 81 33.56 -21.40 3.62
C CYS C 81 32.85 -22.61 3.01
N THR C 82 31.84 -22.34 2.19
CA THR C 82 31.08 -23.40 1.56
C THR C 82 32.00 -24.23 0.67
N PRO C 83 31.76 -25.53 0.57
CA PRO C 83 32.50 -26.34 -0.41
C PRO C 83 31.88 -26.24 -1.80
N LEU C 84 32.74 -26.14 -2.81
CA LEU C 84 32.26 -26.01 -4.18
C LEU C 84 31.32 -27.14 -4.56
N LYS C 85 31.47 -28.31 -3.93
CA LYS C 85 30.60 -29.45 -4.23
C LYS C 85 29.14 -29.09 -4.00
N THR C 86 28.84 -28.37 -2.92
CA THR C 86 27.47 -28.02 -2.61
C THR C 86 26.87 -27.13 -3.70
N ILE C 87 27.63 -26.13 -4.15
CA ILE C 87 27.14 -25.23 -5.19
C ILE C 87 26.94 -25.98 -6.50
N THR C 88 27.91 -26.83 -6.87
CA THR C 88 27.79 -27.58 -8.12
C THR C 88 26.60 -28.54 -8.08
N LYS C 89 26.32 -29.11 -6.91
CA LYS C 89 25.20 -30.04 -6.80
C LYS C 89 23.87 -29.28 -6.82
N PHE C 90 23.81 -28.12 -6.17
CA PHE C 90 22.58 -27.33 -6.18
C PHE C 90 22.30 -26.76 -7.56
N TYR C 91 23.34 -26.48 -8.35
CA TYR C 91 23.14 -25.90 -9.67
C TYR C 91 22.84 -26.97 -10.71
N ASN C 92 23.65 -28.02 -10.74
CA ASN C 92 23.52 -29.09 -11.74
C ASN C 92 23.39 -28.51 -13.15
N HIS C 93 24.44 -27.82 -13.57
CA HIS C 93 24.46 -27.21 -14.88
C HIS C 93 24.77 -28.27 -15.94
N PRO C 94 24.00 -28.33 -17.02
CA PRO C 94 24.30 -29.32 -18.07
C PRO C 94 25.51 -28.92 -18.89
N LEU C 95 26.26 -29.93 -19.33
CA LEU C 95 27.45 -29.73 -20.14
C LEU C 95 27.11 -29.97 -21.61
N HIS C 96 27.41 -28.98 -22.44
CA HIS C 96 27.19 -29.08 -23.89
C HIS C 96 28.53 -29.38 -24.55
N PHE C 97 28.70 -30.62 -24.99
CA PHE C 97 29.93 -31.04 -25.63
C PHE C 97 29.82 -30.90 -27.14
N VAL C 98 30.98 -30.79 -27.79
CA VAL C 98 31.06 -30.55 -29.23
C VAL C 98 32.37 -31.11 -29.74
N PHE C 99 32.41 -31.41 -31.04
CA PHE C 99 33.59 -31.97 -31.69
C PHE C 99 34.29 -30.89 -32.51
N ASN C 100 35.61 -31.04 -32.64
CA ASN C 100 36.39 -30.04 -33.36
C ASN C 100 35.93 -29.92 -34.81
N ASP C 101 35.48 -31.01 -35.42
CA ASP C 101 35.00 -31.00 -36.80
C ASP C 101 33.50 -30.66 -36.84
N THR C 102 33.19 -29.45 -36.36
CA THR C 102 31.82 -28.95 -36.34
C THR C 102 31.77 -27.59 -37.01
N LYS C 103 30.71 -27.36 -37.79
CA LYS C 103 30.54 -26.09 -38.48
C LYS C 103 29.94 -25.06 -37.54
N LEU C 104 30.45 -23.83 -37.61
CA LEU C 104 29.95 -22.77 -36.75
C LEU C 104 28.44 -22.61 -36.85
N ASP C 105 27.87 -22.92 -38.02
CA ASP C 105 26.41 -22.88 -38.16
C ASP C 105 25.75 -23.81 -37.16
N ALA C 106 26.24 -25.04 -37.05
CA ALA C 106 25.69 -25.98 -36.09
C ALA C 106 25.88 -25.49 -34.66
N MET C 107 27.02 -24.88 -34.38
CA MET C 107 27.27 -24.36 -33.04
C MET C 107 26.25 -23.28 -32.67
N LEU C 108 25.98 -22.37 -33.60
CA LEU C 108 24.99 -21.32 -33.35
C LEU C 108 23.60 -21.92 -33.21
N GLU C 109 23.27 -22.91 -34.05
CA GLU C 109 21.98 -23.58 -33.93
C GLU C 109 21.82 -24.20 -32.55
N GLU C 110 22.90 -24.75 -32.00
CA GLU C 110 22.83 -25.37 -30.68
C GLU C 110 22.69 -24.32 -29.59
N PHE C 111 23.55 -23.29 -29.61
CA PHE C 111 23.50 -22.27 -28.57
C PHE C 111 22.18 -21.49 -28.60
N LYS C 112 21.54 -21.41 -29.76
CA LYS C 112 20.31 -20.62 -29.88
C LYS C 112 19.30 -21.00 -28.80
N LYS C 113 19.08 -22.30 -28.62
CA LYS C 113 18.20 -22.82 -27.58
C LYS C 113 18.94 -23.79 -26.67
N GLY C 114 20.24 -23.59 -26.51
CA GLY C 114 21.05 -24.50 -25.72
C GLY C 114 21.12 -24.11 -24.26
N LYS C 115 21.29 -25.12 -23.41
CA LYS C 115 21.36 -24.91 -21.97
C LYS C 115 22.69 -24.31 -21.51
N SER C 116 23.66 -24.17 -22.40
CA SER C 116 24.95 -23.61 -22.04
C SER C 116 25.55 -22.91 -23.26
N HIS C 117 26.21 -21.77 -23.01
CA HIS C 117 26.94 -21.05 -24.03
C HIS C 117 28.43 -21.37 -24.02
N LEU C 118 28.88 -22.24 -23.14
CA LEU C 118 30.26 -22.69 -23.09
C LEU C 118 30.29 -24.18 -23.39
N ALA C 119 31.01 -24.56 -24.45
CA ALA C 119 31.12 -25.94 -24.87
C ALA C 119 32.58 -26.30 -25.10
N ILE C 120 32.88 -27.59 -25.01
CA ILE C 120 34.24 -28.07 -25.19
C ILE C 120 34.41 -28.63 -26.60
N ILE C 139 38.07 -25.01 -24.96
CA ILE C 139 36.64 -24.73 -24.97
C ILE C 139 36.37 -23.53 -25.88
N VAL C 140 35.10 -23.36 -26.25
CA VAL C 140 34.67 -22.26 -27.11
C VAL C 140 33.29 -21.81 -26.66
N THR C 141 33.02 -20.51 -26.83
CA THR C 141 31.77 -19.90 -26.39
C THR C 141 31.12 -19.16 -27.54
N LEU C 142 29.84 -18.82 -27.34
CA LEU C 142 29.09 -18.10 -28.36
C LEU C 142 29.77 -16.80 -28.78
N GLU C 143 30.47 -16.16 -27.85
CA GLU C 143 31.12 -14.90 -28.15
C GLU C 143 32.11 -15.04 -29.30
N ASP C 144 32.85 -16.15 -29.34
CA ASP C 144 33.80 -16.37 -30.42
C ASP C 144 33.07 -16.48 -31.76
N VAL C 145 31.96 -17.23 -31.80
CA VAL C 145 31.21 -17.39 -33.03
C VAL C 145 30.70 -16.03 -33.53
N ILE C 146 30.14 -15.23 -32.64
CA ILE C 146 29.58 -13.96 -33.08
C ILE C 146 30.68 -12.95 -33.39
N GLU C 147 31.85 -13.06 -32.76
CA GLU C 147 32.97 -12.20 -33.11
C GLU C 147 33.53 -12.57 -34.48
N GLU C 148 33.43 -13.85 -34.87
CA GLU C 148 33.76 -14.23 -36.23
C GLU C 148 32.75 -13.66 -37.22
N ILE C 149 31.46 -13.87 -36.94
CA ILE C 149 30.42 -13.42 -37.87
C ILE C 149 30.51 -11.91 -38.06
N ILE C 150 30.49 -11.16 -36.95
CA ILE C 150 30.52 -9.70 -37.04
C ILE C 150 31.85 -9.19 -37.60
N LYS C 151 32.92 -9.98 -37.47
CA LYS C 151 34.26 -9.61 -37.94
C LYS C 151 34.88 -8.51 -37.11
N SER C 152 34.41 -8.31 -35.88
CA SER C 152 34.99 -7.34 -34.97
C SER C 152 34.83 -7.83 -33.55
N GLU C 153 35.74 -7.42 -32.67
CA GLU C 153 35.76 -7.89 -31.30
C GLU C 153 34.64 -7.23 -30.49
N ILE C 154 34.23 -7.92 -29.43
CA ILE C 154 33.24 -7.39 -28.49
C ILE C 154 33.74 -7.66 -27.08
N LEU C 155 33.37 -6.78 -26.15
CA LEU C 155 33.86 -6.86 -24.78
C LEU C 155 32.84 -6.26 -23.83
N ASP C 156 32.81 -6.80 -22.61
CA ASP C 156 32.14 -6.17 -21.48
C ASP C 156 33.17 -5.80 -20.44
N GLU C 157 32.85 -4.77 -19.65
CA GLU C 157 33.78 -4.32 -18.62
C GLU C 157 34.21 -5.47 -17.70
N THR C 158 33.33 -6.47 -17.52
CA THR C 158 33.66 -7.59 -16.65
C THR C 158 34.77 -8.48 -17.22
N ASP C 159 35.06 -8.37 -18.52
CA ASP C 159 36.08 -9.18 -19.15
C ASP C 159 37.41 -8.42 -19.21
N LEU C 160 38.51 -9.17 -19.17
CA LEU C 160 39.82 -8.57 -19.02
C LEU C 160 40.17 -7.68 -20.20
N TYR C 161 41.21 -6.87 -20.00
CA TYR C 161 41.72 -5.97 -21.03
C TYR C 161 40.62 -5.07 -21.58
N ALA C 181 41.44 -4.62 -7.13
CA ALA C 181 41.89 -5.99 -6.89
C ALA C 181 41.63 -6.37 -5.43
N PHE C 182 41.14 -7.60 -5.24
CA PHE C 182 40.84 -8.13 -3.91
C PHE C 182 42.13 -8.62 -3.26
N LYS C 183 42.84 -7.70 -2.61
CA LYS C 183 44.05 -8.03 -1.86
C LYS C 183 43.88 -7.63 -0.41
N GLN C 184 42.92 -8.24 0.28
CA GLN C 184 42.62 -7.91 1.66
C GLN C 184 42.76 -9.13 2.57
N THR C 185 43.96 -9.69 2.68
CA THR C 185 44.19 -10.90 3.46
C THR C 185 45.29 -10.68 4.49
N ASP C 186 45.00 -11.07 5.73
CA ASP C 186 45.95 -11.04 6.84
C ASP C 186 46.35 -12.47 7.18
N SER C 187 47.65 -12.69 7.42
CA SER C 187 48.12 -14.04 7.71
C SER C 187 48.14 -14.31 9.21
N GLU C 188 48.65 -13.37 10.00
CA GLU C 188 48.62 -13.43 11.47
C GLU C 188 48.04 -12.10 11.94
N MET C 189 46.71 -11.99 11.88
CA MET C 189 46.09 -10.72 12.21
C MET C 189 46.03 -10.49 13.71
N LYS C 190 46.11 -9.22 14.09
CA LYS C 190 46.12 -8.82 15.49
C LYS C 190 44.87 -9.31 16.22
N VAL C 191 43.70 -9.11 15.62
CA VAL C 191 42.43 -9.31 16.28
C VAL C 191 41.58 -10.39 15.60
N LYS C 192 42.20 -11.19 14.73
CA LYS C 192 41.50 -12.25 14.02
C LYS C 192 40.20 -11.73 13.39
N ILE C 193 40.39 -10.94 12.33
CA ILE C 193 39.29 -10.34 11.59
C ILE C 193 39.12 -11.10 10.28
N SER C 194 37.87 -11.45 9.96
CA SER C 194 37.61 -12.16 8.71
C SER C 194 37.83 -11.22 7.53
N PRO C 195 38.49 -11.69 6.46
CA PRO C 195 38.73 -10.80 5.31
C PRO C 195 37.47 -10.14 4.75
N GLN C 196 36.36 -10.87 4.63
CA GLN C 196 35.16 -10.26 4.09
C GLN C 196 34.63 -9.18 5.01
N LEU C 197 34.80 -9.32 6.32
CA LEU C 197 34.40 -8.24 7.22
C LEU C 197 35.19 -6.97 6.90
N LEU C 198 36.49 -7.11 6.67
CA LEU C 198 37.30 -5.96 6.28
C LEU C 198 36.81 -5.36 4.97
N LEU C 199 36.47 -6.20 3.99
CA LEU C 199 35.94 -5.69 2.73
C LEU C 199 34.63 -4.95 2.94
N ALA C 200 33.73 -5.53 3.74
CA ALA C 200 32.44 -4.90 3.98
C ALA C 200 32.59 -3.54 4.66
N MET C 201 33.44 -3.48 5.69
CA MET C 201 33.61 -2.21 6.39
C MET C 201 34.33 -1.19 5.53
N HIS C 202 35.29 -1.63 4.72
CA HIS C 202 35.95 -0.73 3.78
C HIS C 202 34.94 -0.14 2.80
N ARG C 203 34.08 -0.99 2.23
CA ARG C 203 33.04 -0.49 1.33
C ARG C 203 32.11 0.48 2.04
N PHE C 204 31.64 0.11 3.23
CA PHE C 204 30.70 0.95 3.96
C PHE C 204 31.31 2.32 4.24
N LEU C 205 32.57 2.34 4.66
CA LEU C 205 33.23 3.60 4.98
C LEU C 205 33.47 4.44 3.73
N ALA C 206 33.99 3.82 2.68
CA ALA C 206 34.25 4.56 1.45
C ALA C 206 32.97 5.07 0.80
N THR C 207 31.82 4.46 1.09
CA THR C 207 30.58 4.87 0.46
C THR C 207 29.77 5.85 1.31
N GLU C 208 29.30 5.42 2.47
CA GLU C 208 28.23 6.12 3.17
C GLU C 208 28.74 7.08 4.24
N VAL C 209 30.04 7.29 4.35
CA VAL C 209 30.60 8.33 5.20
C VAL C 209 31.66 9.06 4.37
N GLU C 210 31.48 10.37 4.18
CA GLU C 210 32.33 11.10 3.27
C GLU C 210 33.76 11.25 3.78
N ALA C 211 33.95 11.23 5.10
CA ALA C 211 35.29 11.37 5.65
C ALA C 211 36.26 10.38 5.02
N PHE C 212 35.79 9.15 4.74
CA PHE C 212 36.62 8.12 4.12
C PHE C 212 36.26 7.89 2.66
N SER C 213 35.52 8.82 2.05
CA SER C 213 35.13 8.67 0.65
C SER C 213 36.36 8.79 -0.25
N PRO C 214 36.29 8.25 -1.47
CA PRO C 214 37.44 8.39 -2.39
C PRO C 214 37.86 9.84 -2.59
N SER C 215 36.93 10.78 -2.60
CA SER C 215 37.29 12.18 -2.79
C SER C 215 38.23 12.66 -1.71
N GLN C 216 38.09 12.15 -0.48
CA GLN C 216 38.95 12.54 0.62
C GLN C 216 40.14 11.61 0.80
N MET C 217 40.03 10.35 0.36
CA MET C 217 41.04 9.36 0.66
C MET C 217 40.96 8.24 -0.37
N SER C 218 42.07 7.98 -1.07
CA SER C 218 42.07 6.89 -2.05
C SER C 218 41.81 5.57 -1.34
N GLU C 219 41.11 4.67 -2.04
CA GLU C 219 40.67 3.44 -1.41
C GLU C 219 41.86 2.64 -0.88
N LYS C 220 42.98 2.65 -1.60
CA LYS C 220 44.17 1.95 -1.11
C LYS C 220 44.59 2.51 0.24
N ILE C 221 44.59 3.84 0.38
CA ILE C 221 44.96 4.45 1.65
C ILE C 221 43.95 4.12 2.73
N LEU C 222 42.66 4.11 2.39
CA LEU C 222 41.65 3.73 3.38
C LEU C 222 41.87 2.32 3.88
N LEU C 223 42.18 1.39 2.96
CA LEU C 223 42.43 0.02 3.37
C LEU C 223 43.66 -0.07 4.26
N ARG C 224 44.74 0.60 3.87
CA ARG C 224 45.94 0.60 4.71
C ARG C 224 45.63 1.17 6.10
N LEU C 225 44.83 2.24 6.15
CA LEU C 225 44.49 2.84 7.44
C LEU C 225 43.69 1.88 8.29
N LEU C 226 42.76 1.17 7.67
CA LEU C 226 41.92 0.22 8.40
C LEU C 226 42.78 -0.93 8.94
N LYS C 227 43.76 -1.38 8.15
CA LYS C 227 44.68 -2.43 8.57
C LYS C 227 45.87 -1.87 9.34
N HIS C 228 45.88 -0.58 9.63
CA HIS C 228 46.96 0.00 10.42
C HIS C 228 46.94 -0.59 11.83
N PRO C 229 48.11 -0.78 12.45
CA PRO C 229 48.14 -1.45 13.76
C PRO C 229 47.33 -0.72 14.81
N ASN C 230 46.60 -1.50 15.61
CA ASN C 230 45.81 -1.04 16.75
C ASN C 230 44.63 -0.15 16.34
N VAL C 231 44.36 -0.03 15.05
CA VAL C 231 43.14 0.66 14.62
C VAL C 231 41.92 -0.22 14.89
N ILE C 232 41.94 -1.45 14.40
CA ILE C 232 40.91 -2.42 14.72
C ILE C 232 41.19 -2.96 16.12
N GLN C 233 40.17 -2.92 16.98
CA GLN C 233 40.34 -3.28 18.38
C GLN C 233 39.15 -4.10 18.85
N GLU C 234 39.38 -4.84 19.93
CA GLU C 234 38.36 -5.62 20.60
C GLU C 234 38.13 -5.07 22.00
N LEU C 235 37.11 -5.60 22.66
CA LEU C 235 36.80 -5.18 24.02
C LEU C 235 35.90 -6.24 24.64
N LYS C 236 36.29 -6.76 25.81
CA LYS C 236 35.54 -7.80 26.47
C LYS C 236 34.56 -7.20 27.47
N TYR C 237 33.43 -7.87 27.63
CA TYR C 237 32.35 -7.37 28.47
C TYR C 237 32.39 -8.03 29.83
N ASP C 238 32.19 -7.22 30.87
CA ASP C 238 32.22 -7.70 32.25
C ASP C 238 30.96 -7.16 32.90
N GLU C 239 29.93 -8.01 32.98
CA GLU C 239 28.66 -7.58 33.57
C GLU C 239 28.84 -7.21 35.03
N LYS C 240 29.78 -7.84 35.72
CA LYS C 240 30.04 -7.53 37.12
C LYS C 240 30.47 -6.07 37.29
N ASN C 241 31.57 -5.70 36.64
CA ASN C 241 32.12 -4.35 36.73
C ASN C 241 31.83 -3.52 35.49
N LYS C 242 30.61 -3.57 34.97
CA LYS C 242 30.25 -2.78 33.80
C LYS C 242 30.18 -1.31 34.23
N LYS C 243 29.67 -0.47 33.33
CA LYS C 243 29.58 0.98 33.57
C LYS C 243 30.90 1.57 34.07
N ALA C 244 32.01 0.87 33.81
CA ALA C 244 33.33 1.35 34.20
C ALA C 244 33.86 2.33 33.16
N PRO C 245 34.79 3.21 33.54
CA PRO C 245 35.36 4.13 32.54
C PRO C 245 36.11 3.42 31.43
N GLU C 246 36.36 2.12 31.56
CA GLU C 246 37.04 1.35 30.53
C GLU C 246 36.11 0.89 29.42
N TYR C 247 34.81 0.78 29.68
CA TYR C 247 33.83 0.30 28.71
C TYR C 247 33.07 1.42 28.02
N TYR C 248 33.51 2.67 28.18
CA TYR C 248 32.83 3.81 27.56
C TYR C 248 33.67 4.29 26.38
N LEU C 249 33.28 3.90 25.17
CA LEU C 249 33.92 4.41 23.97
C LEU C 249 33.72 5.91 23.83
N TYR C 250 32.63 6.43 24.39
CA TYR C 250 32.37 7.87 24.37
C TYR C 250 31.60 8.22 25.64
N GLN C 251 31.85 9.42 26.15
CA GLN C 251 31.16 9.93 27.33
C GLN C 251 30.63 11.32 27.03
N ARG C 252 29.38 11.58 27.42
CA ARG C 252 28.77 12.87 27.13
C ARG C 252 29.57 14.01 27.74
N ASN C 253 29.73 15.07 26.95
CA ASN C 253 30.44 16.28 27.39
C ASN C 253 31.86 15.98 27.86
N LYS C 254 32.49 14.98 27.26
CA LYS C 254 33.90 14.66 27.52
C LYS C 254 34.63 14.65 26.18
N PRO C 255 35.54 15.59 25.93
CA PRO C 255 36.16 15.67 24.62
C PRO C 255 36.86 14.38 24.23
N VAL C 256 36.88 14.12 22.93
CA VAL C 256 37.57 12.98 22.35
C VAL C 256 38.21 13.42 21.04
N ASP C 257 38.97 12.51 20.44
CA ASP C 257 39.66 12.80 19.19
C ASP C 257 39.62 11.64 18.20
N TYR C 258 38.82 10.61 18.45
CA TYR C 258 38.85 9.40 17.65
C TYR C 258 37.47 9.06 17.10
N PHE C 259 37.49 8.44 15.93
CA PHE C 259 36.29 7.96 15.25
C PHE C 259 36.16 6.47 15.46
N VAL C 260 34.93 6.02 15.75
CA VAL C 260 34.67 4.61 16.01
C VAL C 260 33.67 4.09 14.98
N LEU C 261 33.83 2.81 14.64
CA LEU C 261 32.92 2.10 13.75
C LEU C 261 32.74 0.70 14.30
N ILE C 262 31.53 0.38 14.75
CA ILE C 262 31.27 -0.95 15.30
C ILE C 262 31.25 -1.96 14.16
N LEU C 263 32.05 -3.02 14.30
CA LEU C 263 32.04 -4.13 13.36
C LEU C 263 31.21 -5.30 13.88
N GLN C 264 31.33 -5.61 15.16
CA GLN C 264 30.54 -6.66 15.79
C GLN C 264 30.28 -6.28 17.23
N GLY C 265 29.08 -6.54 17.70
CA GLY C 265 28.69 -6.29 19.07
C GLY C 265 27.51 -5.34 19.15
N LYS C 266 27.07 -5.10 20.39
CA LYS C 266 25.96 -4.20 20.66
C LYS C 266 26.38 -3.17 21.70
N VAL C 267 25.98 -1.92 21.46
CA VAL C 267 26.33 -0.80 22.32
C VAL C 267 25.06 -0.04 22.70
N GLU C 268 25.12 0.62 23.84
CA GLU C 268 24.03 1.45 24.35
C GLU C 268 24.42 2.92 24.20
N VAL C 269 23.64 3.65 23.42
CA VAL C 269 23.86 5.07 23.18
C VAL C 269 22.89 5.86 24.06
N GLU C 270 23.43 6.68 24.94
CA GLU C 270 22.67 7.62 25.76
C GLU C 270 22.93 9.01 25.20
N ALA C 271 21.96 9.55 24.46
CA ALA C 271 22.11 10.79 23.74
C ALA C 271 21.17 11.85 24.30
N GLY C 272 21.28 13.06 23.76
CA GLY C 272 20.46 14.18 24.20
C GLY C 272 20.81 14.62 25.60
N LYS C 273 20.33 15.80 26.00
CA LYS C 273 20.55 16.27 27.36
C LYS C 273 19.63 15.56 28.35
N GLU C 274 18.46 15.11 27.89
CA GLU C 274 17.55 14.35 28.73
C GLU C 274 17.98 12.89 28.90
N GLY C 275 18.91 12.41 28.06
CA GLY C 275 19.46 11.08 28.24
C GLY C 275 18.66 9.96 27.62
N MET C 276 18.12 10.16 26.43
CA MET C 276 17.40 9.09 25.74
C MET C 276 18.37 7.98 25.39
N LYS C 277 18.05 6.76 25.81
CA LYS C 277 18.90 5.59 25.58
C LYS C 277 18.31 4.71 24.50
N PHE C 278 19.16 4.30 23.56
CA PHE C 278 18.78 3.33 22.54
C PHE C 278 19.96 2.39 22.31
N GLU C 279 19.76 1.40 21.45
CA GLU C 279 20.74 0.36 21.19
C GLU C 279 21.21 0.43 19.75
N ALA C 280 22.46 0.04 19.53
CA ALA C 280 23.05 0.07 18.19
C ALA C 280 23.98 -1.11 18.01
N SER C 281 23.98 -1.68 16.79
CA SER C 281 24.76 -2.86 16.45
C SER C 281 25.90 -2.47 15.50
N ALA C 282 26.24 -3.37 14.58
CA ALA C 282 27.39 -3.19 13.71
C ALA C 282 27.13 -2.10 12.67
N PHE C 283 28.21 -1.61 12.07
CA PHE C 283 28.15 -0.58 11.03
C PHE C 283 27.41 0.66 11.51
N SER C 284 27.51 0.93 12.81
CA SER C 284 27.02 2.17 13.41
C SER C 284 28.24 2.97 13.85
N TYR C 285 28.49 4.08 13.16
CA TYR C 285 29.69 4.86 13.41
C TYR C 285 29.37 6.07 14.29
N TYR C 286 30.41 6.57 14.96
CA TYR C 286 30.25 7.66 15.91
C TYR C 286 31.42 8.63 15.82
N GLY C 287 31.11 9.92 15.90
CA GLY C 287 32.11 10.96 16.03
C GLY C 287 33.05 11.10 14.87
N VAL C 288 32.52 11.33 13.67
CA VAL C 288 33.37 11.61 12.51
C VAL C 288 33.99 13.00 12.65
N MET C 289 33.25 13.95 13.23
CA MET C 289 33.75 15.32 13.34
C MET C 289 35.04 15.41 14.13
N ALA C 290 35.33 14.42 14.98
CA ALA C 290 36.59 14.41 15.71
C ALA C 290 37.80 14.43 14.78
N LEU C 291 37.64 13.94 13.55
CA LEU C 291 38.77 13.81 12.63
C LEU C 291 39.20 15.16 12.07
N THR C 292 38.25 16.03 11.73
CA THR C 292 38.60 17.30 11.11
C THR C 292 39.41 18.16 12.06
N ALA C 293 40.53 18.68 11.57
CA ALA C 293 41.43 19.52 12.35
C ALA C 293 41.12 20.98 12.01
N SER C 294 40.10 21.52 12.65
CA SER C 294 39.72 22.91 12.46
C SER C 294 40.51 23.82 13.39
N PRO C 295 40.77 25.06 12.98
CA PRO C 295 41.51 25.98 13.87
C PRO C 295 40.74 26.26 15.14
N VAL C 296 41.47 26.64 16.18
CA VAL C 296 40.90 26.73 17.52
C VAL C 296 39.99 27.92 17.74
N ILE C 297 39.95 28.86 16.79
CA ILE C 297 39.27 30.13 17.02
C ILE C 297 37.90 29.85 17.61
N ASP C 298 37.64 30.40 18.80
CA ASP C 298 36.39 30.14 19.49
C ASP C 298 36.24 28.65 19.78
N ASN C 309 44.92 28.93 32.07
CA ASN C 309 44.55 28.41 30.76
C ASN C 309 45.00 26.97 30.58
N GLN C 310 44.93 26.19 31.66
CA GLN C 310 45.39 24.81 31.64
C GLN C 310 44.39 23.87 30.98
N LEU C 311 43.23 24.35 30.54
CA LEU C 311 42.24 23.48 29.94
C LEU C 311 42.51 23.28 28.45
N ASN C 312 42.78 24.36 27.72
CA ASN C 312 43.02 24.30 26.28
C ASN C 312 44.51 24.14 26.03
N SER C 313 44.93 22.91 25.74
CA SER C 313 46.33 22.61 25.44
C SER C 313 46.48 22.02 24.04
N SER C 314 45.56 22.39 23.13
CA SER C 314 45.57 21.87 21.77
C SER C 314 45.23 22.99 20.81
N LEU C 315 45.99 23.08 19.71
CA LEU C 315 45.68 24.05 18.64
C LEU C 315 44.64 23.52 17.67
N LEU C 316 43.63 22.81 18.16
CA LEU C 316 42.51 22.36 17.34
C LEU C 316 41.23 22.53 18.14
N GLN C 317 40.14 22.89 17.45
CA GLN C 317 38.83 22.96 18.10
C GLN C 317 38.40 21.54 18.44
N VAL C 318 38.42 21.21 19.73
CA VAL C 318 38.17 19.84 20.15
C VAL C 318 36.72 19.45 19.87
N TYR C 319 36.51 18.16 19.57
CA TYR C 319 35.18 17.62 19.36
C TYR C 319 34.63 17.12 20.69
N ILE C 320 33.47 17.63 21.08
CA ILE C 320 32.84 17.25 22.35
C ILE C 320 31.50 16.58 22.03
N PRO C 321 31.37 15.28 22.25
CA PRO C 321 30.11 14.59 21.92
C PRO C 321 29.07 14.76 23.02
N ASP C 322 27.85 15.12 22.62
CA ASP C 322 26.73 15.17 23.55
C ASP C 322 26.03 13.81 23.65
N TYR C 323 26.82 12.73 23.70
CA TYR C 323 26.28 11.38 23.78
C TYR C 323 27.32 10.47 24.41
N SER C 324 26.86 9.32 24.88
CA SER C 324 27.72 8.33 25.52
C SER C 324 27.45 6.96 24.91
N VAL C 325 28.51 6.21 24.65
CA VAL C 325 28.42 4.88 24.07
C VAL C 325 29.04 3.90 25.04
N ARG C 326 28.20 3.06 25.66
CA ARG C 326 28.67 2.04 26.59
C ARG C 326 28.57 0.67 25.92
N ALA C 327 29.44 -0.24 26.34
CA ALA C 327 29.48 -1.57 25.76
C ALA C 327 28.50 -2.48 26.48
N LEU C 328 27.69 -3.20 25.69
CA LEU C 328 26.76 -4.19 26.22
C LEU C 328 27.19 -5.63 25.97
N SER C 329 28.20 -5.85 25.13
CA SER C 329 28.64 -7.20 24.78
C SER C 329 30.09 -7.12 24.35
N ASP C 330 30.62 -8.26 23.92
CA ASP C 330 31.93 -8.28 23.29
C ASP C 330 31.91 -7.38 22.07
N LEU C 331 32.76 -6.35 22.09
CA LEU C 331 32.84 -5.40 20.99
C LEU C 331 34.05 -5.67 20.13
N GLN C 332 33.91 -5.41 18.84
CA GLN C 332 35.00 -5.50 17.86
C GLN C 332 34.75 -4.38 16.87
N PHE C 333 35.60 -3.35 16.91
CA PHE C 333 35.30 -2.10 16.21
C PHE C 333 36.59 -1.54 15.62
N VAL C 334 36.43 -0.44 14.89
CA VAL C 334 37.53 0.32 14.33
C VAL C 334 37.65 1.60 15.14
N LYS C 335 38.88 2.01 15.44
CA LYS C 335 39.12 3.26 16.14
C LYS C 335 40.21 4.00 15.40
N ILE C 336 39.84 5.11 14.77
CA ILE C 336 40.76 5.93 13.99
C ILE C 336 40.84 7.30 14.67
N SER C 337 42.06 7.72 14.99
CA SER C 337 42.27 8.99 15.65
C SER C 337 42.42 10.11 14.62
N ARG C 338 42.25 11.34 15.09
CA ARG C 338 42.50 12.49 14.25
C ARG C 338 43.91 12.45 13.68
N GLN C 339 44.88 12.06 14.49
CA GLN C 339 46.26 11.96 14.02
C GLN C 339 46.37 10.98 12.86
N GLN C 340 45.74 9.82 12.99
CA GLN C 340 45.83 8.80 11.94
C GLN C 340 45.12 9.25 10.67
N TYR C 341 43.94 9.86 10.80
CA TYR C 341 43.23 10.35 9.63
C TYR C 341 44.04 11.42 8.90
N GLN C 342 44.66 12.33 9.64
CA GLN C 342 45.49 13.36 9.02
C GLN C 342 46.73 12.74 8.39
N ASN C 343 47.30 11.71 9.02
CA ASN C 343 48.46 11.04 8.43
C ASN C 343 48.08 10.38 7.11
N ALA C 344 46.89 9.79 7.03
CA ALA C 344 46.43 9.22 5.77
C ALA C 344 46.22 10.30 4.71
N LEU C 345 45.62 11.42 5.10
CA LEU C 345 45.44 12.52 4.17
C LEU C 345 46.78 13.06 3.67
N MET C 346 47.82 12.99 4.51
CA MET C 346 49.16 13.39 4.08
C MET C 346 49.76 12.35 3.15
N LEU C 347 49.64 11.07 3.49
CA LEU C 347 50.04 10.02 2.57
C LEU C 347 49.49 10.27 1.18
N GLU C 348 48.21 10.66 1.09
CA GLU C 348 47.64 10.95 -0.22
C GLU C 348 48.29 12.14 -0.90
N HIS C 349 49.02 12.98 -0.17
CA HIS C 349 49.65 14.14 -0.79
C HIS C 349 50.68 13.73 -1.83
N HIS C 350 51.33 12.58 -1.64
CA HIS C 350 52.38 12.16 -2.57
C HIS C 350 51.79 11.61 -3.85
N HIS C 351 50.65 10.92 -3.76
CA HIS C 351 49.98 10.40 -4.95
C HIS C 351 49.28 11.49 -5.75
N HIS C 352 48.95 12.61 -5.11
CA HIS C 352 48.21 13.69 -5.76
C HIS C 352 46.95 13.16 -6.45
N GLU D 4 -26.77 18.66 -44.41
CA GLU D 4 -26.31 17.51 -43.64
C GLU D 4 -26.64 16.21 -44.36
N LEU D 5 -25.65 15.67 -45.07
CA LEU D 5 -25.83 14.46 -45.87
C LEU D 5 -25.37 13.19 -45.15
N ASN D 6 -24.43 13.31 -44.21
CA ASN D 6 -23.90 12.13 -43.55
C ASN D 6 -24.98 11.32 -42.86
N ILE D 7 -26.04 11.98 -42.39
CA ILE D 7 -27.09 11.29 -41.67
C ILE D 7 -27.81 10.30 -42.58
N ILE D 8 -27.94 10.63 -43.86
CA ILE D 8 -28.74 9.79 -44.76
C ILE D 8 -28.02 8.50 -45.10
N GLN D 9 -26.67 8.50 -45.07
CA GLN D 9 -25.88 7.30 -45.31
C GLN D 9 -25.45 6.60 -44.03
N GLY D 10 -25.58 7.27 -42.87
CA GLY D 10 -25.33 6.60 -41.61
C GLY D 10 -26.16 5.35 -41.43
N ALA D 11 -27.33 5.30 -42.06
CA ALA D 11 -28.15 4.09 -42.00
C ALA D 11 -27.49 2.96 -42.78
N LEU D 12 -27.14 3.19 -44.04
CA LEU D 12 -26.42 2.19 -44.81
C LEU D 12 -25.19 1.71 -44.07
N GLU D 13 -24.54 2.58 -43.30
CA GLU D 13 -23.38 2.13 -42.53
C GLU D 13 -23.79 1.31 -41.31
N LEU D 14 -24.87 1.68 -40.63
CA LEU D 14 -25.29 0.98 -39.42
C LEU D 14 -25.72 -0.45 -39.70
N ARG D 15 -26.08 -0.77 -40.94
CA ARG D 15 -26.50 -2.12 -41.28
C ARG D 15 -25.34 -3.10 -41.41
N THR D 16 -24.11 -2.59 -41.54
CA THR D 16 -22.93 -3.42 -41.74
C THR D 16 -21.85 -3.23 -40.68
N LYS D 17 -21.70 -2.02 -40.14
CA LYS D 17 -20.66 -1.75 -39.17
C LYS D 17 -20.78 -2.69 -37.97
N THR D 18 -19.76 -2.68 -37.13
CA THR D 18 -19.71 -3.47 -35.91
C THR D 18 -19.37 -2.57 -34.74
N VAL D 19 -19.60 -3.09 -33.53
CA VAL D 19 -19.37 -2.29 -32.32
C VAL D 19 -17.90 -1.91 -32.22
N GLU D 20 -17.00 -2.80 -32.65
CA GLU D 20 -15.57 -2.54 -32.51
C GLU D 20 -15.15 -1.27 -33.26
N ASP D 21 -15.85 -0.93 -34.34
CA ASP D 21 -15.50 0.26 -35.11
C ASP D 21 -15.69 1.54 -34.30
N VAL D 22 -16.53 1.51 -33.27
CA VAL D 22 -16.84 2.71 -32.49
C VAL D 22 -16.74 2.41 -30.99
N MET D 23 -16.29 1.19 -30.66
CA MET D 23 -16.24 0.76 -29.26
C MET D 23 -15.15 1.53 -28.51
N THR D 24 -15.38 1.71 -27.20
CA THR D 24 -14.35 2.23 -26.32
C THR D 24 -13.53 1.07 -25.75
N PRO D 25 -12.21 1.21 -25.63
CA PRO D 25 -11.37 0.05 -25.29
C PRO D 25 -11.37 -0.19 -23.79
N LEU D 26 -11.59 -1.44 -23.39
CA LEU D 26 -11.62 -1.80 -21.98
C LEU D 26 -10.40 -1.31 -21.22
N ARG D 27 -9.31 -0.99 -21.92
CA ARG D 27 -8.11 -0.52 -21.24
C ARG D 27 -8.25 0.91 -20.75
N ASP D 28 -8.99 1.74 -21.46
CA ASP D 28 -9.15 3.15 -21.11
C ASP D 28 -10.49 3.46 -20.43
N CYS D 29 -11.23 2.44 -20.03
CA CYS D 29 -12.48 2.65 -19.32
C CYS D 29 -12.20 2.99 -17.86
N PHE D 30 -12.82 4.06 -17.37
CA PHE D 30 -12.73 4.42 -15.95
C PHE D 30 -13.75 3.58 -15.19
N MET D 31 -13.26 2.67 -14.36
CA MET D 31 -14.10 1.77 -13.59
C MET D 31 -13.87 2.00 -12.10
N ILE D 32 -14.57 1.22 -11.29
CA ILE D 32 -14.48 1.28 -9.84
C ILE D 32 -14.38 -0.13 -9.30
N THR D 33 -13.53 -0.31 -8.29
CA THR D 33 -13.34 -1.64 -7.71
C THR D 33 -14.62 -2.11 -7.03
N GLY D 34 -14.84 -3.42 -7.03
CA GLY D 34 -16.06 -3.97 -6.47
C GLY D 34 -16.21 -3.67 -4.99
N GLU D 35 -15.11 -3.71 -4.25
CA GLU D 35 -15.15 -3.60 -2.79
C GLU D 35 -14.96 -2.17 -2.30
N ALA D 36 -15.11 -1.18 -3.17
CA ALA D 36 -14.85 0.20 -2.78
C ALA D 36 -15.90 0.69 -1.78
N ILE D 37 -15.53 1.75 -1.05
CA ILE D 37 -16.41 2.43 -0.12
C ILE D 37 -16.74 3.79 -0.69
N LEU D 38 -18.01 4.19 -0.59
CA LEU D 38 -18.46 5.48 -1.13
C LEU D 38 -18.27 6.59 -0.09
N ASP D 39 -17.02 6.72 0.37
CA ASP D 39 -16.64 7.81 1.25
C ASP D 39 -16.47 9.08 0.41
N PHE D 40 -16.00 10.16 1.05
CA PHE D 40 -15.84 11.42 0.31
C PHE D 40 -14.87 11.24 -0.84
N ASN D 41 -13.70 10.64 -0.58
CA ASN D 41 -12.68 10.53 -1.61
C ASN D 41 -13.19 9.76 -2.81
N THR D 42 -13.84 8.62 -2.59
CA THR D 42 -14.31 7.79 -3.69
C THR D 42 -15.41 8.50 -4.48
N MET D 43 -16.35 9.15 -3.78
CA MET D 43 -17.39 9.91 -4.47
C MET D 43 -16.78 11.03 -5.29
N SER D 44 -15.73 11.68 -4.77
CA SER D 44 -15.07 12.74 -5.52
C SER D 44 -14.42 12.19 -6.78
N GLU D 45 -13.77 11.01 -6.69
CA GLU D 45 -13.26 10.36 -7.89
C GLU D 45 -14.38 10.15 -8.90
N ILE D 46 -15.49 9.56 -8.43
CA ILE D 46 -16.59 9.21 -9.33
C ILE D 46 -17.12 10.44 -10.04
N MET D 47 -17.32 11.53 -9.29
CA MET D 47 -17.91 12.73 -9.86
C MET D 47 -16.92 13.58 -10.65
N GLU D 48 -15.62 13.43 -10.38
CA GLU D 48 -14.61 14.09 -11.21
C GLU D 48 -14.51 13.40 -12.57
N SER D 49 -14.56 12.06 -12.58
CA SER D 49 -14.58 11.34 -13.86
C SER D 49 -15.72 11.80 -14.74
N GLY D 50 -16.83 12.22 -14.15
CA GLY D 50 -17.97 12.71 -14.90
C GLY D 50 -18.56 11.69 -15.85
N TYR D 51 -18.95 10.53 -15.31
CA TYR D 51 -19.55 9.47 -16.09
C TYR D 51 -20.76 8.93 -15.34
N THR D 52 -21.91 8.89 -16.02
CA THR D 52 -23.15 8.44 -15.38
C THR D 52 -23.08 6.96 -15.03
N ARG D 53 -22.49 6.15 -15.90
CA ARG D 53 -22.44 4.71 -15.72
C ARG D 53 -21.00 4.27 -15.57
N ILE D 54 -20.74 3.43 -14.57
CA ILE D 54 -19.40 2.98 -14.26
C ILE D 54 -19.41 1.47 -14.02
N PRO D 55 -18.73 0.66 -14.85
CA PRO D 55 -18.66 -0.77 -14.56
C PRO D 55 -18.01 -1.04 -13.22
N VAL D 56 -18.35 -2.19 -12.64
CA VAL D 56 -17.88 -2.58 -11.32
C VAL D 56 -17.34 -4.00 -11.44
N PHE D 57 -16.03 -4.16 -11.22
CA PHE D 57 -15.32 -5.41 -11.38
C PHE D 57 -14.82 -5.91 -10.04
N GLU D 58 -14.83 -7.24 -9.89
CA GLU D 58 -14.30 -7.90 -8.70
C GLU D 58 -12.99 -8.58 -9.07
N GLY D 59 -11.90 -8.11 -8.46
CA GLY D 59 -10.59 -8.67 -8.73
C GLY D 59 -9.95 -8.06 -9.97
N GLU D 60 -9.98 -8.79 -11.08
CA GLU D 60 -9.38 -8.32 -12.32
C GLU D 60 -10.37 -7.46 -13.09
N ARG D 61 -9.82 -6.57 -13.92
CA ARG D 61 -10.65 -5.67 -14.72
C ARG D 61 -11.52 -6.44 -15.70
N SER D 62 -11.08 -7.64 -16.11
CA SER D 62 -11.84 -8.42 -17.08
C SER D 62 -13.12 -8.99 -16.49
N ASN D 63 -13.24 -9.05 -15.16
CA ASN D 63 -14.41 -9.62 -14.51
C ASN D 63 -15.34 -8.49 -14.10
N ILE D 64 -16.07 -7.96 -15.09
CA ILE D 64 -17.07 -6.94 -14.84
C ILE D 64 -18.35 -7.62 -14.39
N VAL D 65 -18.80 -7.30 -13.18
CA VAL D 65 -19.90 -8.03 -12.56
C VAL D 65 -21.11 -7.14 -12.32
N ASP D 66 -20.88 -5.83 -12.13
CA ASP D 66 -22.00 -4.93 -11.81
C ASP D 66 -21.82 -3.61 -12.55
N LEU D 67 -22.77 -2.70 -12.33
CA LEU D 67 -22.77 -1.41 -13.01
C LEU D 67 -23.38 -0.37 -12.09
N LEU D 68 -22.62 0.68 -11.79
CA LEU D 68 -23.05 1.74 -10.90
C LEU D 68 -23.57 2.93 -11.70
N PHE D 69 -24.77 3.40 -11.35
CA PHE D 69 -25.30 4.64 -11.90
C PHE D 69 -25.06 5.78 -10.91
N VAL D 70 -24.82 6.97 -11.46
CA VAL D 70 -24.67 8.13 -10.58
C VAL D 70 -26.00 8.50 -9.94
N LYS D 71 -27.11 8.21 -10.63
CA LYS D 71 -28.43 8.47 -10.05
C LYS D 71 -28.65 7.66 -8.78
N ASP D 72 -27.95 6.52 -8.65
CA ASP D 72 -28.04 5.70 -7.45
C ASP D 72 -27.29 6.31 -6.27
N LEU D 73 -26.71 7.49 -6.43
CA LEU D 73 -26.01 8.17 -5.34
C LEU D 73 -26.82 9.31 -4.73
N ALA D 74 -27.97 9.65 -5.31
CA ALA D 74 -28.75 10.79 -4.84
C ALA D 74 -28.94 10.73 -3.33
N PHE D 75 -29.39 9.58 -2.82
CA PHE D 75 -29.67 9.41 -1.40
C PHE D 75 -28.53 8.71 -0.67
N VAL D 76 -27.29 8.89 -1.13
CA VAL D 76 -26.11 8.39 -0.45
C VAL D 76 -25.43 9.55 0.23
N ASP D 77 -24.93 9.31 1.45
CA ASP D 77 -24.25 10.34 2.22
C ASP D 77 -22.76 10.02 2.26
N PRO D 78 -21.89 10.86 1.68
CA PRO D 78 -20.45 10.59 1.78
C PRO D 78 -19.97 10.49 3.21
N ASP D 79 -20.66 11.12 4.15
CA ASP D 79 -20.27 11.04 5.56
C ASP D 79 -20.46 9.62 6.10
N ASP D 80 -21.54 8.95 5.69
CA ASP D 80 -21.83 7.62 6.20
C ASP D 80 -20.78 6.59 5.80
N CYS D 81 -20.04 6.84 4.71
CA CYS D 81 -19.09 5.87 4.17
C CYS D 81 -19.80 4.56 3.84
N THR D 82 -20.82 4.68 2.99
CA THR D 82 -21.64 3.55 2.61
C THR D 82 -20.90 2.67 1.62
N PRO D 83 -20.76 1.36 1.87
CA PRO D 83 -20.11 0.49 0.89
C PRO D 83 -20.87 0.49 -0.42
N LEU D 84 -20.12 0.47 -1.53
CA LEU D 84 -20.73 0.34 -2.84
C LEU D 84 -21.40 -1.01 -3.03
N LYS D 85 -20.97 -2.02 -2.27
CA LYS D 85 -21.57 -3.35 -2.39
C LYS D 85 -23.07 -3.30 -2.10
N THR D 86 -23.47 -2.61 -1.04
CA THR D 86 -24.88 -2.54 -0.69
C THR D 86 -25.69 -1.93 -1.81
N ILE D 87 -25.20 -0.84 -2.40
CA ILE D 87 -25.95 -0.16 -3.46
C ILE D 87 -26.03 -1.04 -4.71
N THR D 88 -24.89 -1.57 -5.14
CA THR D 88 -24.87 -2.36 -6.36
C THR D 88 -25.69 -3.65 -6.21
N LYS D 89 -25.83 -4.17 -5.00
CA LYS D 89 -26.66 -5.34 -4.76
C LYS D 89 -28.12 -4.99 -4.54
N PHE D 90 -28.41 -3.77 -4.10
CA PHE D 90 -29.79 -3.35 -3.85
C PHE D 90 -30.48 -2.96 -5.15
N TYR D 91 -29.81 -2.16 -5.98
CA TYR D 91 -30.43 -1.75 -7.25
C TYR D 91 -30.26 -2.83 -8.31
N ASN D 92 -29.12 -3.51 -8.31
CA ASN D 92 -28.88 -4.66 -9.19
C ASN D 92 -29.33 -4.37 -10.61
N HIS D 93 -28.82 -3.28 -11.18
CA HIS D 93 -29.12 -2.97 -12.56
C HIS D 93 -28.64 -4.11 -13.46
N PRO D 94 -29.41 -4.50 -14.47
CA PRO D 94 -28.99 -5.60 -15.33
C PRO D 94 -27.88 -5.16 -16.28
N LEU D 95 -27.08 -6.13 -16.71
CA LEU D 95 -25.99 -5.91 -17.65
C LEU D 95 -26.37 -6.50 -19.01
N HIS D 96 -26.07 -5.75 -20.06
CA HIS D 96 -26.33 -6.18 -21.43
C HIS D 96 -25.00 -6.61 -22.06
N PHE D 97 -24.76 -7.91 -22.06
CA PHE D 97 -23.56 -8.47 -22.67
C PHE D 97 -23.79 -8.68 -24.17
N VAL D 98 -22.78 -8.32 -24.96
CA VAL D 98 -22.87 -8.37 -26.41
C VAL D 98 -21.56 -8.90 -26.97
N PHE D 99 -21.65 -9.48 -28.16
CA PHE D 99 -20.49 -9.97 -28.90
C PHE D 99 -20.05 -8.93 -29.93
N ASN D 100 -18.74 -8.91 -30.21
CA ASN D 100 -18.17 -7.90 -31.08
C ASN D 100 -18.81 -7.93 -32.47
N ASP D 101 -19.25 -9.11 -32.93
CA ASP D 101 -19.90 -9.23 -34.23
C ASP D 101 -21.40 -8.90 -34.11
N THR D 102 -21.66 -7.66 -33.70
CA THR D 102 -23.01 -7.16 -33.47
C THR D 102 -23.24 -5.96 -34.37
N LYS D 103 -24.08 -6.13 -35.40
CA LYS D 103 -24.43 -5.01 -36.27
C LYS D 103 -25.10 -3.91 -35.45
N LEU D 104 -24.76 -2.65 -35.77
CA LEU D 104 -25.29 -1.53 -35.02
C LEU D 104 -26.81 -1.44 -35.11
N ASP D 105 -27.43 -2.09 -36.10
CA ASP D 105 -28.89 -2.10 -36.19
C ASP D 105 -29.49 -2.77 -34.95
N ALA D 106 -29.11 -4.03 -34.72
CA ALA D 106 -29.60 -4.74 -33.53
C ALA D 106 -29.12 -4.06 -32.25
N MET D 107 -27.96 -3.40 -32.29
CA MET D 107 -27.48 -2.69 -31.12
C MET D 107 -28.42 -1.56 -30.74
N LEU D 108 -28.78 -0.72 -31.72
CA LEU D 108 -29.75 0.34 -31.46
C LEU D 108 -31.10 -0.23 -31.07
N GLU D 109 -31.48 -1.37 -31.67
CA GLU D 109 -32.73 -2.02 -31.28
C GLU D 109 -32.73 -2.39 -29.80
N GLU D 110 -31.61 -2.96 -29.32
CA GLU D 110 -31.51 -3.31 -27.90
C GLU D 110 -31.53 -2.07 -27.02
N PHE D 111 -30.75 -1.05 -27.40
CA PHE D 111 -30.68 0.15 -26.58
C PHE D 111 -32.04 0.82 -26.44
N LYS D 112 -32.75 0.99 -27.57
CA LYS D 112 -34.06 1.62 -27.53
C LYS D 112 -35.06 0.82 -26.69
N LYS D 113 -34.77 -0.46 -26.42
CA LYS D 113 -35.71 -1.29 -25.70
C LYS D 113 -35.81 -0.89 -24.23
N GLY D 114 -34.73 -0.36 -23.65
CA GLY D 114 -34.75 0.09 -22.27
C GLY D 114 -33.60 -0.43 -21.44
N LYS D 115 -33.03 -1.57 -21.85
CA LYS D 115 -31.87 -2.11 -21.15
C LYS D 115 -30.78 -1.05 -21.03
N SER D 116 -29.95 -1.19 -20.00
CA SER D 116 -28.88 -0.23 -19.73
C SER D 116 -28.17 0.18 -21.01
N HIS D 117 -28.14 1.48 -21.27
CA HIS D 117 -27.50 1.98 -22.49
C HIS D 117 -26.06 1.52 -22.58
N LEU D 118 -25.34 1.52 -21.46
CA LEU D 118 -23.97 1.02 -21.44
C LEU D 118 -24.00 -0.50 -21.48
N ALA D 119 -23.44 -1.07 -22.55
CA ALA D 119 -23.37 -2.52 -22.73
C ALA D 119 -21.91 -2.95 -22.80
N ILE D 120 -21.61 -4.08 -22.17
CA ILE D 120 -20.26 -4.61 -22.15
C ILE D 120 -20.12 -5.61 -23.29
N VAL D 121 -19.28 -5.28 -24.27
CA VAL D 121 -19.02 -6.14 -25.41
C VAL D 121 -17.88 -7.09 -25.04
N GLN D 122 -18.12 -8.39 -25.26
CA GLN D 122 -17.16 -9.43 -24.90
C GLN D 122 -16.74 -10.21 -26.14
N PHE D 133 -14.27 -19.47 -22.24
CA PHE D 133 -13.65 -18.36 -21.51
C PHE D 133 -13.90 -17.04 -22.25
N TYR D 134 -15.01 -16.39 -21.92
CA TYR D 134 -15.35 -15.11 -22.54
C TYR D 134 -14.24 -14.10 -22.28
N GLU D 135 -14.03 -13.22 -23.25
CA GLU D 135 -13.03 -12.16 -23.17
C GLU D 135 -13.73 -10.81 -23.24
N VAL D 136 -13.27 -9.88 -22.42
CA VAL D 136 -13.84 -8.53 -22.39
C VAL D 136 -13.31 -7.74 -23.57
N LEU D 137 -14.23 -7.18 -24.36
CA LEU D 137 -13.85 -6.33 -25.48
C LEU D 137 -13.86 -4.85 -25.10
N GLY D 138 -14.97 -4.39 -24.52
CA GLY D 138 -15.02 -3.00 -24.08
C GLY D 138 -16.43 -2.56 -23.75
N ILE D 139 -16.68 -1.26 -23.90
CA ILE D 139 -17.95 -0.64 -23.57
C ILE D 139 -18.57 -0.06 -24.82
N VAL D 140 -19.91 -0.07 -24.87
CA VAL D 140 -20.67 0.50 -25.97
C VAL D 140 -21.80 1.33 -25.39
N THR D 141 -21.92 2.57 -25.84
CA THR D 141 -22.95 3.48 -25.35
C THR D 141 -23.85 3.93 -26.51
N LEU D 142 -25.06 4.35 -26.16
CA LEU D 142 -25.99 4.84 -27.17
C LEU D 142 -25.42 6.06 -27.89
N GLU D 143 -24.82 6.99 -27.14
CA GLU D 143 -24.23 8.16 -27.77
C GLU D 143 -23.08 7.78 -28.70
N ASP D 144 -22.43 6.64 -28.47
CA ASP D 144 -21.41 6.18 -29.40
C ASP D 144 -22.01 5.81 -30.75
N VAL D 145 -23.06 4.99 -30.73
CA VAL D 145 -23.74 4.62 -31.98
C VAL D 145 -24.29 5.86 -32.66
N ILE D 146 -24.79 6.83 -31.89
CA ILE D 146 -25.38 8.02 -32.48
C ILE D 146 -24.30 8.91 -33.09
N GLU D 147 -23.16 9.05 -32.40
CA GLU D 147 -22.04 9.80 -32.96
C GLU D 147 -21.52 9.15 -34.22
N GLU D 148 -21.57 7.81 -34.30
CA GLU D 148 -21.17 7.13 -35.52
C GLU D 148 -22.16 7.37 -36.65
N ILE D 149 -23.47 7.31 -36.35
CA ILE D 149 -24.49 7.52 -37.37
C ILE D 149 -24.41 8.94 -37.91
N ILE D 150 -24.49 9.93 -37.02
CA ILE D 150 -24.49 11.33 -37.44
C ILE D 150 -23.10 11.84 -37.80
N LYS D 151 -22.05 11.09 -37.45
CA LYS D 151 -20.67 11.49 -37.76
C LYS D 151 -20.38 12.88 -37.22
N SER D 152 -20.70 13.08 -35.94
CA SER D 152 -20.50 14.37 -35.29
C SER D 152 -20.07 14.12 -33.85
N GLU D 153 -19.71 15.21 -33.17
CA GLU D 153 -19.21 15.16 -31.80
C GLU D 153 -20.32 15.57 -30.84
N ILE D 154 -20.52 14.78 -29.79
CA ILE D 154 -21.48 15.07 -28.73
C ILE D 154 -20.72 15.08 -27.42
N LEU D 155 -20.96 16.10 -26.59
CA LEU D 155 -20.17 16.24 -25.36
C LEU D 155 -20.93 17.07 -24.34
N ASP D 156 -21.28 16.43 -23.22
CA ASP D 156 -21.51 17.13 -21.96
C ASP D 156 -20.72 16.53 -20.80
N GLU D 157 -20.19 15.32 -20.94
CA GLU D 157 -19.23 14.79 -19.98
C GLU D 157 -17.84 15.29 -20.34
N THR D 158 -16.81 14.71 -19.73
CA THR D 158 -15.51 15.39 -19.66
C THR D 158 -14.80 15.41 -21.02
N ASP D 159 -14.66 14.27 -21.67
CA ASP D 159 -13.75 14.15 -22.81
C ASP D 159 -14.49 14.24 -24.13
N LEU D 160 -13.78 14.77 -25.14
CA LEU D 160 -14.36 15.08 -26.44
C LEU D 160 -14.23 13.96 -27.46
N TYR D 161 -13.46 12.91 -27.15
CA TYR D 161 -13.40 11.71 -27.97
C TYR D 161 -14.79 11.35 -28.46
N THR D 162 -14.92 11.17 -29.78
CA THR D 162 -16.21 10.91 -30.39
C THR D 162 -16.44 9.43 -30.71
N ASP D 163 -15.50 8.78 -31.40
CA ASP D 163 -15.71 7.39 -31.78
C ASP D 163 -14.54 6.47 -31.40
N ASN D 164 -13.29 6.87 -31.61
CA ASN D 164 -12.19 6.01 -31.24
C ASN D 164 -10.89 6.79 -31.13
N ARG D 165 -10.12 6.50 -30.07
CA ARG D 165 -8.77 6.98 -29.88
C ARG D 165 -8.60 8.46 -30.20
N THR D 166 -9.06 9.32 -29.29
CA THR D 166 -8.84 10.75 -29.43
C THR D 166 -8.91 11.46 -28.09
N LYS D 167 -7.83 11.42 -27.32
CA LYS D 167 -7.76 12.19 -26.09
C LYS D 167 -7.81 13.68 -26.41
N LYS D 168 -8.56 14.42 -25.60
CA LYS D 168 -8.76 15.84 -25.85
C LYS D 168 -9.13 16.53 -24.54
N LYS D 169 -9.07 17.86 -24.56
CA LYS D 169 -9.42 18.69 -23.41
C LYS D 169 -10.39 19.78 -23.86
N VAL D 170 -11.45 19.98 -23.08
CA VAL D 170 -12.49 20.95 -23.41
C VAL D 170 -12.79 21.78 -22.17
N ALA D 171 -12.79 23.10 -22.34
CA ALA D 171 -13.17 24.03 -21.28
C ALA D 171 -12.36 23.79 -20.00
N HIS D 172 -11.07 23.52 -20.16
CA HIS D 172 -10.13 23.45 -19.05
C HIS D 172 -10.58 22.49 -17.96
N ARG D 173 -11.09 21.32 -18.38
CA ARG D 173 -11.49 20.25 -17.47
C ARG D 173 -12.31 20.82 -16.30
N GLU D 174 -13.52 21.24 -16.64
CA GLU D 174 -14.34 21.97 -15.69
C GLU D 174 -14.95 21.06 -14.62
N ARG D 175 -15.20 19.78 -14.95
CA ARG D 175 -15.93 18.91 -14.04
C ARG D 175 -15.22 18.74 -12.70
N LYS D 176 -13.90 18.77 -12.70
CA LYS D 176 -13.11 18.62 -11.47
C LYS D 176 -13.11 19.97 -10.75
N GLN D 177 -14.03 20.15 -9.80
CA GLN D 177 -14.31 21.46 -9.23
C GLN D 177 -13.78 21.63 -7.81
N ASP D 178 -12.90 20.76 -7.34
CA ASP D 178 -12.36 20.83 -5.98
C ASP D 178 -13.50 20.94 -4.97
N PHE D 179 -14.20 19.82 -4.81
CA PHE D 179 -15.42 19.77 -4.01
C PHE D 179 -15.18 19.95 -2.51
N SER D 180 -13.94 20.09 -2.06
CA SER D 180 -13.63 20.00 -0.64
C SER D 180 -14.48 20.91 0.25
N ALA D 181 -15.21 21.86 -0.34
CA ALA D 181 -16.07 22.74 0.47
C ALA D 181 -17.22 21.96 1.10
N PHE D 182 -17.72 20.92 0.42
CA PHE D 182 -18.80 20.11 0.96
C PHE D 182 -18.38 19.30 2.18
N LYS D 183 -17.08 19.07 2.37
CA LYS D 183 -16.62 18.09 3.34
C LYS D 183 -17.12 18.40 4.74
N GLN D 184 -17.31 17.33 5.52
CA GLN D 184 -17.56 17.46 6.93
C GLN D 184 -16.30 17.91 7.66
N THR D 185 -16.48 18.34 8.91
CA THR D 185 -15.37 18.91 9.67
C THR D 185 -14.24 17.90 9.89
N ASP D 186 -14.52 16.60 9.77
CA ASP D 186 -13.52 15.56 10.04
C ASP D 186 -13.09 15.55 11.49
N SER D 187 -13.99 15.93 12.40
CA SER D 187 -13.70 16.00 13.82
C SER D 187 -14.08 14.66 14.46
N GLU D 188 -13.08 13.86 14.81
CA GLU D 188 -13.33 12.58 15.46
C GLU D 188 -14.10 12.79 16.76
N MET D 189 -15.22 12.08 16.89
CA MET D 189 -16.05 12.21 18.10
C MET D 189 -15.23 11.95 19.36
N LYS D 190 -14.25 11.05 19.29
CA LYS D 190 -13.40 10.75 20.43
C LYS D 190 -12.40 9.65 20.06
N VAL D 191 -11.61 9.22 21.04
CA VAL D 191 -10.64 8.14 20.86
C VAL D 191 -11.00 7.01 21.80
N LYS D 192 -11.14 5.81 21.26
CA LYS D 192 -11.53 4.65 22.04
C LYS D 192 -10.28 3.92 22.52
N ILE D 193 -10.06 3.93 23.84
CA ILE D 193 -9.00 3.15 24.46
C ILE D 193 -9.65 2.10 25.36
N SER D 194 -9.21 0.85 25.22
CA SER D 194 -9.72 -0.23 26.05
C SER D 194 -9.56 0.15 27.52
N PRO D 195 -10.38 -0.39 28.42
CA PRO D 195 -10.14 -0.15 29.85
C PRO D 195 -8.80 -0.70 30.31
N GLN D 196 -8.34 -1.79 29.70
CA GLN D 196 -7.09 -2.42 30.12
C GLN D 196 -5.89 -1.58 29.69
N LEU D 197 -5.93 -1.03 28.48
CA LEU D 197 -4.87 -0.12 28.06
C LEU D 197 -4.83 1.11 28.97
N LEU D 198 -6.02 1.62 29.33
CA LEU D 198 -6.08 2.74 30.27
C LEU D 198 -5.43 2.37 31.59
N LEU D 199 -5.74 1.19 32.12
CA LEU D 199 -5.17 0.79 33.41
C LEU D 199 -3.66 0.62 33.30
N ALA D 200 -3.17 0.04 32.21
CA ALA D 200 -1.74 -0.15 32.04
C ALA D 200 -1.02 1.19 31.98
N MET D 201 -1.52 2.12 31.16
CA MET D 201 -0.94 3.46 31.09
C MET D 201 -0.99 4.16 32.44
N HIS D 202 -2.15 4.09 33.10
CA HIS D 202 -2.34 4.67 34.42
C HIS D 202 -1.26 4.20 35.39
N ARG D 203 -1.09 2.88 35.50
CA ARG D 203 -0.10 2.33 36.42
C ARG D 203 1.32 2.72 36.02
N PHE D 204 1.62 2.65 34.72
CA PHE D 204 2.96 2.96 34.27
C PHE D 204 3.33 4.41 34.60
N LEU D 205 2.37 5.33 34.46
CA LEU D 205 2.65 6.72 34.81
C LEU D 205 2.72 6.91 36.31
N ALA D 206 1.88 6.19 37.06
CA ALA D 206 1.91 6.31 38.51
C ALA D 206 3.22 5.82 39.09
N THR D 207 3.87 4.85 38.45
CA THR D 207 5.08 4.23 39.01
C THR D 207 6.34 4.93 38.52
N GLU D 208 6.71 4.70 37.25
CA GLU D 208 8.00 5.20 36.76
C GLU D 208 8.07 6.72 36.84
N VAL D 209 7.17 7.41 36.14
CA VAL D 209 7.25 8.86 36.07
C VAL D 209 6.84 9.46 37.41
N GLU D 210 7.71 10.29 37.98
CA GLU D 210 7.44 10.88 39.29
C GLU D 210 6.40 11.99 39.20
N ALA D 211 6.38 12.73 38.09
CA ALA D 211 5.43 13.83 37.96
C ALA D 211 4.00 13.38 38.21
N PHE D 212 3.64 12.19 37.73
CA PHE D 212 2.31 11.64 37.90
C PHE D 212 2.24 10.66 39.07
N SER D 213 3.21 10.70 39.98
CA SER D 213 3.25 9.77 41.09
C SER D 213 2.19 10.13 42.12
N PRO D 214 1.78 9.16 42.96
CA PRO D 214 0.79 9.46 44.00
C PRO D 214 1.23 10.55 44.95
N SER D 215 2.54 10.81 45.08
CA SER D 215 3.00 11.85 45.98
C SER D 215 2.52 13.22 45.55
N GLN D 216 2.41 13.45 44.24
CA GLN D 216 2.00 14.75 43.72
C GLN D 216 0.59 14.77 43.14
N MET D 217 0.05 13.62 42.74
CA MET D 217 -1.31 13.55 42.22
C MET D 217 -1.96 12.27 42.72
N SER D 218 -3.05 12.41 43.47
CA SER D 218 -3.80 11.24 43.88
C SER D 218 -4.34 10.52 42.66
N GLU D 219 -4.58 9.21 42.82
CA GLU D 219 -5.01 8.38 41.70
C GLU D 219 -6.21 8.98 40.97
N LYS D 220 -7.17 9.53 41.72
CA LYS D 220 -8.38 10.07 41.10
C LYS D 220 -8.06 11.21 40.15
N ILE D 221 -7.19 12.13 40.58
CA ILE D 221 -6.91 13.30 39.75
C ILE D 221 -6.14 12.88 38.50
N LEU D 222 -5.26 11.90 38.62
CA LEU D 222 -4.56 11.40 37.43
C LEU D 222 -5.53 10.75 36.46
N LEU D 223 -6.48 9.96 36.98
CA LEU D 223 -7.47 9.33 36.11
C LEU D 223 -8.31 10.40 35.41
N ARG D 224 -8.66 11.47 36.13
CA ARG D 224 -9.43 12.54 35.49
C ARG D 224 -8.60 13.25 34.42
N LEU D 225 -7.31 13.50 34.69
CA LEU D 225 -6.46 14.15 33.72
C LEU D 225 -6.27 13.29 32.48
N LEU D 226 -6.21 11.98 32.64
CA LEU D 226 -6.04 11.09 31.50
C LEU D 226 -7.34 10.92 30.74
N LYS D 227 -8.48 10.93 31.43
CA LYS D 227 -9.79 10.94 30.78
C LYS D 227 -10.18 12.32 30.27
N HIS D 228 -9.40 13.35 30.58
CA HIS D 228 -9.71 14.70 30.15
C HIS D 228 -9.88 14.75 28.63
N PRO D 229 -10.67 15.68 28.10
CA PRO D 229 -10.86 15.75 26.65
C PRO D 229 -9.57 16.12 25.92
N ASN D 230 -9.26 15.34 24.89
CA ASN D 230 -8.21 15.60 23.90
C ASN D 230 -6.83 15.16 24.39
N VAL D 231 -6.66 14.76 25.64
CA VAL D 231 -5.34 14.32 26.10
C VAL D 231 -4.90 13.08 25.33
N ILE D 232 -5.81 12.11 25.19
CA ILE D 232 -5.54 10.92 24.37
C ILE D 232 -5.89 11.26 22.93
N GLN D 233 -4.94 11.01 22.03
CA GLN D 233 -5.09 11.41 20.64
C GLN D 233 -4.54 10.32 19.73
N GLU D 234 -4.96 10.39 18.47
CA GLU D 234 -4.45 9.52 17.43
C GLU D 234 -3.88 10.36 16.30
N LEU D 235 -3.17 9.71 15.39
CA LEU D 235 -2.53 10.40 14.28
C LEU D 235 -2.38 9.40 13.14
N LYS D 236 -3.09 9.65 12.04
CA LYS D 236 -3.07 8.78 10.89
C LYS D 236 -1.82 9.04 10.05
N TYR D 237 -1.24 7.98 9.50
CA TYR D 237 0.02 8.04 8.79
C TYR D 237 -0.23 8.08 7.29
N ASP D 238 0.25 9.13 6.65
CA ASP D 238 0.18 9.28 5.18
C ASP D 238 1.54 8.88 4.63
N GLU D 239 1.63 7.67 4.07
CA GLU D 239 2.90 7.16 3.59
C GLU D 239 3.55 8.08 2.56
N LYS D 240 2.74 8.83 1.80
CA LYS D 240 3.26 9.73 0.78
C LYS D 240 3.65 11.08 1.37
N ASN D 241 2.75 11.71 2.14
CA ASN D 241 3.01 13.01 2.74
C ASN D 241 3.82 12.80 4.03
N LYS D 242 5.08 12.43 3.83
CA LYS D 242 5.99 12.15 4.94
C LYS D 242 6.68 13.42 5.40
N LYS D 243 7.19 13.37 6.62
CA LYS D 243 7.96 14.48 7.21
C LYS D 243 7.17 15.79 7.19
N ALA D 244 5.85 15.69 7.24
CA ALA D 244 5.03 16.89 7.34
C ALA D 244 5.21 17.53 8.73
N PRO D 245 5.33 18.86 8.80
CA PRO D 245 5.47 19.50 10.12
C PRO D 245 4.31 19.22 11.07
N GLU D 246 3.21 18.65 10.59
CA GLU D 246 2.12 18.24 11.46
C GLU D 246 2.35 16.87 12.06
N TYR D 247 3.27 16.08 11.52
CA TYR D 247 3.56 14.74 12.02
C TYR D 247 4.77 14.70 12.94
N TYR D 248 5.37 15.85 13.26
CA TYR D 248 6.47 15.91 14.20
C TYR D 248 5.91 16.21 15.58
N LEU D 249 5.76 15.15 16.41
CA LEU D 249 5.34 15.35 17.79
C LEU D 249 6.24 16.34 18.50
N TYR D 250 7.54 16.29 18.21
CA TYR D 250 8.52 17.22 18.77
C TYR D 250 9.47 17.64 17.67
N GLN D 251 9.76 18.93 17.59
CA GLN D 251 10.73 19.49 16.67
C GLN D 251 11.98 19.90 17.44
N ARG D 252 13.13 19.74 16.78
CA ARG D 252 14.41 19.95 17.46
C ARG D 252 14.61 21.43 17.74
N ASN D 253 14.73 21.77 19.03
CA ASN D 253 14.98 23.15 19.46
C ASN D 253 13.82 24.07 19.07
N LYS D 254 12.60 23.56 19.21
CA LYS D 254 11.39 24.36 19.03
C LYS D 254 10.60 24.34 20.34
N PRO D 255 10.57 25.43 21.11
CA PRO D 255 9.95 25.37 22.44
C PRO D 255 8.58 24.70 22.42
N VAL D 256 8.35 23.81 23.38
CA VAL D 256 7.11 23.09 23.51
C VAL D 256 6.71 23.06 24.98
N ASP D 257 5.43 22.74 25.21
CA ASP D 257 4.88 22.78 26.56
C ASP D 257 3.97 21.59 26.85
N TYR D 258 4.17 20.47 26.15
CA TYR D 258 3.27 19.34 26.26
C TYR D 258 4.05 18.04 26.37
N PHE D 259 3.65 17.20 27.33
CA PHE D 259 4.27 15.91 27.59
C PHE D 259 3.56 14.83 26.79
N VAL D 260 4.34 13.94 26.19
CA VAL D 260 3.83 12.91 25.31
C VAL D 260 4.09 11.54 25.93
N LEU D 261 3.22 10.58 25.60
CA LEU D 261 3.43 9.19 25.99
C LEU D 261 2.84 8.32 24.88
N ILE D 262 3.70 7.65 24.11
CA ILE D 262 3.25 6.82 23.01
C ILE D 262 2.61 5.57 23.58
N LEU D 263 1.32 5.37 23.29
CA LEU D 263 0.63 4.16 23.72
C LEU D 263 0.72 3.06 22.67
N GLN D 264 0.60 3.42 21.39
CA GLN D 264 0.72 2.46 20.30
C GLN D 264 1.28 3.19 19.08
N GLY D 265 2.16 2.51 18.35
CA GLY D 265 2.76 3.04 17.15
C GLY D 265 4.27 3.05 17.23
N LYS D 266 4.87 3.51 16.14
CA LYS D 266 6.32 3.68 16.06
C LYS D 266 6.65 5.15 15.86
N VAL D 267 7.82 5.56 16.32
CA VAL D 267 8.31 6.91 16.13
C VAL D 267 9.82 6.86 15.88
N GLU D 268 10.27 7.79 15.05
CA GLU D 268 11.70 8.03 14.82
C GLU D 268 12.09 9.25 15.66
N VAL D 269 13.06 9.04 16.56
CA VAL D 269 13.59 10.09 17.41
C VAL D 269 14.98 10.43 16.91
N GLU D 270 15.16 11.68 16.48
CA GLU D 270 16.44 12.20 16.03
C GLU D 270 16.94 13.11 17.15
N ALA D 271 17.87 12.62 17.96
CA ALA D 271 18.33 13.32 19.15
C ALA D 271 19.81 13.66 19.01
N GLY D 272 20.26 14.55 19.90
CA GLY D 272 21.64 15.00 19.89
C GLY D 272 21.92 16.01 18.80
N LYS D 273 22.80 16.97 19.09
CA LYS D 273 23.18 17.94 18.07
C LYS D 273 23.70 17.25 16.82
N GLU D 274 24.44 16.15 17.00
CA GLU D 274 24.92 15.37 15.86
C GLU D 274 23.78 14.71 15.11
N GLY D 275 22.62 14.53 15.74
CA GLY D 275 21.44 14.07 15.06
C GLY D 275 21.34 12.57 14.85
N MET D 276 21.70 11.79 15.86
CA MET D 276 21.54 10.34 15.77
C MET D 276 20.06 9.99 15.82
N LYS D 277 19.62 9.11 14.92
CA LYS D 277 18.23 8.73 14.81
C LYS D 277 18.05 7.28 15.26
N PHE D 278 17.10 7.07 16.16
CA PHE D 278 16.74 5.73 16.64
C PHE D 278 15.22 5.59 16.59
N GLU D 279 14.75 4.36 16.77
CA GLU D 279 13.35 4.02 16.61
C GLU D 279 12.80 3.57 17.95
N ALA D 280 11.73 4.24 18.42
CA ALA D 280 11.11 3.91 19.70
C ALA D 280 9.63 3.63 19.47
N SER D 281 9.08 2.69 20.23
CA SER D 281 7.71 2.25 20.01
C SER D 281 6.80 2.65 21.16
N ALA D 282 6.37 1.69 21.97
CA ALA D 282 5.31 1.91 22.93
C ALA D 282 5.86 2.36 24.28
N PHE D 283 5.02 3.09 25.02
CA PHE D 283 5.34 3.56 26.36
C PHE D 283 6.68 4.29 26.43
N SER D 284 7.11 4.86 25.30
CA SER D 284 8.30 5.71 25.24
C SER D 284 7.81 7.15 25.29
N TYR D 285 7.91 7.78 26.45
CA TYR D 285 7.43 9.13 26.63
C TYR D 285 8.54 10.15 26.32
N TYR D 286 8.14 11.41 26.19
CA TYR D 286 9.06 12.46 25.79
C TYR D 286 8.68 13.78 26.47
N GLY D 287 9.69 14.60 26.74
CA GLY D 287 9.50 15.92 27.30
C GLY D 287 8.68 15.94 28.57
N VAL D 288 9.24 15.43 29.66
CA VAL D 288 8.54 15.47 30.94
C VAL D 288 8.75 16.80 31.65
N MET D 289 9.86 17.48 31.36
CA MET D 289 10.14 18.76 31.99
C MET D 289 9.26 19.88 31.46
N ALA D 290 8.58 19.67 30.34
CA ALA D 290 7.64 20.67 29.84
C ALA D 290 6.54 20.97 30.84
N LEU D 291 6.30 20.07 31.80
CA LEU D 291 5.23 20.27 32.77
C LEU D 291 5.62 21.22 33.89
N THR D 292 6.91 21.35 34.19
CA THR D 292 7.33 22.18 35.30
C THR D 292 6.96 23.63 35.03
N ALA D 293 6.44 24.31 36.06
CA ALA D 293 6.03 25.71 35.97
C ALA D 293 6.69 26.46 37.13
N SER D 294 7.97 26.78 36.97
CA SER D 294 8.70 27.56 37.95
C SER D 294 9.05 28.93 37.37
N PRO D 295 9.12 29.97 38.21
CA PRO D 295 9.42 31.31 37.69
C PRO D 295 10.73 31.34 36.92
N VAL D 296 10.84 32.30 36.01
CA VAL D 296 12.02 32.46 35.18
C VAL D 296 12.80 33.70 35.60
N LEU D 315 7.13 33.03 26.68
CA LEU D 315 8.55 33.05 26.98
C LEU D 315 8.78 33.11 28.49
N LEU D 316 8.55 31.99 29.17
CA LEU D 316 8.72 31.94 30.61
C LEU D 316 8.97 30.50 31.04
N GLN D 317 10.05 30.28 31.79
CA GLN D 317 10.42 28.94 32.26
C GLN D 317 10.32 27.93 31.14
N VAL D 318 10.92 28.28 29.99
CA VAL D 318 10.72 27.50 28.78
C VAL D 318 11.42 26.15 28.90
N TYR D 319 10.82 25.15 28.26
CA TYR D 319 11.45 23.85 28.03
C TYR D 319 11.69 23.70 26.54
N ILE D 320 12.93 23.38 26.16
CA ILE D 320 13.30 23.26 24.76
C ILE D 320 13.94 21.89 24.54
N PRO D 321 13.30 21.00 23.80
CA PRO D 321 13.83 19.63 23.67
C PRO D 321 14.98 19.54 22.68
N ASP D 322 15.84 18.56 22.92
CA ASP D 322 17.02 18.31 22.10
C ASP D 322 16.79 17.20 21.06
N TYR D 323 15.53 16.97 20.68
CA TYR D 323 15.20 15.84 19.83
C TYR D 323 14.00 16.18 18.95
N SER D 324 13.89 15.43 17.86
CA SER D 324 12.77 15.52 16.93
C SER D 324 12.08 14.16 16.88
N VAL D 325 10.82 14.13 17.25
CA VAL D 325 10.03 12.89 17.24
C VAL D 325 9.05 12.98 16.09
N ARG D 326 9.21 12.10 15.10
CA ARG D 326 8.28 12.01 13.98
C ARG D 326 7.65 10.64 13.95
N ALA D 327 6.52 10.53 13.25
CA ALA D 327 5.75 9.30 13.20
C ALA D 327 6.19 8.42 12.04
N LEU D 328 6.28 7.11 12.31
CA LEU D 328 6.52 6.12 11.28
C LEU D 328 5.31 5.25 10.98
N SER D 329 4.33 5.22 11.89
CA SER D 329 3.09 4.48 11.67
C SER D 329 1.97 5.23 12.38
N ASP D 330 0.75 4.74 12.23
CA ASP D 330 -0.39 5.30 12.95
C ASP D 330 -0.06 5.36 14.44
N LEU D 331 -0.35 6.50 15.05
CA LEU D 331 0.01 6.73 16.45
C LEU D 331 -1.24 6.86 17.31
N GLN D 332 -1.16 6.33 18.53
CA GLN D 332 -2.13 6.57 19.59
C GLN D 332 -1.32 6.88 20.84
N PHE D 333 -1.57 8.04 21.44
CA PHE D 333 -0.71 8.49 22.52
C PHE D 333 -1.48 9.42 23.46
N VAL D 334 -0.77 9.87 24.50
CA VAL D 334 -1.27 10.90 25.40
C VAL D 334 -0.52 12.18 25.08
N LYS D 335 -1.13 13.31 25.45
CA LYS D 335 -0.56 14.62 25.15
C LYS D 335 -1.12 15.59 26.19
N ILE D 336 -0.29 15.96 27.16
CA ILE D 336 -0.70 16.75 28.31
C ILE D 336 -0.02 18.10 28.25
N SER D 337 -0.81 19.17 28.27
CA SER D 337 -0.27 20.53 28.32
C SER D 337 0.15 20.86 29.75
N ARG D 338 1.09 21.80 29.86
CA ARG D 338 1.52 22.27 31.17
C ARG D 338 0.34 22.81 31.96
N GLN D 339 -0.56 23.53 31.29
CA GLN D 339 -1.79 24.01 31.90
C GLN D 339 -2.45 22.85 32.65
N GLN D 340 -2.97 21.88 31.91
CA GLN D 340 -3.72 20.78 32.52
C GLN D 340 -3.02 20.20 33.73
N TYR D 341 -1.70 19.99 33.64
CA TYR D 341 -0.96 19.38 34.74
C TYR D 341 -0.97 20.30 35.97
N GLN D 342 -0.73 21.59 35.77
CA GLN D 342 -0.74 22.51 36.90
C GLN D 342 -2.14 22.67 37.47
N ASN D 343 -3.17 22.58 36.63
CA ASN D 343 -4.55 22.57 37.14
C ASN D 343 -4.74 21.36 38.06
N ALA D 344 -4.35 20.18 37.59
CA ALA D 344 -4.47 18.97 38.39
C ALA D 344 -3.79 19.13 39.73
N LEU D 345 -2.58 19.72 39.74
CA LEU D 345 -1.91 19.96 41.01
C LEU D 345 -2.67 20.99 41.84
N MET D 346 -3.34 21.95 41.20
CA MET D 346 -4.11 22.95 41.93
C MET D 346 -5.31 22.33 42.63
N LEU D 347 -5.77 21.16 42.19
CA LEU D 347 -6.85 20.44 42.86
C LEU D 347 -6.31 19.80 44.14
N GLU D 348 -6.05 20.65 45.13
CA GLU D 348 -5.60 20.21 46.45
C GLU D 348 -6.77 20.39 47.42
N HIS D 349 -7.40 19.28 47.78
CA HIS D 349 -8.51 19.26 48.73
C HIS D 349 -8.21 18.22 49.80
N HIS D 350 -8.12 18.67 51.04
CA HIS D 350 -7.80 17.77 52.16
C HIS D 350 -9.06 17.08 52.67
PG ANP E . -30.50 11.83 -20.03
O1G ANP E . -29.37 12.42 -20.82
O2G ANP E . -30.01 11.43 -18.59
O3G ANP E . -31.04 10.54 -20.77
PB ANP E . -33.22 12.19 -19.73
O1B ANP E . -33.67 12.32 -18.31
O2B ANP E . -33.05 10.68 -20.06
N3B ANP E . -31.75 12.97 -19.92
PA ANP E . -34.03 12.69 -22.25
O1A ANP E . -33.02 13.67 -22.72
O2A ANP E . -33.69 11.22 -22.48
O3A ANP E . -34.26 12.83 -20.68
O5' ANP E . -35.41 13.06 -22.92
C5' ANP E . -36.40 12.05 -23.20
C4' ANP E . -37.76 12.70 -23.20
O4' ANP E . -37.97 13.36 -21.93
C3' ANP E . -37.98 13.77 -24.27
O3' ANP E . -39.29 13.70 -24.81
C2' ANP E . -37.72 15.06 -23.52
O2' ANP E . -38.42 16.16 -24.10
C1' ANP E . -38.27 14.72 -22.13
N9 ANP E . -37.69 15.50 -21.05
C8 ANP E . -36.35 15.75 -20.83
N7 ANP E . -36.12 16.50 -19.78
C5 ANP E . -37.38 16.75 -19.26
C6 ANP E . -37.81 17.48 -18.14
N6 ANP E . -36.99 18.11 -17.31
N1 ANP E . -39.15 17.54 -17.90
C2 ANP E . -39.98 16.90 -18.74
N3 ANP E . -39.68 16.18 -19.83
C4 ANP E . -38.36 16.15 -20.03
HNB1 ANP E . -31.59 13.51 -19.20
H5'1 ANP E . -36.36 11.36 -22.51
H5'2 ANP E . -36.23 11.66 -24.07
H4' ANP E . -38.47 12.04 -23.28
H3' ANP E . -37.31 13.65 -24.96
H2' ANP E . -36.78 15.25 -23.45
HO2' ANP E . -37.85 16.85 -24.21
H1' ANP E . -39.23 14.85 -22.15
H8 ANP E . -35.66 15.42 -21.40
HN61 ANP E . -37.23 18.93 -16.94
HN62 ANP E . -36.17 17.75 -17.09
H2 ANP E . -40.92 16.96 -18.53
MG MG F . -32.61 9.69 -21.73
MG MG G . -26.00 11.63 7.35
PG ANP H . 24.58 -12.08 -20.55
O1G ANP H . 25.39 -11.61 -21.72
O2G ANP H . 23.46 -13.09 -21.06
O3G ANP H . 25.51 -12.82 -19.50
PB ANP H . 22.18 -11.01 -19.72
O1B ANP H . 21.67 -10.66 -18.37
O2B ANP H . 21.88 -12.51 -20.02
N3B ANP H . 23.84 -10.76 -19.80
PA ANP H . 20.93 -10.84 -22.10
O1A ANP H . 21.01 -12.31 -21.97
O2A ANP H . 21.72 -10.27 -23.28
O3A ANP H . 21.49 -10.13 -20.79
O5' ANP H . 19.41 -10.43 -22.17
C5' ANP H . 18.76 -10.16 -23.42
C4' ANP H . 17.30 -9.94 -23.15
O4' ANP H . 17.04 -10.12 -21.75
C3' ANP H . 16.78 -8.55 -23.47
O3' ANP H . 16.39 -8.44 -24.83
C2' ANP H . 15.60 -8.40 -22.52
O2' ANP H . 14.39 -8.91 -23.09
C1' ANP H . 16.02 -9.24 -21.32
N9 ANP H . 16.54 -8.46 -20.20
C8 ANP H . 17.83 -8.40 -19.75
N7 ANP H . 18.02 -7.61 -18.73
C5 ANP H . 16.74 -7.09 -18.48
C6 ANP H . 16.26 -6.19 -17.53
N6 ANP H . 17.03 -5.60 -16.59
N1 ANP H . 14.95 -5.89 -17.56
C2 ANP H . 14.17 -6.47 -18.49
N3 ANP H . 14.52 -7.33 -19.44
C4 ANP H . 15.83 -7.61 -19.39
HNB1 ANP H . 24.01 -10.00 -20.28
H5'1 ANP H . 19.15 -9.36 -23.81
H5'2 ANP H . 18.89 -10.92 -24.02
H4' ANP H . 16.75 -10.60 -23.63
H3' ANP H . 17.45 -7.90 -23.25
HO3' ANP H . 15.74 -9.03 -25.00
H2' ANP H . 15.51 -7.48 -22.24
HO2' ANP H . 13.71 -8.41 -22.82
H1' ANP H . 15.25 -9.76 -21.04
H8 ANP H . 18.55 -8.91 -20.16
HN61 ANP H . 16.72 -5.52 -15.73
HN62 ANP H . 17.87 -5.29 -16.82
H2 ANP H . 13.24 -6.22 -18.47
MG MG I . 21.74 -14.06 -21.35
MG MG J . 25.06 -17.43 5.80
MG MG K . 28.65 -13.40 6.34
PG ANP L . 28.94 -13.32 -20.91
O1G ANP L . 28.47 -12.74 -19.61
O2G ANP L . 29.78 -12.22 -21.69
O3G ANP L . 27.72 -13.77 -21.79
PB ANP L . 31.52 -14.16 -20.42
O1B ANP L . 31.62 -12.67 -20.53
O2B ANP L . 32.08 -14.61 -19.04
N3B ANP L . 29.93 -14.65 -20.59
PA ANP L . 32.30 -14.25 -23.02
O1A ANP L . 31.56 -15.17 -23.91
O2A ANP L . 31.67 -12.85 -22.92
O3A ANP L . 32.38 -14.82 -21.55
O5' ANP L . 33.80 -14.17 -23.50
C5' ANP L . 34.19 -14.43 -24.85
C4' ANP L . 35.67 -14.68 -24.89
O4' ANP L . 36.11 -15.15 -23.59
C3' ANP L . 36.13 -15.73 -25.89
O3' ANP L . 37.38 -15.38 -26.48
C2' ANP L . 36.22 -17.00 -25.04
O2' ANP L . 37.16 -17.94 -25.57
C1' ANP L . 36.69 -16.43 -23.70
N9 ANP L . 36.28 -17.22 -22.55
C8 ANP L . 35.00 -17.46 -22.12
N7 ANP L . 34.93 -18.21 -21.05
C5 ANP L . 36.25 -18.50 -20.75
C6 ANP L . 36.86 -19.25 -19.72
N6 ANP L . 36.17 -19.88 -18.77
N1 ANP L . 38.21 -19.33 -19.72
C2 ANP L . 38.89 -18.69 -20.67
N3 ANP L . 38.44 -17.95 -21.68
C4 ANP L . 37.10 -17.89 -21.67
HNB1 ANP L . 29.66 -15.06 -19.81
H5'1 ANP L . 33.71 -15.22 -25.18
H5'2 ANP L . 33.97 -13.66 -25.41
H4' ANP L . 36.17 -13.85 -25.06
H3' ANP L . 35.46 -15.84 -26.57
HO3' ANP L . 37.29 -14.67 -26.98
H2' ANP L . 35.35 -17.39 -24.93
HO2' ANP L . 36.81 -18.34 -26.28
H1' ANP L . 37.65 -16.36 -23.73
H8 ANP L . 34.23 -17.11 -22.56
HN61 ANP L . 36.62 -20.37 -18.13
HN62 ANP L . 35.25 -19.85 -18.76
H2 ANP L . 39.86 -18.77 -20.62
MG MG M . 31.47 -11.15 -21.83
PG ANP N . -26.50 10.36 -20.82
O1G ANP N . -26.94 11.22 -19.68
O2G ANP N . -25.68 11.23 -21.85
O3G ANP N . -27.76 9.74 -21.56
PB ANP N . -23.98 9.75 -20.10
O1B ANP N . -23.60 9.97 -18.68
O2B ANP N . -24.01 11.13 -20.81
N3B ANP N . -25.51 9.11 -20.24
PA ANP N . -22.76 9.01 -22.38
O1A ANP N . -23.71 8.15 -23.11
O2A ANP N . -22.95 10.49 -22.68
O3A ANP N . -22.93 8.85 -20.81
O5' ANP N . -21.28 8.55 -22.69
C5' ANP N . -20.23 9.53 -22.86
C4' ANP N . -19.02 8.89 -23.48
O4' ANP N . -18.15 8.44 -22.44
C3' ANP N . -19.31 7.70 -24.41
O3' ANP N . -19.06 8.06 -25.75
C2' ANP N . -18.35 6.60 -23.94
O2' ANP N . -17.40 6.30 -24.96
C1' ANP N . -17.65 7.14 -22.70
N9 ANP N . -17.84 6.35 -21.50
C8 ANP N . -19.02 5.84 -21.02
N7 ANP N . -18.91 5.17 -19.90
C5 ANP N . -17.56 5.26 -19.60
C6 ANP N . -16.79 4.77 -18.52
N6 ANP N . -17.31 4.05 -17.52
N1 ANP N . -15.47 5.04 -18.53
C2 ANP N . -14.97 5.76 -19.54
N3 ANP N . -15.58 6.28 -20.59
C4 ANP N . -16.90 5.99 -20.57
HNB1 ANP N . -25.52 8.40 -20.80
H5'1 ANP N . -20.56 10.24 -23.42
H5'2 ANP N . -20.00 9.88 -21.98
H4' ANP N . -18.50 9.53 -24.01
H3' ANP N . -20.21 7.43 -24.25
H2' ANP N . -18.87 5.83 -23.64
HO2' ANP N . -17.33 6.99 -25.51
H1' ANP N . -16.71 7.21 -22.93
H8 ANP N . -19.86 5.95 -21.48
HN61 ANP N . -16.75 3.72 -16.86
HN62 ANP N . -18.22 3.87 -17.49
H2 ANP N . -14.01 5.92 -19.49
MG MG O . -24.00 12.20 -22.52
MG MG P . -22.68 16.21 5.51
#